data_8CMU
#
_entry.id   8CMU
#
_cell.length_a   1.00
_cell.length_b   1.00
_cell.length_c   1.00
_cell.angle_alpha   90.00
_cell.angle_beta   90.00
_cell.angle_gamma   90.00
#
_symmetry.space_group_name_H-M   'P 1'
#
loop_
_entity.id
_entity.type
_entity.pdbx_description
1 polymer 'Coagulation factor XIII A chain'
2 polymer 'Coagulation factor XIII B chain'
3 water water
#
loop_
_entity_poly.entity_id
_entity_poly.type
_entity_poly.pdbx_seq_one_letter_code
_entity_poly.pdbx_strand_id
1 'polypeptide(L)'
;MSETSRTAFGGRRAVPPNNSNAAEDDLPTVELQGVVPRGVNLQEFLNVTSVHLFKERWDTNKVDHHTDKYENNKLIVRRG
QSFYVQIDFSRPYDPRRDLFRVEYVIGRYPQENKGTYIPVPIVSELQSGKWGAKIVMREDRSVRLSIQSSPKCIVGKFRM
YVAVWTPYGVLRTSRNPETDTYILFNPWCEDDAVYLDNEKEREEYVLNDIGVIFYGEVNDIKTRSWSYGQFEDGILDTCL
YVMDRAQMDLSGRGNPIKVSRVGSAMVNAKDDEGVLVGSWDNIYAYGVPPSAWTGSVDILLEYRSSENPVRYGQCWVFAG
VFNTFLRCLGIPARIVTNYFSAHDNDANLQMDIFLEEDGNVNSKLTKDSVWNYHCWNEAWMTRPDLPVGFGGWQAVDSTP
QENSDGMYRCGPASVQAIKHGHVCFQFDAPFVFAEVNSDLIYITAKKDGTHVVENVDATHIGKLIVTKQIGGDGMMDITD
TYKFQEGQEEERLALETALMYGAKKPLNTEGVMKSRSNVDMDFEVENAVLGKDFKLSITFRNNSHNRYTITAYLSANITF
YTGVPKAEFKKETFDVTLEPLSFKKEAVLIQAGEYMGQLLEQASLHFFVTARINETRDVLAKQKSTVLTIPEIIIKVRGT
QVVGSDMTVTVEFTNPLKETLRNVWVHLDGPGVTRPMKKMFREIRPNSTVQWEEVCRPWVSGHRKLIASMSSDSLRHVYG
ELDVQIQRRPSM
;
A,B
2 'polypeptide(L)'
;MRLKNLTFIIILIISGELYAEEKPCGFPHVENGRIAQYYYTFKSFYFPMSIDKKLSFFCLAGYTTESGRQEEQTTCTTEG
WSPEPRCFKKCTKPDLSNGYISDVKLLYKIQENMRYGCASGYKTTGGKDEEVVQCLSDGWSSQPTCRKEHETCLAPELYN
GNYSTTQKTFKVKDKVQYECATGYYTAGGKKTEEVECLTYGWSLTPKCTKLKCSSLRLIENGYFHPVKQTYEEGDVVQFF
CHENYYLSGSDLIQCYNFGWYPESPVCEGRRNRCPPPPLPINSKIQTHSTTYRHGEIVHIECELNFEIHGSAEIRCEDGK
WTEPPKCIEGQEKVACEEPPFIENGAANLHSKIYYNGDKVTYACKSGYLLHGSNEITCNRGKWTLPPECVENNENCKHPP
VVMNGAVADGILASYATGSSVEYRCNEYYLLRGSKISRCEQGKWSSPPVCLEPCTVNVDYMNRNNIEMKWKYEGKVLHGD
LIDFVCKQGYDLSPLTPLSELSVQCNRGEVKYPLCTRKESKGMCTSPPLIKHGVIISSTVDTYENGSSVEYRCFDHHFLE
GSREAYCLDGMWTTPPLCLEPCTLSFTEMEKNNLLLKWDFDNRPHILHGEYIEFICRGDTYPAELYITGSILRMQCDRGQ
LKYPRCIPRQSTLSYQEPLRT
;
C,D
#
# COMPACT_ATOMS: atom_id res chain seq x y z
N PHE A 9 33.22 -3.75 7.24
CA PHE A 9 32.53 -2.69 6.52
C PHE A 9 31.15 -3.14 6.07
N GLY A 10 30.30 -2.15 5.75
CA GLY A 10 28.95 -2.41 5.29
C GLY A 10 28.37 -1.19 4.60
N GLY A 11 28.41 -1.19 3.27
CA GLY A 11 28.10 0.00 2.51
C GLY A 11 26.63 0.35 2.41
N ARG A 12 25.75 -0.46 3.01
CA ARG A 12 24.32 -0.20 2.87
C ARG A 12 23.88 0.95 3.77
N ARG A 13 24.48 1.09 4.95
CA ARG A 13 24.07 2.11 5.90
C ARG A 13 25.26 2.58 6.71
N ALA A 14 25.26 3.86 7.06
CA ALA A 14 26.30 4.39 7.93
C ALA A 14 26.07 3.96 9.39
N VAL A 15 24.82 3.70 9.76
CA VAL A 15 24.47 3.21 11.09
C VAL A 15 23.32 2.22 10.96
N PRO A 16 23.30 1.13 11.73
CA PRO A 16 22.24 0.13 11.60
C PRO A 16 20.88 0.71 11.92
N PRO A 17 19.80 0.12 11.41
CA PRO A 17 18.47 0.68 11.64
C PRO A 17 18.08 0.66 13.11
N ASN A 18 17.56 1.79 13.58
CA ASN A 18 17.10 1.95 14.97
C ASN A 18 15.65 1.48 15.06
N ASN A 19 15.48 0.15 15.06
CA ASN A 19 14.18 -0.48 14.90
C ASN A 19 13.80 -1.38 16.09
N SER A 20 14.43 -1.18 17.24
CA SER A 20 14.03 -1.88 18.45
C SER A 20 14.03 -0.91 19.63
N ASN A 21 12.92 -0.91 20.38
CA ASN A 21 12.83 -0.11 21.59
C ASN A 21 13.52 -0.81 22.77
N ALA A 22 13.51 -2.14 22.78
CA ALA A 22 14.18 -2.89 23.84
C ALA A 22 15.69 -2.71 23.81
N ALA A 23 16.25 -2.36 22.65
CA ALA A 23 17.69 -2.12 22.57
C ALA A 23 18.07 -0.80 23.24
N GLU A 24 19.28 -0.77 23.79
CA GLU A 24 19.80 0.39 24.48
C GLU A 24 21.24 0.63 24.04
N ASP A 25 21.76 1.81 24.36
CA ASP A 25 23.18 2.10 24.22
C ASP A 25 23.71 2.81 25.47
N ASP A 26 25.04 2.77 25.61
CA ASP A 26 25.74 3.30 26.78
C ASP A 26 26.17 4.74 26.51
N LEU A 27 25.30 5.69 26.89
CA LEU A 27 25.65 7.09 26.80
C LEU A 27 26.80 7.42 27.74
N PRO A 28 27.81 8.15 27.30
CA PRO A 28 28.94 8.49 28.18
C PRO A 28 28.48 9.25 29.40
N THR A 29 28.98 8.84 30.57
CA THR A 29 28.78 9.63 31.79
C THR A 29 29.56 10.94 31.76
N VAL A 30 30.64 11.02 30.99
CA VAL A 30 31.29 12.30 30.70
C VAL A 30 31.74 12.29 29.25
N GLU A 31 31.40 13.35 28.52
CA GLU A 31 31.94 13.63 27.19
C GLU A 31 32.94 14.78 27.31
N LEU A 32 34.21 14.44 27.53
CA LEU A 32 35.27 15.42 27.42
C LEU A 32 35.42 15.91 25.98
N GLN A 33 35.70 17.20 25.82
CA GLN A 33 35.83 17.80 24.50
C GLN A 33 37.07 18.68 24.43
N GLY A 34 37.80 18.56 23.33
CA GLY A 34 39.05 19.26 23.08
C GLY A 34 40.16 18.91 24.05
N VAL A 35 41.09 19.86 24.19
CA VAL A 35 42.10 19.82 25.24
C VAL A 35 41.45 20.19 26.56
N VAL A 36 41.58 19.33 27.55
CA VAL A 36 41.11 19.59 28.91
C VAL A 36 42.34 19.83 29.79
N PRO A 37 42.44 20.99 30.45
CA PRO A 37 43.60 21.25 31.30
C PRO A 37 43.73 20.23 32.42
N ARG A 38 44.96 20.08 32.90
CA ARG A 38 45.23 19.24 34.06
C ARG A 38 44.70 19.89 35.33
N GLY A 39 44.02 19.10 36.16
CA GLY A 39 43.47 19.60 37.40
C GLY A 39 42.23 20.48 37.28
N VAL A 40 41.46 20.32 36.20
CA VAL A 40 40.16 21.00 36.12
C VAL A 40 39.27 20.52 37.24
N ASN A 41 38.71 21.48 38.00
CA ASN A 41 37.71 21.18 39.03
C ASN A 41 36.33 21.14 38.36
N LEU A 42 36.02 19.97 37.79
CA LEU A 42 34.70 19.74 37.20
C LEU A 42 33.56 19.91 38.21
N GLN A 43 33.84 19.73 39.51
CA GLN A 43 32.87 19.90 40.57
C GLN A 43 32.61 21.36 40.95
N GLU A 44 33.19 22.31 40.22
CA GLU A 44 32.60 23.64 40.14
C GLU A 44 31.25 23.62 39.44
N PHE A 45 31.10 22.74 38.45
CA PHE A 45 29.87 22.62 37.69
C PHE A 45 28.90 21.66 38.37
N LEU A 46 27.62 21.82 38.05
CA LEU A 46 26.56 21.07 38.73
C LEU A 46 26.69 19.57 38.51
N ASN A 47 26.56 18.82 39.60
CA ASN A 47 26.30 17.39 39.55
C ASN A 47 24.85 17.15 39.95
N VAL A 48 24.14 16.35 39.16
CA VAL A 48 22.78 15.96 39.51
C VAL A 48 22.81 14.82 40.53
N THR A 49 22.14 15.04 41.67
CA THR A 49 22.10 14.07 42.77
C THR A 49 20.85 13.21 42.74
N SER A 50 19.69 13.78 42.41
CA SER A 50 18.46 13.00 42.30
C SER A 50 17.51 13.67 41.32
N VAL A 51 16.65 12.85 40.72
CA VAL A 51 15.58 13.29 39.84
C VAL A 51 14.28 12.68 40.32
N HIS A 52 13.22 13.50 40.39
CA HIS A 52 11.90 13.06 40.81
C HIS A 52 10.91 13.28 39.68
N LEU A 53 10.11 12.27 39.38
CA LEU A 53 9.17 12.34 38.27
C LEU A 53 7.72 12.54 38.71
N PHE A 54 7.47 12.65 40.02
CA PHE A 54 6.11 12.78 40.55
C PHE A 54 5.16 11.74 39.94
N LYS A 55 5.67 10.53 39.79
CA LYS A 55 5.09 9.48 38.93
C LYS A 55 3.95 8.71 39.58
N GLU A 56 3.60 8.99 40.84
CA GLU A 56 2.62 8.16 41.53
C GLU A 56 1.22 8.30 40.92
N ARG A 57 0.48 7.20 40.95
CA ARG A 57 -0.75 7.07 40.16
C ARG A 57 -1.85 8.01 40.63
N TRP A 58 -1.83 8.40 41.90
CA TRP A 58 -2.75 9.41 42.43
C TRP A 58 -2.30 10.84 42.16
N ASP A 59 -1.11 11.04 41.59
CA ASP A 59 -0.49 12.35 41.51
C ASP A 59 -0.76 13.02 40.16
N THR A 60 -0.51 14.33 40.15
CA THR A 60 -0.96 15.25 39.11
C THR A 60 -0.59 14.78 37.69
N ASN A 61 0.64 14.31 37.49
CA ASN A 61 1.07 13.89 36.16
C ASN A 61 0.19 12.78 35.59
N LYS A 62 0.10 11.64 36.28
CA LYS A 62 -0.66 10.53 35.71
C LYS A 62 -2.15 10.80 35.65
N VAL A 63 -2.70 11.55 36.62
CA VAL A 63 -4.12 11.88 36.57
C VAL A 63 -4.43 12.80 35.40
N ASP A 64 -3.68 13.90 35.25
CA ASP A 64 -3.95 14.84 34.19
C ASP A 64 -3.57 14.31 32.80
N HIS A 65 -2.70 13.31 32.73
CA HIS A 65 -2.37 12.65 31.47
C HIS A 65 -3.28 11.47 31.16
N HIS A 66 -4.19 11.12 32.06
CA HIS A 66 -5.06 9.95 31.91
C HIS A 66 -4.28 8.67 31.71
N THR A 67 -3.28 8.45 32.56
CA THR A 67 -2.44 7.27 32.51
C THR A 67 -2.34 6.58 33.87
N ASP A 68 -3.13 7.01 34.85
CA ASP A 68 -3.17 6.36 36.16
C ASP A 68 -3.76 4.97 36.13
N LYS A 69 -4.52 4.62 35.09
CA LYS A 69 -5.13 3.29 35.03
C LYS A 69 -4.09 2.20 34.78
N TYR A 70 -2.96 2.54 34.15
CA TYR A 70 -1.96 1.54 33.82
C TYR A 70 -1.36 0.92 35.08
N GLU A 71 -1.25 -0.41 35.09
CA GLU A 71 -0.63 -1.17 36.17
C GLU A 71 0.89 -1.16 36.03
N ASN A 72 1.45 0.04 36.03
CA ASN A 72 2.86 0.24 35.73
C ASN A 72 3.40 1.30 36.68
N ASN A 73 4.58 1.03 37.26
CA ASN A 73 5.15 1.89 38.28
C ASN A 73 6.18 2.87 37.73
N LYS A 74 6.27 3.03 36.42
CA LYS A 74 7.08 4.08 35.83
C LYS A 74 6.19 5.24 35.39
N LEU A 75 6.82 6.36 35.06
CA LEU A 75 6.08 7.51 34.56
C LEU A 75 5.54 7.21 33.17
N ILE A 76 4.24 7.42 33.00
CA ILE A 76 3.58 7.31 31.71
C ILE A 76 2.86 8.61 31.42
N VAL A 77 3.21 9.25 30.30
CA VAL A 77 2.67 10.54 29.92
C VAL A 77 2.27 10.47 28.45
N ARG A 78 1.40 11.40 28.05
CA ARG A 78 0.92 11.47 26.69
C ARG A 78 1.56 12.66 25.99
N ARG A 79 1.99 12.44 24.76
CA ARG A 79 2.74 13.45 24.00
C ARG A 79 1.91 14.72 23.82
N GLY A 80 2.61 15.82 23.55
CA GLY A 80 1.96 17.08 23.31
C GLY A 80 1.44 17.79 24.54
N GLN A 81 1.73 17.27 25.73
CA GLN A 81 1.14 17.79 26.97
C GLN A 81 2.22 17.86 28.03
N SER A 82 2.18 18.91 28.85
CA SER A 82 3.25 19.19 29.79
C SER A 82 3.12 18.34 31.05
N PHE A 83 4.26 18.09 31.69
CA PHE A 83 4.33 17.32 32.93
C PHE A 83 5.50 17.85 33.76
N TYR A 84 5.40 17.63 35.07
CA TYR A 84 6.39 18.14 36.01
C TYR A 84 7.46 17.10 36.33
N VAL A 85 8.69 17.57 36.50
CA VAL A 85 9.78 16.81 37.13
C VAL A 85 10.55 17.76 38.04
N GLN A 86 11.18 17.19 39.07
CA GLN A 86 12.10 17.94 39.92
C GLN A 86 13.52 17.39 39.79
N ILE A 87 14.49 18.29 39.69
CA ILE A 87 15.91 17.94 39.65
C ILE A 87 16.60 18.55 40.86
N ASP A 88 17.41 17.75 41.53
CA ASP A 88 18.20 18.21 42.67
C ASP A 88 19.68 18.19 42.28
N PHE A 89 20.32 19.36 42.32
CA PHE A 89 21.74 19.43 42.02
C PHE A 89 22.58 19.35 43.29
N SER A 90 23.89 19.19 43.10
CA SER A 90 24.83 19.25 44.21
C SER A 90 24.93 20.64 44.84
N ARG A 91 24.59 21.68 44.08
CA ARG A 91 24.60 23.05 44.60
C ARG A 91 23.45 23.80 43.95
N PRO A 92 23.06 24.95 44.51
CA PRO A 92 21.98 25.74 43.90
C PRO A 92 22.26 26.12 42.46
N TYR A 93 21.17 26.15 41.67
CA TYR A 93 21.25 26.47 40.25
C TYR A 93 21.49 27.97 40.04
N ASP A 94 22.41 28.28 39.13
CA ASP A 94 22.83 29.65 38.87
C ASP A 94 22.63 29.94 37.37
N PRO A 95 21.46 30.48 36.99
CA PRO A 95 21.11 30.61 35.57
C PRO A 95 22.13 31.34 34.73
N ARG A 96 22.92 32.21 35.35
CA ARG A 96 23.92 32.98 34.62
C ARG A 96 25.06 32.11 34.09
N ARG A 97 25.30 30.95 34.69
CA ARG A 97 26.43 30.11 34.28
C ARG A 97 26.11 28.64 34.18
N ASP A 98 25.11 28.12 34.87
CA ASP A 98 24.78 26.70 34.84
C ASP A 98 23.88 26.40 33.65
N LEU A 99 24.45 25.83 32.60
CA LEU A 99 23.69 25.35 31.45
C LEU A 99 23.45 23.85 31.58
N PHE A 100 22.19 23.44 31.47
CA PHE A 100 21.85 22.02 31.52
C PHE A 100 20.58 21.77 30.72
N ARG A 101 20.37 20.49 30.38
CA ARG A 101 19.15 20.06 29.70
C ARG A 101 18.81 18.62 30.08
N VAL A 102 17.53 18.29 29.99
CA VAL A 102 17.08 16.90 30.00
C VAL A 102 17.29 16.31 28.60
N GLU A 103 17.63 15.04 28.54
CA GLU A 103 17.70 14.28 27.30
C GLU A 103 16.79 13.07 27.39
N TYR A 104 15.96 12.89 26.37
CA TYR A 104 15.22 11.65 26.18
C TYR A 104 15.79 10.86 25.01
N VAL A 105 15.99 9.56 25.20
CA VAL A 105 16.72 8.73 24.25
C VAL A 105 15.96 7.42 24.08
N ILE A 106 15.91 6.92 22.85
CA ILE A 106 15.19 5.69 22.55
C ILE A 106 15.95 4.89 21.51
N GLY A 107 15.99 3.57 21.71
CA GLY A 107 16.73 2.67 20.84
C GLY A 107 18.23 2.66 21.02
N ARG A 108 18.87 1.84 20.20
CA ARG A 108 20.31 1.62 20.25
C ARG A 108 21.10 2.64 19.44
N TYR A 109 20.49 3.25 18.42
CA TYR A 109 21.17 4.18 17.52
C TYR A 109 20.50 5.54 17.49
N PRO A 110 20.35 6.21 18.63
CA PRO A 110 19.55 7.43 18.65
C PRO A 110 20.23 8.56 17.89
N GLN A 111 19.42 9.32 17.15
CA GLN A 111 19.89 10.45 16.36
C GLN A 111 18.91 11.61 16.53
N GLU A 112 19.46 12.82 16.65
CA GLU A 112 18.62 13.98 16.93
C GLU A 112 17.73 14.29 15.73
N ASN A 113 18.29 14.28 14.53
CA ASN A 113 17.49 14.55 13.33
C ASN A 113 16.47 13.46 13.03
N LYS A 114 16.66 12.24 13.54
CA LYS A 114 15.66 11.19 13.45
C LYS A 114 14.66 11.22 14.60
N GLY A 115 14.77 12.17 15.52
CA GLY A 115 13.86 12.28 16.63
C GLY A 115 14.04 11.26 17.73
N THR A 116 15.07 10.43 17.67
CA THR A 116 15.30 9.38 18.66
C THR A 116 16.32 9.78 19.72
N TYR A 117 17.00 10.91 19.53
CA TYR A 117 17.64 11.65 20.61
C TYR A 117 16.98 13.02 20.70
N ILE A 118 16.56 13.39 21.91
CA ILE A 118 15.74 14.58 22.11
C ILE A 118 16.34 15.40 23.25
N PRO A 119 17.16 16.41 22.95
CA PRO A 119 17.56 17.40 23.96
C PRO A 119 16.43 18.38 24.22
N VAL A 120 16.01 18.49 25.47
CA VAL A 120 14.89 19.36 25.85
C VAL A 120 15.49 20.70 26.27
N PRO A 121 15.35 21.75 25.48
CA PRO A 121 15.93 23.05 25.85
C PRO A 121 15.17 23.68 27.01
N ILE A 122 15.91 24.34 27.89
CA ILE A 122 15.28 25.17 28.92
C ILE A 122 14.79 26.45 28.27
N VAL A 123 13.57 26.87 28.60
CA VAL A 123 12.93 28.01 27.97
C VAL A 123 12.15 28.80 29.00
N SER A 124 11.98 30.10 28.73
CA SER A 124 11.18 30.97 29.58
C SER A 124 9.69 30.70 29.44
N GLU A 125 9.24 30.27 28.26
CA GLU A 125 7.87 29.81 28.02
C GLU A 125 7.90 28.62 27.07
N LEU A 126 7.05 27.63 27.34
CA LEU A 126 6.91 26.50 26.44
C LEU A 126 6.16 26.91 25.18
N GLN A 127 6.82 26.80 24.03
CA GLN A 127 6.17 27.05 22.76
C GLN A 127 5.19 25.93 22.43
N SER A 128 4.18 26.26 21.63
CA SER A 128 3.31 25.24 21.08
C SER A 128 4.04 24.36 20.08
N GLY A 129 3.89 23.04 20.23
CA GLY A 129 4.41 22.10 19.26
C GLY A 129 5.90 21.84 19.35
N LYS A 130 6.55 22.24 20.45
CA LYS A 130 7.98 22.11 20.59
C LYS A 130 8.34 21.44 21.90
N TRP A 131 9.41 20.66 21.87
CA TRP A 131 10.04 20.19 23.09
C TRP A 131 10.61 21.37 23.86
N GLY A 132 10.47 21.34 25.18
CA GLY A 132 11.06 22.39 26.00
C GLY A 132 10.77 22.12 27.46
N ALA A 133 11.47 22.86 28.32
CA ALA A 133 11.27 22.77 29.75
C ALA A 133 11.30 24.16 30.37
N LYS A 134 10.31 24.44 31.22
CA LYS A 134 10.20 25.72 31.90
C LYS A 134 10.55 25.53 33.37
N ILE A 135 11.45 26.36 33.88
CA ILE A 135 11.78 26.37 35.31
C ILE A 135 10.64 27.08 36.02
N VAL A 136 9.74 26.30 36.62
CA VAL A 136 8.57 26.88 37.28
C VAL A 136 8.86 27.29 38.72
N MET A 137 9.86 26.68 39.35
CA MET A 137 10.18 26.98 40.74
C MET A 137 11.64 26.61 40.98
N ARG A 138 12.28 27.38 41.86
CA ARG A 138 13.61 27.04 42.37
C ARG A 138 13.59 27.11 43.89
N GLU A 139 14.28 26.17 44.52
CA GLU A 139 14.20 25.98 45.96
C GLU A 139 15.53 25.35 46.38
N ASP A 140 16.42 26.18 46.92
CA ASP A 140 17.76 25.75 47.30
C ASP A 140 18.47 24.96 46.21
N ARG A 141 18.81 23.71 46.49
CA ARG A 141 19.47 22.83 45.53
C ARG A 141 18.60 22.41 44.35
N SER A 142 17.30 22.71 44.36
CA SER A 142 16.37 22.03 43.47
C SER A 142 15.69 22.99 42.50
N VAL A 143 15.38 22.46 41.32
CA VAL A 143 14.65 23.14 40.26
C VAL A 143 13.48 22.25 39.85
N ARG A 144 12.31 22.84 39.69
CA ARG A 144 11.17 22.09 39.15
C ARG A 144 10.91 22.55 37.72
N LEU A 145 10.90 21.59 36.80
CA LEU A 145 10.67 21.83 35.39
C LEU A 145 9.26 21.40 35.01
N SER A 146 8.57 22.24 34.25
CA SER A 146 7.47 21.80 33.40
C SER A 146 8.02 21.48 32.01
N ILE A 147 8.09 20.19 31.69
CA ILE A 147 8.54 19.71 30.39
C ILE A 147 7.34 19.59 29.48
N GLN A 148 7.52 19.91 28.20
CA GLN A 148 6.52 19.62 27.18
C GLN A 148 7.14 18.82 26.06
N SER A 149 6.43 17.79 25.62
CA SER A 149 6.79 16.98 24.46
C SER A 149 6.10 17.46 23.19
N SER A 150 6.74 17.21 22.05
CA SER A 150 6.16 17.50 20.76
C SER A 150 4.90 16.65 20.56
N PRO A 151 3.83 17.22 19.98
CA PRO A 151 2.65 16.40 19.63
C PRO A 151 2.91 15.37 18.55
N LYS A 152 4.04 15.44 17.85
CA LYS A 152 4.47 14.43 16.88
C LYS A 152 5.53 13.49 17.44
N CYS A 153 5.76 13.52 18.76
CA CYS A 153 6.80 12.70 19.36
C CYS A 153 6.59 11.22 19.07
N ILE A 154 7.72 10.50 18.97
CA ILE A 154 7.69 9.05 18.94
C ILE A 154 7.00 8.52 20.19
N VAL A 155 6.21 7.47 20.03
CA VAL A 155 5.53 6.80 21.12
C VAL A 155 6.33 5.56 21.49
N GLY A 156 6.58 5.39 22.78
CA GLY A 156 7.45 4.33 23.24
C GLY A 156 8.00 4.65 24.62
N LYS A 157 8.95 3.81 25.06
CA LYS A 157 9.59 3.97 26.36
C LYS A 157 10.97 4.61 26.19
N PHE A 158 11.11 5.82 26.73
CA PHE A 158 12.32 6.62 26.60
C PHE A 158 13.17 6.52 27.86
N ARG A 159 14.48 6.40 27.68
CA ARG A 159 15.44 6.66 28.74
C ARG A 159 15.57 8.16 28.96
N MET A 160 15.78 8.55 30.22
CA MET A 160 15.98 9.94 30.60
C MET A 160 17.37 10.14 31.19
N TYR A 161 18.00 11.25 30.81
CA TYR A 161 19.26 11.70 31.36
C TYR A 161 19.18 13.20 31.63
N VAL A 162 20.05 13.69 32.51
CA VAL A 162 20.26 15.12 32.68
C VAL A 162 21.71 15.41 32.36
N ALA A 163 21.95 16.40 31.52
CA ALA A 163 23.29 16.70 31.01
C ALA A 163 23.62 18.17 31.26
N VAL A 164 24.79 18.42 31.83
CA VAL A 164 25.23 19.75 32.20
C VAL A 164 26.43 20.09 31.32
N TRP A 165 26.38 21.24 30.66
CA TRP A 165 27.46 21.67 29.78
C TRP A 165 28.50 22.47 30.53
N THR A 166 29.76 22.28 30.15
CA THR A 166 30.91 22.95 30.72
C THR A 166 31.84 23.33 29.58
N PRO A 167 32.77 24.26 29.81
CA PRO A 167 33.78 24.55 28.78
C PRO A 167 34.58 23.33 28.39
N TYR A 168 34.56 22.29 29.21
CA TYR A 168 35.43 21.14 29.05
C TYR A 168 34.69 19.94 28.50
N GLY A 169 33.36 20.00 28.40
CA GLY A 169 32.59 18.82 28.04
C GLY A 169 31.21 18.80 28.66
N VAL A 170 30.57 17.64 28.54
CA VAL A 170 29.23 17.41 29.08
C VAL A 170 29.28 16.36 30.19
N LEU A 171 28.67 16.68 31.33
CA LEU A 171 28.56 15.75 32.45
C LEU A 171 27.13 15.23 32.50
N ARG A 172 26.96 13.91 32.56
CA ARG A 172 25.63 13.32 32.38
C ARG A 172 25.37 12.28 33.46
N THR A 173 24.12 12.25 33.92
CA THR A 173 23.64 11.17 34.79
C THR A 173 23.86 9.81 34.18
N SER A 174 24.18 8.84 35.03
CA SER A 174 24.27 7.44 34.64
C SER A 174 22.88 6.87 34.35
N ARG A 175 22.88 5.66 33.77
CA ARG A 175 21.67 4.93 33.47
C ARG A 175 20.83 4.70 34.73
N ASN A 176 19.61 5.23 34.73
CA ASN A 176 18.70 5.10 35.87
C ASN A 176 17.36 4.57 35.39
N PRO A 177 17.17 3.25 35.38
CA PRO A 177 15.92 2.66 34.85
C PRO A 177 14.66 3.10 35.58
N GLU A 178 14.79 3.70 36.77
CA GLU A 178 13.64 4.24 37.50
C GLU A 178 13.05 5.48 36.85
N THR A 179 13.78 6.13 35.94
CA THR A 179 13.31 7.34 35.30
C THR A 179 12.81 7.12 33.88
N ASP A 180 12.83 5.89 33.39
CA ASP A 180 12.29 5.60 32.05
C ASP A 180 10.82 6.00 31.96
N THR A 181 10.49 6.73 30.90
CA THR A 181 9.22 7.42 30.73
C THR A 181 8.53 6.89 29.48
N TYR A 182 7.32 6.37 29.63
CA TYR A 182 6.52 6.04 28.46
C TYR A 182 5.84 7.31 27.93
N ILE A 183 5.96 7.52 26.62
CA ILE A 183 5.23 8.59 25.93
C ILE A 183 4.24 7.94 24.96
N LEU A 184 2.96 8.32 25.11
CA LEU A 184 1.86 7.70 24.39
C LEU A 184 1.14 8.72 23.51
N PHE A 185 0.28 8.23 22.64
CA PHE A 185 -0.61 9.09 21.86
C PHE A 185 -1.58 9.81 22.77
N ASN A 186 -2.01 11.01 22.35
CA ASN A 186 -2.77 11.93 23.20
C ASN A 186 -4.08 12.33 22.52
N PRO A 187 -5.11 11.50 22.62
CA PRO A 187 -6.45 11.92 22.14
C PRO A 187 -6.97 13.20 22.78
N TRP A 188 -6.38 13.66 23.86
CA TRP A 188 -6.79 14.88 24.55
C TRP A 188 -6.07 16.13 24.07
N CYS A 189 -5.09 16.03 23.17
CA CYS A 189 -4.33 17.18 22.73
C CYS A 189 -4.77 17.57 21.32
N GLU A 190 -5.22 18.82 21.17
CA GLU A 190 -5.78 19.32 19.92
C GLU A 190 -4.82 19.21 18.76
N ASP A 191 -3.51 19.20 19.01
CA ASP A 191 -2.51 19.13 17.96
C ASP A 191 -2.13 17.70 17.59
N ASP A 192 -2.52 16.72 18.41
CA ASP A 192 -2.20 15.33 18.10
C ASP A 192 -3.09 14.84 16.97
N ALA A 193 -2.46 14.09 16.05
CA ALA A 193 -3.18 13.43 14.95
C ALA A 193 -4.30 12.49 15.41
N VAL A 194 -4.28 12.02 16.65
CA VAL A 194 -5.35 11.18 17.16
C VAL A 194 -6.35 11.94 18.02
N TYR A 195 -6.28 13.28 18.03
CA TYR A 195 -7.19 14.09 18.83
C TYR A 195 -8.65 13.69 18.62
N LEU A 196 -9.35 13.43 19.71
CA LEU A 196 -10.77 13.10 19.69
C LEU A 196 -11.52 14.17 20.46
N ASP A 197 -12.48 14.82 19.81
CA ASP A 197 -13.07 16.06 20.28
C ASP A 197 -14.22 15.85 21.26
N ASN A 198 -14.43 14.65 21.77
CA ASN A 198 -15.53 14.39 22.70
C ASN A 198 -15.02 13.55 23.86
N GLU A 199 -15.32 13.98 25.09
CA GLU A 199 -14.77 13.30 26.27
C GLU A 199 -15.41 11.94 26.50
N LYS A 200 -16.71 11.79 26.22
CA LYS A 200 -17.34 10.48 26.33
C LYS A 200 -16.75 9.49 25.33
N GLU A 201 -16.44 9.96 24.13
CA GLU A 201 -15.81 9.11 23.12
C GLU A 201 -14.37 8.77 23.48
N ARG A 202 -13.63 9.69 24.10
CA ARG A 202 -12.33 9.34 24.65
C ARG A 202 -12.45 8.30 25.76
N GLU A 203 -13.42 8.49 26.66
CA GLU A 203 -13.62 7.56 27.78
C GLU A 203 -13.97 6.16 27.30
N GLU A 204 -14.80 6.06 26.28
CA GLU A 204 -15.11 4.76 25.68
C GLU A 204 -13.93 4.20 24.87
N TYR A 205 -13.49 4.93 23.86
CA TYR A 205 -12.61 4.38 22.85
C TYR A 205 -11.15 4.33 23.27
N VAL A 206 -10.80 4.85 24.46
CA VAL A 206 -9.43 4.74 24.94
C VAL A 206 -9.41 4.10 26.32
N LEU A 207 -10.18 4.66 27.26
CA LEU A 207 -10.09 4.27 28.66
C LEU A 207 -10.97 3.09 29.04
N ASN A 208 -11.89 2.65 28.17
CA ASN A 208 -12.68 1.46 28.45
C ASN A 208 -11.90 0.20 28.09
N ASP A 209 -11.81 -0.72 29.05
CA ASP A 209 -11.06 -1.96 28.89
C ASP A 209 -11.93 -3.19 28.67
N ILE A 210 -13.26 -3.05 28.71
CA ILE A 210 -14.16 -4.16 28.41
C ILE A 210 -14.99 -3.81 27.19
N GLY A 211 -14.84 -4.61 26.13
CA GLY A 211 -15.61 -4.47 24.91
C GLY A 211 -16.80 -5.42 24.87
N VAL A 212 -17.65 -5.19 23.88
CA VAL A 212 -18.70 -6.14 23.50
C VAL A 212 -18.53 -6.47 22.03
N ILE A 213 -18.58 -7.76 21.70
CA ILE A 213 -18.46 -8.27 20.35
C ILE A 213 -19.80 -8.88 19.95
N PHE A 214 -20.28 -8.48 18.78
CA PHE A 214 -21.58 -8.91 18.26
C PHE A 214 -21.38 -10.00 17.22
N TYR A 215 -22.16 -11.07 17.36
CA TYR A 215 -22.07 -12.23 16.49
C TYR A 215 -23.49 -12.74 16.24
N GLY A 216 -23.60 -13.98 15.77
CA GLY A 216 -24.91 -14.52 15.45
C GLY A 216 -25.35 -14.15 14.06
N GLU A 217 -26.58 -13.67 13.93
CA GLU A 217 -27.12 -13.35 12.61
C GLU A 217 -28.05 -12.15 12.74
N VAL A 218 -28.26 -11.45 11.63
CA VAL A 218 -28.83 -10.10 11.72
C VAL A 218 -30.26 -10.14 12.23
N ASN A 219 -30.94 -11.28 12.14
CA ASN A 219 -32.28 -11.45 12.70
C ASN A 219 -32.25 -11.95 14.14
N ASP A 220 -31.09 -12.38 14.63
CA ASP A 220 -30.87 -12.97 15.94
C ASP A 220 -29.44 -12.60 16.38
N ILE A 221 -29.27 -11.34 16.76
CA ILE A 221 -27.97 -10.80 17.12
C ILE A 221 -27.58 -11.31 18.50
N LYS A 222 -26.35 -11.81 18.63
CA LYS A 222 -25.82 -12.33 19.87
C LYS A 222 -24.70 -11.41 20.36
N THR A 223 -24.51 -11.33 21.68
CA THR A 223 -23.47 -10.49 22.25
C THR A 223 -22.59 -11.30 23.18
N ARG A 224 -21.30 -10.96 23.21
CA ARG A 224 -20.40 -11.48 24.23
C ARG A 224 -19.47 -10.37 24.70
N SER A 225 -19.07 -10.43 25.97
CA SER A 225 -18.06 -9.50 26.46
C SER A 225 -16.66 -9.95 26.03
N TRP A 226 -15.73 -8.98 26.02
CA TRP A 226 -14.33 -9.25 25.70
C TRP A 226 -13.44 -8.36 26.55
N SER A 227 -12.57 -8.96 27.35
CA SER A 227 -11.59 -8.18 28.13
C SER A 227 -10.48 -7.68 27.22
N TYR A 228 -10.46 -6.38 26.91
CA TYR A 228 -9.30 -5.82 26.25
C TYR A 228 -8.09 -5.74 27.17
N GLY A 229 -8.32 -5.33 28.42
CA GLY A 229 -7.30 -5.34 29.46
C GLY A 229 -6.04 -4.57 29.12
N GLN A 230 -6.17 -3.50 28.31
CA GLN A 230 -5.00 -2.76 27.83
C GLN A 230 -4.18 -2.16 28.95
N PHE A 231 -4.76 -2.02 30.15
CA PHE A 231 -4.07 -1.47 31.30
C PHE A 231 -3.34 -2.49 32.16
N GLU A 232 -3.55 -3.79 31.92
CA GLU A 232 -3.02 -4.80 32.81
C GLU A 232 -1.49 -4.85 32.73
N ASP A 233 -0.90 -5.37 33.81
CA ASP A 233 0.55 -5.40 33.99
C ASP A 233 1.25 -6.10 32.82
N GLY A 234 2.13 -5.36 32.13
CA GLY A 234 2.88 -5.91 31.03
C GLY A 234 2.26 -5.82 29.66
N ILE A 235 1.01 -5.36 29.54
CA ILE A 235 0.39 -5.26 28.22
C ILE A 235 1.01 -4.14 27.40
N LEU A 236 1.34 -3.01 28.02
CA LEU A 236 2.01 -1.93 27.31
C LEU A 236 3.38 -2.36 26.80
N ASP A 237 4.17 -2.99 27.67
CA ASP A 237 5.43 -3.58 27.25
C ASP A 237 5.23 -4.62 26.16
N THR A 238 4.13 -5.37 26.19
CA THR A 238 3.87 -6.34 25.14
C THR A 238 3.56 -5.66 23.81
N CYS A 239 2.86 -4.53 23.83
CA CYS A 239 2.62 -3.79 22.58
C CYS A 239 3.91 -3.22 22.00
N LEU A 240 4.80 -2.74 22.88
CA LEU A 240 6.13 -2.34 22.42
C LEU A 240 6.90 -3.52 21.85
N TYR A 241 6.84 -4.67 22.52
CA TYR A 241 7.48 -5.88 21.99
C TYR A 241 6.90 -6.30 20.64
N VAL A 242 5.58 -6.14 20.46
CA VAL A 242 4.95 -6.40 19.16
C VAL A 242 5.54 -5.50 18.08
N MET A 243 5.73 -4.23 18.38
CA MET A 243 6.36 -3.35 17.38
C MET A 243 7.84 -3.67 17.15
N ASP A 244 8.55 -4.09 18.21
CA ASP A 244 9.93 -4.54 18.07
C ASP A 244 10.07 -5.81 17.22
N ARG A 245 9.15 -6.76 17.37
CA ARG A 245 9.16 -7.96 16.53
C ARG A 245 8.75 -7.66 15.09
N ALA A 246 7.93 -6.64 14.86
CA ALA A 246 7.72 -6.12 13.52
C ALA A 246 8.98 -5.50 12.92
N GLN A 247 9.99 -5.22 13.74
CA GLN A 247 11.17 -4.45 13.33
C GLN A 247 10.76 -3.10 12.75
N MET A 248 9.78 -2.48 13.39
CA MET A 248 9.29 -1.17 12.96
C MET A 248 10.28 -0.09 13.41
N ASP A 249 10.71 0.72 12.45
CA ASP A 249 11.62 1.82 12.76
C ASP A 249 11.01 2.77 13.77
N LEU A 250 11.79 3.11 14.80
CA LEU A 250 11.31 3.94 15.89
C LEU A 250 10.84 5.30 15.41
N SER A 251 11.52 5.88 14.42
CA SER A 251 11.08 7.16 13.87
C SER A 251 9.72 7.07 13.19
N GLY A 252 9.28 5.87 12.83
CA GLY A 252 7.94 5.65 12.33
C GLY A 252 6.86 5.44 13.37
N ARG A 253 7.23 5.19 14.63
CA ARG A 253 6.24 4.90 15.66
C ARG A 253 5.54 6.14 16.19
N GLY A 254 5.95 7.33 15.77
CA GLY A 254 5.18 8.53 16.07
C GLY A 254 3.95 8.72 15.20
N ASN A 255 3.77 7.89 14.17
CA ASN A 255 2.74 8.08 13.17
C ASN A 255 1.64 7.04 13.36
N PRO A 256 0.40 7.45 13.64
CA PRO A 256 -0.65 6.47 13.93
C PRO A 256 -1.07 5.66 12.72
N ILE A 257 -0.93 6.21 11.51
CA ILE A 257 -1.24 5.46 10.30
C ILE A 257 -0.29 4.28 10.15
N LYS A 258 1.02 4.54 10.22
CA LYS A 258 2.01 3.48 10.08
C LYS A 258 1.95 2.48 11.23
N VAL A 259 1.73 2.96 12.46
CA VAL A 259 1.53 2.05 13.60
C VAL A 259 0.31 1.15 13.40
N SER A 260 -0.77 1.68 12.84
CA SER A 260 -1.92 0.83 12.51
C SER A 260 -1.61 -0.15 11.39
N ARG A 261 -0.90 0.33 10.37
CA ARG A 261 -0.57 -0.48 9.20
C ARG A 261 0.35 -1.63 9.53
N VAL A 262 1.31 -1.42 10.41
CA VAL A 262 2.25 -2.47 10.80
C VAL A 262 1.69 -3.34 11.93
N GLY A 263 1.05 -2.75 12.93
CA GLY A 263 0.46 -3.55 14.00
C GLY A 263 -0.59 -4.51 13.49
N SER A 264 -1.47 -4.06 12.59
CA SER A 264 -2.45 -4.99 12.04
C SER A 264 -1.80 -6.10 11.25
N ALA A 265 -0.70 -5.81 10.54
CA ALA A 265 0.00 -6.85 9.80
C ALA A 265 0.66 -7.86 10.74
N MET A 266 0.98 -7.44 11.97
CA MET A 266 1.52 -8.36 12.95
C MET A 266 0.47 -9.26 13.60
N VAL A 267 -0.81 -8.94 13.48
CA VAL A 267 -1.84 -9.63 14.24
C VAL A 267 -2.03 -11.07 13.76
N ASN A 268 -2.04 -11.28 12.46
CA ASN A 268 -2.16 -12.62 11.89
C ASN A 268 -0.80 -13.16 11.47
N ALA A 269 -0.45 -14.32 12.00
CA ALA A 269 0.85 -14.94 11.78
C ALA A 269 0.81 -15.79 10.51
N LYS A 270 1.65 -15.46 9.55
CA LYS A 270 1.95 -16.34 8.43
C LYS A 270 3.31 -16.99 8.66
N ASP A 271 3.34 -18.31 8.75
CA ASP A 271 4.46 -19.04 9.36
C ASP A 271 4.65 -18.50 10.79
N ASP A 272 5.88 -18.29 11.23
CA ASP A 272 6.16 -17.58 12.47
C ASP A 272 5.90 -16.09 12.31
N GLU A 273 6.34 -15.31 13.29
CA GLU A 273 6.38 -13.85 13.22
C GLU A 273 4.96 -13.28 13.07
N GLY A 274 4.17 -13.51 14.12
CA GLY A 274 2.87 -12.91 14.24
C GLY A 274 2.22 -13.37 15.53
N VAL A 275 1.18 -12.64 15.93
CA VAL A 275 0.62 -12.88 17.27
C VAL A 275 -0.26 -14.13 17.29
N LEU A 276 -1.13 -14.31 16.29
CA LEU A 276 -2.09 -15.41 16.31
C LEU A 276 -2.07 -16.21 15.01
N VAL A 277 -2.12 -17.53 15.15
CA VAL A 277 -2.35 -18.42 14.03
C VAL A 277 -3.84 -18.51 13.74
N GLY A 278 -4.25 -18.10 12.54
CA GLY A 278 -5.64 -18.22 12.14
C GLY A 278 -5.98 -19.68 11.86
N SER A 279 -7.08 -20.17 12.45
CA SER A 279 -7.60 -21.47 12.05
C SER A 279 -9.12 -21.50 12.11
N TRP A 280 -9.72 -22.16 11.11
CA TRP A 280 -11.15 -22.40 11.03
C TRP A 280 -11.47 -23.88 10.84
N ASP A 281 -10.57 -24.77 11.26
CA ASP A 281 -10.70 -26.20 10.99
C ASP A 281 -11.67 -26.94 11.90
N ASN A 282 -12.28 -26.26 12.87
CA ASN A 282 -13.17 -26.83 13.87
C ASN A 282 -12.57 -27.90 14.79
N ILE A 283 -11.29 -28.23 14.63
CA ILE A 283 -10.62 -29.24 15.45
C ILE A 283 -9.69 -28.57 16.47
N TYR A 284 -8.87 -27.62 16.02
CA TYR A 284 -7.98 -26.84 16.88
C TYR A 284 -7.09 -27.74 17.74
N ALA A 285 -6.53 -28.76 17.09
CA ALA A 285 -5.56 -29.63 17.75
C ALA A 285 -4.29 -28.85 18.11
N TYR A 286 -3.70 -29.21 19.24
CA TYR A 286 -2.46 -28.60 19.73
C TYR A 286 -2.58 -27.09 19.91
N GLY A 287 -3.77 -26.61 20.24
CA GLY A 287 -3.96 -25.20 20.48
C GLY A 287 -5.22 -24.94 21.28
N VAL A 288 -5.56 -23.67 21.41
CA VAL A 288 -6.78 -23.23 22.08
C VAL A 288 -7.83 -22.88 21.03
N PRO A 289 -9.05 -23.39 21.14
CA PRO A 289 -10.11 -23.01 20.20
C PRO A 289 -10.33 -21.51 20.21
N PRO A 290 -10.45 -20.89 19.04
CA PRO A 290 -10.67 -19.43 18.99
C PRO A 290 -11.85 -18.95 19.83
N SER A 291 -12.91 -19.75 19.93
CA SER A 291 -14.08 -19.41 20.72
C SER A 291 -13.88 -19.60 22.22
N ALA A 292 -12.70 -20.07 22.65
CA ALA A 292 -12.44 -20.17 24.08
C ALA A 292 -11.96 -18.85 24.68
N TRP A 293 -11.20 -18.05 23.93
CA TRP A 293 -10.56 -16.88 24.50
C TRP A 293 -11.57 -15.92 25.10
N THR A 294 -11.30 -15.46 26.31
CA THR A 294 -12.14 -14.48 26.99
C THR A 294 -11.70 -13.04 26.73
N GLY A 295 -10.49 -12.85 26.23
CA GLY A 295 -9.94 -11.51 26.10
C GLY A 295 -8.53 -11.57 25.53
N SER A 296 -7.98 -10.38 25.29
CA SER A 296 -6.67 -10.24 24.70
C SER A 296 -5.51 -10.51 25.65
N VAL A 297 -5.74 -10.42 26.96
CA VAL A 297 -4.65 -10.33 27.92
C VAL A 297 -3.78 -11.59 27.90
N ASP A 298 -4.41 -12.77 28.03
CA ASP A 298 -3.65 -14.01 28.03
C ASP A 298 -3.07 -14.33 26.66
N ILE A 299 -3.73 -13.93 25.57
CA ILE A 299 -3.14 -14.08 24.24
C ILE A 299 -1.84 -13.28 24.14
N LEU A 300 -1.90 -12.00 24.52
CA LEU A 300 -0.74 -11.13 24.41
C LEU A 300 0.39 -11.58 25.32
N LEU A 301 0.09 -11.94 26.56
CA LEU A 301 1.15 -12.39 27.47
C LEU A 301 1.73 -13.76 27.05
N GLU A 302 0.92 -14.65 26.51
CA GLU A 302 1.45 -15.89 25.94
C GLU A 302 2.38 -15.61 24.77
N TYR A 303 1.98 -14.70 23.88
CA TYR A 303 2.88 -14.28 22.80
C TYR A 303 4.17 -13.69 23.35
N ARG A 304 4.07 -12.77 24.31
CA ARG A 304 5.24 -12.12 24.88
C ARG A 304 6.19 -13.11 25.52
N SER A 305 5.67 -14.18 26.13
CA SER A 305 6.52 -15.11 26.86
C SER A 305 7.03 -16.25 25.99
N SER A 306 6.18 -16.83 25.15
CA SER A 306 6.59 -17.88 24.23
C SER A 306 7.32 -17.34 23.00
N GLU A 307 7.17 -16.05 22.70
CA GLU A 307 7.83 -15.42 21.56
C GLU A 307 7.46 -16.07 20.24
N ASN A 308 6.32 -16.74 20.18
CA ASN A 308 5.87 -17.45 19.00
C ASN A 308 4.37 -17.23 18.82
N PRO A 309 3.86 -17.42 17.61
CA PRO A 309 2.42 -17.21 17.37
C PRO A 309 1.53 -18.06 18.28
N VAL A 310 0.48 -17.43 18.79
CA VAL A 310 -0.47 -18.10 19.67
C VAL A 310 -1.51 -18.85 18.82
N ARG A 311 -1.86 -20.05 19.26
CA ARG A 311 -2.85 -20.91 18.60
C ARG A 311 -4.12 -20.89 19.44
N TYR A 312 -5.24 -20.48 18.85
CA TYR A 312 -5.52 -20.07 17.48
C TYR A 312 -6.41 -18.83 17.53
N GLY A 313 -6.52 -18.13 16.40
CA GLY A 313 -7.38 -16.96 16.30
C GLY A 313 -8.39 -17.03 15.16
N GLN A 314 -9.36 -16.13 15.25
CA GLN A 314 -10.36 -15.88 14.21
C GLN A 314 -10.72 -14.39 14.27
N CYS A 315 -11.57 -13.97 13.33
CA CYS A 315 -11.74 -12.54 13.05
C CYS A 315 -11.99 -11.71 14.30
N TRP A 316 -12.88 -12.16 15.18
CA TRP A 316 -13.14 -11.41 16.40
C TRP A 316 -11.97 -11.47 17.37
N VAL A 317 -11.18 -12.55 17.33
CA VAL A 317 -9.97 -12.64 18.16
C VAL A 317 -8.92 -11.65 17.68
N PHE A 318 -8.70 -11.62 16.36
CA PHE A 318 -7.79 -10.64 15.78
C PHE A 318 -8.23 -9.21 16.09
N ALA A 319 -9.52 -8.92 15.92
CA ALA A 319 -10.03 -7.59 16.21
C ALA A 319 -9.88 -7.23 17.69
N GLY A 320 -10.12 -8.19 18.59
CA GLY A 320 -9.92 -7.95 20.01
C GLY A 320 -8.48 -7.63 20.37
N VAL A 321 -7.54 -8.44 19.87
CA VAL A 321 -6.13 -8.19 20.13
C VAL A 321 -5.68 -6.86 19.52
N PHE A 322 -6.08 -6.55 18.29
CA PHE A 322 -5.67 -5.29 17.69
C PHE A 322 -6.33 -4.09 18.37
N ASN A 323 -7.55 -4.24 18.87
CA ASN A 323 -8.18 -3.17 19.63
C ASN A 323 -7.47 -2.92 20.95
N THR A 324 -7.03 -3.99 21.62
CA THR A 324 -6.18 -3.81 22.80
C THR A 324 -4.88 -3.09 22.45
N PHE A 325 -4.23 -3.51 21.37
CA PHE A 325 -2.98 -2.87 20.95
C PHE A 325 -3.16 -1.37 20.70
N LEU A 326 -4.17 -1.01 19.91
CA LEU A 326 -4.44 0.39 19.61
C LEU A 326 -4.79 1.19 20.87
N ARG A 327 -5.75 0.71 21.67
CA ARG A 327 -6.11 1.44 22.88
C ARG A 327 -4.96 1.54 23.87
N CYS A 328 -4.06 0.55 23.88
CA CYS A 328 -2.91 0.57 24.77
C CYS A 328 -1.90 1.63 24.36
N LEU A 329 -1.60 1.72 23.07
CA LEU A 329 -0.74 2.81 22.61
C LEU A 329 -1.47 4.16 22.67
N GLY A 330 -2.79 4.16 22.69
CA GLY A 330 -3.59 5.35 22.85
C GLY A 330 -4.29 5.84 21.62
N ILE A 331 -4.27 5.07 20.54
CA ILE A 331 -5.11 5.37 19.37
C ILE A 331 -6.54 4.99 19.69
N PRO A 332 -7.52 5.88 19.51
CA PRO A 332 -8.90 5.50 19.79
C PRO A 332 -9.37 4.45 18.79
N ALA A 333 -10.00 3.40 19.31
CA ALA A 333 -10.35 2.27 18.47
C ALA A 333 -11.63 1.62 18.98
N ARG A 334 -12.33 0.95 18.06
CA ARG A 334 -13.50 0.14 18.40
C ARG A 334 -13.57 -1.04 17.44
N ILE A 335 -14.22 -2.12 17.87
CA ILE A 335 -14.58 -3.20 16.97
C ILE A 335 -15.93 -2.87 16.33
N VAL A 336 -16.07 -3.19 15.04
CA VAL A 336 -17.36 -3.17 14.35
C VAL A 336 -17.61 -4.55 13.74
N THR A 337 -18.86 -4.98 13.81
CA THR A 337 -19.33 -6.20 13.17
C THR A 337 -20.21 -5.85 11.97
N ASN A 338 -19.88 -6.42 10.82
CA ASN A 338 -20.71 -6.33 9.62
C ASN A 338 -21.44 -7.65 9.42
N TYR A 339 -22.77 -7.58 9.29
CA TYR A 339 -23.57 -8.77 9.01
C TYR A 339 -23.70 -8.99 7.51
N PHE A 340 -23.54 -10.26 7.10
CA PHE A 340 -23.44 -10.65 5.70
C PHE A 340 -22.27 -9.95 5.00
N SER A 341 -21.07 -10.24 5.49
CA SER A 341 -19.85 -9.62 4.98
C SER A 341 -19.34 -10.37 3.76
N ALA A 342 -19.11 -9.65 2.66
CA ALA A 342 -18.58 -10.24 1.43
C ALA A 342 -17.04 -10.29 1.48
N HIS A 343 -16.52 -11.10 2.39
CA HIS A 343 -15.08 -11.23 2.54
C HIS A 343 -14.48 -12.05 1.40
N ASP A 344 -13.18 -11.85 1.15
CA ASP A 344 -12.48 -12.41 -0.02
C ASP A 344 -13.11 -11.97 -1.35
N ASN A 345 -13.61 -10.73 -1.40
CA ASN A 345 -14.32 -10.24 -2.57
C ASN A 345 -13.42 -9.96 -3.76
N ASP A 346 -12.11 -9.78 -3.54
CA ASP A 346 -11.16 -9.37 -4.57
C ASP A 346 -11.60 -8.09 -5.28
N ALA A 347 -12.27 -7.19 -4.55
CA ALA A 347 -12.88 -5.96 -5.05
C ALA A 347 -13.95 -6.19 -6.11
N ASN A 348 -14.40 -7.43 -6.32
CA ASN A 348 -15.58 -7.67 -7.12
C ASN A 348 -16.85 -7.39 -6.32
N LEU A 349 -17.78 -6.67 -6.93
CA LEU A 349 -19.07 -6.34 -6.31
C LEU A 349 -20.16 -7.36 -6.63
N GLN A 350 -19.81 -8.63 -6.86
CA GLN A 350 -20.78 -9.63 -7.27
C GLN A 350 -20.45 -10.97 -6.64
N MET A 351 -21.40 -11.53 -5.88
CA MET A 351 -21.31 -12.89 -5.39
C MET A 351 -22.24 -13.77 -6.21
N ASP A 352 -21.70 -14.88 -6.72
CA ASP A 352 -22.44 -15.74 -7.64
C ASP A 352 -22.98 -16.96 -6.91
N ILE A 353 -24.27 -17.20 -7.06
CA ILE A 353 -24.92 -18.47 -6.72
C ILE A 353 -25.29 -19.16 -8.02
N PHE A 354 -24.96 -20.43 -8.15
CA PHE A 354 -25.26 -21.19 -9.36
C PHE A 354 -26.47 -22.08 -9.12
N LEU A 355 -27.34 -22.13 -10.12
CA LEU A 355 -28.58 -22.90 -10.07
C LEU A 355 -28.59 -23.97 -11.16
N GLU A 356 -29.16 -25.11 -10.82
CA GLU A 356 -29.49 -26.12 -11.82
C GLU A 356 -30.61 -25.60 -12.73
N GLU A 357 -30.77 -26.26 -13.88
CA GLU A 357 -31.78 -25.84 -14.84
C GLU A 357 -33.17 -25.87 -14.23
N ASP A 358 -33.47 -26.90 -13.43
CA ASP A 358 -34.76 -27.00 -12.76
C ASP A 358 -34.94 -25.95 -11.65
N GLY A 359 -33.91 -25.16 -11.37
CA GLY A 359 -33.96 -24.12 -10.36
C GLY A 359 -33.35 -24.51 -9.03
N ASN A 360 -32.98 -25.77 -8.84
CA ASN A 360 -32.25 -26.19 -7.64
C ASN A 360 -30.91 -25.47 -7.57
N VAL A 361 -30.39 -25.31 -6.35
CA VAL A 361 -29.05 -24.74 -6.19
C VAL A 361 -28.02 -25.77 -6.64
N ASN A 362 -27.10 -25.33 -7.50
CA ASN A 362 -25.95 -26.13 -7.90
C ASN A 362 -24.87 -26.01 -6.84
N SER A 363 -24.82 -26.98 -5.92
CA SER A 363 -23.82 -26.98 -4.85
C SER A 363 -22.42 -27.30 -5.37
N LYS A 364 -22.31 -27.87 -6.57
CA LYS A 364 -20.99 -28.15 -7.15
C LYS A 364 -20.28 -26.87 -7.57
N LEU A 365 -21.00 -25.92 -8.14
CA LEU A 365 -20.40 -24.67 -8.62
C LEU A 365 -20.47 -23.53 -7.61
N THR A 366 -21.46 -23.53 -6.72
CA THR A 366 -21.63 -22.43 -5.77
C THR A 366 -20.55 -22.51 -4.69
N LYS A 367 -19.44 -21.81 -4.92
CA LYS A 367 -18.32 -21.79 -3.98
C LYS A 367 -18.07 -20.42 -3.35
N ASP A 368 -18.69 -19.36 -3.85
CA ASP A 368 -18.74 -18.11 -3.10
C ASP A 368 -19.62 -18.27 -1.87
N SER A 369 -19.13 -17.77 -0.73
CA SER A 369 -19.83 -17.86 0.54
C SER A 369 -19.80 -16.51 1.25
N VAL A 370 -20.94 -16.13 1.82
CA VAL A 370 -21.11 -14.84 2.47
C VAL A 370 -21.09 -15.07 3.98
N TRP A 371 -20.18 -14.37 4.67
CA TRP A 371 -20.01 -14.61 6.10
C TRP A 371 -21.17 -14.00 6.87
N ASN A 372 -21.81 -14.82 7.71
CA ASN A 372 -22.96 -14.33 8.48
C ASN A 372 -22.62 -13.06 9.23
N TYR A 373 -21.41 -12.98 9.78
CA TYR A 373 -20.85 -11.74 10.29
C TYR A 373 -19.33 -11.76 10.10
N HIS A 374 -18.74 -10.57 10.15
CA HIS A 374 -17.29 -10.41 10.19
C HIS A 374 -16.95 -9.21 11.05
N CYS A 375 -15.82 -9.29 11.76
CA CYS A 375 -15.39 -8.22 12.65
C CYS A 375 -14.14 -7.55 12.12
N TRP A 376 -14.10 -6.22 12.16
CA TRP A 376 -12.86 -5.49 11.96
C TRP A 376 -12.80 -4.28 12.89
N ASN A 377 -11.62 -3.69 13.01
CA ASN A 377 -11.42 -2.52 13.84
C ASN A 377 -11.61 -1.22 13.07
N GLU A 378 -12.08 -0.21 13.78
CA GLU A 378 -11.92 1.18 13.36
C GLU A 378 -10.97 1.89 14.31
N ALA A 379 -10.03 2.65 13.75
CA ALA A 379 -9.09 3.46 14.50
C ALA A 379 -9.34 4.92 14.16
N TRP A 380 -9.25 5.82 15.13
CA TRP A 380 -9.52 7.23 14.89
C TRP A 380 -8.20 7.97 14.69
N MET A 381 -8.05 8.61 13.53
CA MET A 381 -6.91 9.48 13.27
C MET A 381 -7.21 10.40 12.10
N THR A 382 -6.43 11.48 12.03
CA THR A 382 -6.35 12.29 10.82
C THR A 382 -5.52 11.60 9.75
N ARG A 383 -5.78 11.95 8.48
CA ARG A 383 -5.12 11.34 7.33
C ARG A 383 -4.40 12.43 6.54
N PRO A 384 -3.26 12.92 7.03
CA PRO A 384 -2.51 13.94 6.28
C PRO A 384 -1.88 13.44 4.99
N ASP A 385 -1.89 12.13 4.73
CA ASP A 385 -1.46 11.60 3.45
C ASP A 385 -2.53 11.71 2.37
N LEU A 386 -3.77 11.93 2.75
CA LEU A 386 -4.91 12.07 1.85
C LEU A 386 -5.35 13.52 1.77
N PRO A 387 -6.20 13.87 0.80
CA PRO A 387 -6.78 15.22 0.81
C PRO A 387 -7.77 15.42 1.95
N VAL A 388 -8.26 16.65 2.11
CA VAL A 388 -9.13 16.97 3.23
C VAL A 388 -10.45 16.20 3.13
N GLY A 389 -11.03 15.90 4.28
CA GLY A 389 -12.32 15.26 4.37
C GLY A 389 -12.30 13.77 4.63
N PHE A 390 -11.14 13.19 4.93
CA PHE A 390 -11.02 11.75 5.08
C PHE A 390 -10.47 11.32 6.44
N GLY A 391 -10.33 12.26 7.37
CA GLY A 391 -9.95 11.93 8.73
C GLY A 391 -11.07 11.24 9.48
N GLY A 392 -10.79 10.96 10.75
CA GLY A 392 -11.72 10.22 11.58
C GLY A 392 -11.51 8.72 11.56
N TRP A 393 -12.61 7.96 11.55
CA TRP A 393 -12.54 6.50 11.61
C TRP A 393 -11.92 5.91 10.34
N GLN A 394 -10.90 5.09 10.53
CA GLN A 394 -10.26 4.31 9.47
C GLN A 394 -10.54 2.84 9.74
N ALA A 395 -11.09 2.15 8.73
CA ALA A 395 -11.31 0.73 8.84
C ALA A 395 -10.00 -0.04 8.63
N VAL A 396 -9.66 -0.88 9.61
CA VAL A 396 -8.57 -1.83 9.50
C VAL A 396 -9.13 -3.22 9.75
N ASP A 397 -8.96 -4.12 8.79
CA ASP A 397 -9.30 -5.52 8.98
C ASP A 397 -8.02 -6.33 9.02
N SER A 398 -7.71 -6.89 10.20
CA SER A 398 -6.53 -7.72 10.38
C SER A 398 -6.70 -9.13 9.83
N THR A 399 -7.91 -9.51 9.42
CA THR A 399 -8.11 -10.78 8.73
C THR A 399 -7.59 -10.68 7.30
N PRO A 400 -6.65 -11.52 6.90
CA PRO A 400 -6.07 -11.40 5.56
C PRO A 400 -7.06 -11.80 4.47
N GLN A 401 -7.00 -11.06 3.36
CA GLN A 401 -7.62 -11.46 2.11
C GLN A 401 -6.70 -11.00 0.98
N GLU A 402 -6.95 -11.52 -0.22
CA GLU A 402 -6.25 -11.02 -1.40
C GLU A 402 -6.59 -9.56 -1.69
N ASN A 403 -5.57 -8.70 -1.54
CA ASN A 403 -5.63 -7.31 -1.94
C ASN A 403 -4.55 -7.02 -2.99
N SER A 404 -4.22 -5.75 -3.20
CA SER A 404 -3.26 -5.41 -4.24
C SER A 404 -1.83 -5.82 -3.86
N ASP A 405 -1.53 -5.94 -2.56
CA ASP A 405 -0.23 -6.43 -2.14
C ASP A 405 -0.17 -7.96 -2.13
N GLY A 406 -1.30 -8.61 -1.89
CA GLY A 406 -1.34 -10.05 -1.71
C GLY A 406 -2.36 -10.43 -0.65
N MET A 407 -2.15 -11.60 -0.05
CA MET A 407 -2.96 -12.08 1.07
C MET A 407 -2.53 -11.37 2.35
N TYR A 408 -3.16 -10.22 2.62
CA TYR A 408 -2.74 -9.38 3.73
C TYR A 408 -3.95 -8.72 4.37
N ARG A 409 -3.73 -8.17 5.57
CA ARG A 409 -4.66 -7.22 6.15
C ARG A 409 -4.97 -6.08 5.19
N CYS A 410 -6.17 -5.52 5.32
CA CYS A 410 -6.64 -4.41 4.51
C CYS A 410 -6.77 -3.15 5.36
N GLY A 411 -6.28 -2.03 4.83
CA GLY A 411 -6.44 -0.75 5.48
C GLY A 411 -5.19 -0.26 6.17
N PRO A 412 -5.28 0.87 6.90
CA PRO A 412 -6.47 1.71 7.15
C PRO A 412 -7.11 2.35 5.91
N ALA A 413 -8.36 1.99 5.63
CA ALA A 413 -9.17 2.66 4.63
C ALA A 413 -10.12 3.65 5.30
N SER A 414 -10.14 4.87 4.79
CA SER A 414 -11.02 5.89 5.36
C SER A 414 -12.48 5.50 5.17
N VAL A 415 -13.22 5.43 6.28
CA VAL A 415 -14.64 5.11 6.22
C VAL A 415 -15.42 6.18 5.47
N GLN A 416 -15.03 7.45 5.62
CA GLN A 416 -15.64 8.52 4.84
C GLN A 416 -15.34 8.42 3.35
N ALA A 417 -14.22 7.82 2.98
CA ALA A 417 -13.97 7.48 1.58
C ALA A 417 -14.82 6.31 1.12
N ILE A 418 -14.89 5.25 1.93
CA ILE A 418 -15.70 4.08 1.59
C ILE A 418 -17.16 4.45 1.37
N LYS A 419 -17.74 5.27 2.26
CA LYS A 419 -19.13 5.68 2.10
C LYS A 419 -19.39 6.35 0.75
N HIS A 420 -18.45 7.15 0.27
CA HIS A 420 -18.60 7.86 -1.00
C HIS A 420 -18.00 7.10 -2.18
N GLY A 421 -17.58 5.86 -1.98
CA GLY A 421 -16.93 5.09 -3.02
C GLY A 421 -15.61 5.62 -3.51
N HIS A 422 -14.97 6.51 -2.74
CA HIS A 422 -13.77 7.19 -3.21
C HIS A 422 -12.56 6.30 -2.97
N VAL A 423 -12.63 5.07 -3.46
CA VAL A 423 -11.72 4.00 -3.04
C VAL A 423 -10.38 4.06 -3.76
N CYS A 424 -10.12 5.15 -4.47
CA CYS A 424 -8.78 5.31 -5.06
C CYS A 424 -7.71 5.59 -4.01
N PHE A 425 -8.10 6.10 -2.84
CA PHE A 425 -7.15 6.41 -1.79
C PHE A 425 -6.71 5.16 -1.02
N GLN A 426 -5.45 5.17 -0.60
CA GLN A 426 -4.89 4.10 0.21
C GLN A 426 -5.49 4.11 1.62
N PHE A 427 -5.63 2.92 2.20
CA PHE A 427 -5.15 1.62 1.75
C PHE A 427 -6.27 0.61 1.56
N ASP A 428 -6.22 -0.17 0.48
CA ASP A 428 -7.07 -1.33 0.26
C ASP A 428 -8.57 -0.99 0.25
N ALA A 429 -8.90 0.29 0.08
CA ALA A 429 -10.30 0.71 0.16
C ALA A 429 -11.26 -0.01 -0.78
N PRO A 430 -10.88 -0.40 -2.02
CA PRO A 430 -11.85 -1.11 -2.86
C PRO A 430 -12.32 -2.44 -2.27
N PHE A 431 -11.46 -3.13 -1.55
CA PHE A 431 -11.83 -4.43 -0.97
C PHE A 431 -12.75 -4.26 0.23
N VAL A 432 -12.54 -3.20 1.01
CA VAL A 432 -13.46 -2.90 2.11
C VAL A 432 -14.81 -2.43 1.57
N PHE A 433 -14.80 -1.59 0.53
CA PHE A 433 -16.06 -1.19 -0.10
C PHE A 433 -16.81 -2.42 -0.64
N ALA A 434 -16.10 -3.31 -1.32
CA ALA A 434 -16.71 -4.50 -1.88
C ALA A 434 -17.23 -5.44 -0.79
N GLU A 435 -16.60 -5.42 0.39
CA GLU A 435 -17.10 -6.23 1.49
C GLU A 435 -18.49 -5.81 1.95
N VAL A 436 -18.81 -4.52 1.88
CA VAL A 436 -20.10 -4.02 2.34
C VAL A 436 -21.11 -3.78 1.20
N ASN A 437 -20.68 -3.79 -0.06
CA ASN A 437 -21.54 -3.36 -1.16
C ASN A 437 -21.76 -4.38 -2.28
N SER A 438 -21.20 -5.58 -2.20
CA SER A 438 -21.42 -6.57 -3.24
C SER A 438 -22.89 -6.96 -3.35
N ASP A 439 -23.29 -7.37 -4.56
CA ASP A 439 -24.57 -8.01 -4.81
C ASP A 439 -24.45 -9.53 -4.73
N LEU A 440 -25.58 -10.20 -4.52
CA LEU A 440 -25.72 -11.60 -4.92
C LEU A 440 -26.24 -11.71 -6.34
N ILE A 441 -25.65 -12.62 -7.11
CA ILE A 441 -26.13 -12.98 -8.44
C ILE A 441 -26.51 -14.46 -8.45
N TYR A 442 -27.72 -14.76 -8.92
CA TYR A 442 -28.19 -16.13 -9.11
C TYR A 442 -28.13 -16.44 -10.59
N ILE A 443 -27.34 -17.46 -10.94
CA ILE A 443 -26.96 -17.81 -12.31
C ILE A 443 -27.41 -19.24 -12.60
N THR A 444 -28.23 -19.42 -13.63
CA THR A 444 -28.48 -20.77 -14.14
C THR A 444 -27.28 -21.26 -14.93
N ALA A 445 -26.67 -22.36 -14.47
CA ALA A 445 -25.66 -23.09 -15.23
C ALA A 445 -26.35 -24.12 -16.11
N LYS A 446 -26.62 -23.75 -17.36
CA LYS A 446 -27.37 -24.59 -18.27
C LYS A 446 -26.58 -25.86 -18.62
N LYS A 447 -27.33 -26.90 -19.01
CA LYS A 447 -26.73 -28.17 -19.41
C LYS A 447 -25.86 -28.03 -20.66
N ASP A 448 -26.14 -27.05 -21.51
CA ASP A 448 -25.27 -26.73 -22.63
C ASP A 448 -24.01 -25.97 -22.24
N GLY A 449 -23.79 -25.73 -20.95
CA GLY A 449 -22.60 -25.03 -20.49
C GLY A 449 -22.63 -23.53 -20.64
N THR A 450 -23.75 -22.94 -21.05
CA THR A 450 -23.89 -21.49 -20.99
C THR A 450 -24.31 -21.06 -19.59
N HIS A 451 -23.95 -19.84 -19.23
CA HIS A 451 -24.40 -19.20 -18.00
C HIS A 451 -25.40 -18.10 -18.32
N VAL A 452 -26.54 -18.12 -17.64
CA VAL A 452 -27.57 -17.09 -17.75
C VAL A 452 -27.78 -16.48 -16.38
N VAL A 453 -27.65 -15.16 -16.29
CA VAL A 453 -27.98 -14.47 -15.05
C VAL A 453 -29.50 -14.51 -14.86
N GLU A 454 -29.94 -15.13 -13.77
CA GLU A 454 -31.36 -15.23 -13.46
C GLU A 454 -31.85 -14.14 -12.52
N ASN A 455 -31.09 -13.81 -11.47
CA ASN A 455 -31.61 -12.88 -10.48
C ASN A 455 -30.48 -12.15 -9.80
N VAL A 456 -30.81 -10.98 -9.24
CA VAL A 456 -29.85 -10.12 -8.56
C VAL A 456 -30.46 -9.68 -7.24
N ASP A 457 -29.63 -9.58 -6.20
CA ASP A 457 -30.07 -9.07 -4.90
C ASP A 457 -28.99 -8.12 -4.38
N ALA A 458 -29.24 -6.82 -4.46
CA ALA A 458 -28.34 -5.81 -3.92
C ALA A 458 -28.51 -5.58 -2.42
N THR A 459 -29.57 -6.11 -1.81
CA THR A 459 -29.94 -5.77 -0.44
C THR A 459 -29.25 -6.61 0.62
N HIS A 460 -28.70 -7.77 0.25
CA HIS A 460 -28.27 -8.76 1.25
C HIS A 460 -26.95 -8.42 1.92
N ILE A 461 -25.96 -8.00 1.15
CA ILE A 461 -24.61 -7.79 1.67
C ILE A 461 -24.55 -6.52 2.49
N GLY A 462 -23.95 -6.62 3.67
CA GLY A 462 -23.82 -5.55 4.65
C GLY A 462 -25.11 -4.94 5.15
N LYS A 463 -26.08 -5.80 5.50
CA LYS A 463 -27.41 -5.33 5.86
C LYS A 463 -27.38 -4.47 7.11
N LEU A 464 -26.48 -4.78 8.04
CA LEU A 464 -26.35 -4.00 9.27
C LEU A 464 -24.89 -4.02 9.72
N ILE A 465 -24.42 -2.87 10.20
CA ILE A 465 -23.11 -2.74 10.82
C ILE A 465 -23.29 -2.15 12.21
N VAL A 466 -22.69 -2.80 13.21
CA VAL A 466 -22.96 -2.48 14.61
C VAL A 466 -21.64 -2.31 15.36
N THR A 467 -21.71 -1.56 16.46
CA THR A 467 -20.59 -1.43 17.39
C THR A 467 -21.15 -1.26 18.79
N LYS A 468 -20.30 -1.46 19.80
CA LYS A 468 -20.74 -1.23 21.17
C LYS A 468 -21.07 0.25 21.38
N GLN A 469 -22.18 0.51 22.07
CA GLN A 469 -22.54 1.89 22.36
C GLN A 469 -21.62 2.48 23.43
N ILE A 470 -21.53 3.81 23.42
CA ILE A 470 -20.76 4.52 24.44
C ILE A 470 -21.48 4.44 25.79
N GLY A 471 -20.77 3.95 26.80
CA GLY A 471 -21.32 3.87 28.14
C GLY A 471 -22.31 2.76 28.39
N GLY A 472 -22.46 1.81 27.48
CA GLY A 472 -23.32 0.67 27.75
C GLY A 472 -23.03 -0.47 26.80
N ASP A 473 -23.74 -1.58 27.02
CA ASP A 473 -23.55 -2.79 26.25
C ASP A 473 -24.49 -2.89 25.05
N GLY A 474 -25.44 -1.98 24.92
CA GLY A 474 -26.31 -2.00 23.77
C GLY A 474 -25.54 -1.75 22.48
N MET A 475 -26.09 -2.24 21.38
CA MET A 475 -25.52 -1.93 20.08
C MET A 475 -25.86 -0.52 19.62
N MET A 476 -24.94 0.06 18.86
CA MET A 476 -25.13 1.26 18.08
C MET A 476 -25.04 0.87 16.62
N ASP A 477 -26.09 1.16 15.85
CA ASP A 477 -26.05 1.02 14.41
C ASP A 477 -25.20 2.12 13.78
N ILE A 478 -24.20 1.71 13.00
CA ILE A 478 -23.32 2.64 12.30
C ILE A 478 -23.34 2.39 10.79
N THR A 479 -24.34 1.65 10.31
CA THR A 479 -24.41 1.30 8.89
C THR A 479 -24.40 2.54 8.01
N ASP A 480 -25.13 3.58 8.42
CA ASP A 480 -25.18 4.83 7.67
C ASP A 480 -23.87 5.61 7.70
N THR A 481 -22.90 5.21 8.52
CA THR A 481 -21.56 5.74 8.41
C THR A 481 -20.75 5.08 7.30
N TYR A 482 -21.12 3.86 6.91
CA TYR A 482 -20.41 3.14 5.87
C TYR A 482 -21.06 3.25 4.50
N LYS A 483 -22.38 3.36 4.43
CA LYS A 483 -23.04 3.50 3.14
C LYS A 483 -24.36 4.23 3.29
N PHE A 484 -24.76 4.90 2.21
CA PHE A 484 -26.00 5.65 2.14
C PHE A 484 -27.22 4.71 2.19
N GLN A 485 -28.37 5.32 2.50
CA GLN A 485 -29.65 4.62 2.51
C GLN A 485 -29.88 3.91 1.18
N GLU A 486 -30.28 2.64 1.26
CA GLU A 486 -30.41 1.81 0.07
C GLU A 486 -31.58 2.27 -0.80
N GLY A 487 -31.42 2.06 -2.11
CA GLY A 487 -32.39 2.44 -3.11
C GLY A 487 -32.47 3.92 -3.43
N GLN A 488 -31.55 4.74 -2.92
CA GLN A 488 -31.51 6.16 -3.20
C GLN A 488 -30.36 6.49 -4.14
N GLU A 489 -30.48 7.67 -4.76
CA GLU A 489 -29.49 8.12 -5.75
C GLU A 489 -28.07 8.14 -5.19
N GLU A 490 -27.89 8.53 -3.93
CA GLU A 490 -26.54 8.64 -3.39
C GLU A 490 -25.82 7.30 -3.29
N GLU A 491 -26.56 6.21 -3.07
CA GLU A 491 -25.96 4.88 -3.17
C GLU A 491 -25.42 4.61 -4.57
N ARG A 492 -26.19 4.98 -5.60
CA ARG A 492 -25.74 4.79 -6.98
C ARG A 492 -24.55 5.69 -7.31
N LEU A 493 -24.56 6.93 -6.83
CA LEU A 493 -23.41 7.81 -6.99
C LEU A 493 -22.15 7.24 -6.35
N ALA A 494 -22.28 6.65 -5.16
CA ALA A 494 -21.13 6.02 -4.52
C ALA A 494 -20.65 4.81 -5.31
N LEU A 495 -21.58 3.97 -5.76
CA LEU A 495 -21.24 2.82 -6.58
C LEU A 495 -20.51 3.23 -7.86
N GLU A 496 -21.01 4.25 -8.55
CA GLU A 496 -20.36 4.74 -9.76
C GLU A 496 -18.99 5.33 -9.48
N THR A 497 -18.84 6.05 -8.37
CA THR A 497 -17.52 6.55 -8.01
C THR A 497 -16.55 5.41 -7.73
N ALA A 498 -17.01 4.36 -7.07
CA ALA A 498 -16.16 3.19 -6.83
C ALA A 498 -15.80 2.48 -8.13
N LEU A 499 -16.74 2.38 -9.07
CA LEU A 499 -16.46 1.80 -10.38
C LEU A 499 -15.50 2.65 -11.19
N MET A 500 -15.46 3.96 -10.94
CA MET A 500 -14.45 4.81 -11.57
C MET A 500 -13.04 4.48 -11.06
N TYR A 501 -12.90 4.12 -9.80
CA TYR A 501 -11.61 3.90 -9.18
C TYR A 501 -11.29 2.42 -8.95
N GLY A 502 -11.72 1.57 -9.87
CA GLY A 502 -11.22 0.21 -9.94
C GLY A 502 -11.97 -0.85 -9.14
N ALA A 503 -13.12 -0.52 -8.56
CA ALA A 503 -14.06 -1.58 -8.26
C ALA A 503 -14.60 -2.18 -9.56
N LYS A 504 -15.11 -3.41 -9.46
CA LYS A 504 -15.44 -4.20 -10.64
C LYS A 504 -16.82 -4.80 -10.50
N LYS A 505 -17.52 -4.90 -11.64
CA LYS A 505 -18.71 -5.74 -11.79
C LYS A 505 -18.53 -6.60 -13.02
N PRO A 506 -18.00 -7.82 -12.86
CA PRO A 506 -17.72 -8.66 -14.04
C PRO A 506 -18.93 -9.00 -14.90
N LEU A 507 -20.10 -9.18 -14.29
CA LEU A 507 -21.31 -9.53 -15.04
C LEU A 507 -22.22 -8.31 -15.18
N ASN A 508 -22.56 -7.98 -16.43
CA ASN A 508 -23.52 -6.93 -16.74
C ASN A 508 -24.93 -7.40 -16.43
N THR A 509 -25.47 -6.96 -15.29
CA THR A 509 -26.87 -7.15 -14.94
C THR A 509 -27.80 -6.17 -15.66
N GLU A 510 -27.28 -5.43 -16.63
CA GLU A 510 -28.07 -4.44 -17.37
C GLU A 510 -29.35 -5.03 -17.96
N GLY A 511 -29.29 -6.29 -18.41
CA GLY A 511 -30.46 -6.93 -18.97
C GLY A 511 -31.44 -7.51 -17.97
N VAL A 512 -31.13 -7.49 -16.67
CA VAL A 512 -32.06 -8.05 -15.69
C VAL A 512 -33.25 -7.12 -15.55
N MET A 513 -34.44 -7.71 -15.45
CA MET A 513 -35.68 -6.98 -15.22
C MET A 513 -36.51 -7.69 -14.16
N LYS A 514 -37.42 -6.94 -13.55
CA LYS A 514 -38.31 -7.51 -12.54
C LYS A 514 -39.17 -8.59 -13.18
N SER A 515 -39.59 -9.56 -12.37
CA SER A 515 -40.40 -10.68 -12.84
C SER A 515 -41.77 -10.18 -13.27
N ARG A 516 -42.03 -10.23 -14.57
CA ARG A 516 -43.33 -9.84 -15.15
C ARG A 516 -44.46 -10.74 -14.67
N SER A 517 -44.15 -11.89 -14.04
CA SER A 517 -45.18 -12.72 -13.45
C SER A 517 -45.93 -11.99 -12.34
N ASN A 518 -45.30 -11.01 -11.70
CA ASN A 518 -45.79 -10.34 -10.50
C ASN A 518 -46.04 -11.31 -9.34
N VAL A 519 -45.51 -12.53 -9.42
CA VAL A 519 -45.42 -13.39 -8.25
C VAL A 519 -44.29 -12.89 -7.36
N ASP A 520 -44.47 -13.07 -6.05
CA ASP A 520 -43.38 -12.85 -5.10
C ASP A 520 -43.39 -13.95 -4.06
N MET A 521 -42.22 -14.16 -3.46
CA MET A 521 -41.99 -15.28 -2.55
C MET A 521 -41.07 -14.82 -1.44
N ASP A 522 -41.38 -15.24 -0.22
CA ASP A 522 -40.47 -15.03 0.90
C ASP A 522 -40.70 -16.11 1.94
N PHE A 523 -39.67 -16.37 2.75
CA PHE A 523 -39.81 -17.40 3.77
C PHE A 523 -39.16 -16.93 5.07
N GLU A 524 -39.59 -17.54 6.17
CA GLU A 524 -39.13 -17.18 7.50
C GLU A 524 -38.76 -18.43 8.27
N VAL A 525 -37.69 -18.33 9.04
CA VAL A 525 -37.27 -19.37 9.98
C VAL A 525 -37.42 -18.81 11.39
N GLU A 526 -38.18 -19.49 12.23
CA GLU A 526 -38.31 -19.07 13.61
C GLU A 526 -37.06 -19.37 14.42
N ASN A 527 -36.72 -18.46 15.33
CA ASN A 527 -35.56 -18.63 16.20
C ASN A 527 -35.80 -19.79 17.16
N ALA A 528 -34.74 -20.56 17.43
CA ALA A 528 -34.89 -21.80 18.18
C ALA A 528 -33.74 -21.96 19.15
N VAL A 529 -34.00 -22.77 20.17
CA VAL A 529 -33.00 -23.20 21.15
C VAL A 529 -32.32 -24.46 20.63
N LEU A 530 -31.02 -24.57 20.89
CA LEU A 530 -30.25 -25.73 20.45
C LEU A 530 -30.88 -27.02 20.96
N GLY A 531 -31.27 -27.90 20.03
CA GLY A 531 -31.91 -29.15 20.35
C GLY A 531 -33.42 -29.11 20.33
N LYS A 532 -34.03 -27.98 19.98
CA LYS A 532 -35.46 -27.90 19.76
C LYS A 532 -35.80 -27.98 18.28
N ASP A 533 -36.98 -28.53 17.99
CA ASP A 533 -37.60 -28.45 16.68
C ASP A 533 -38.03 -27.02 16.39
N PHE A 534 -38.10 -26.67 15.10
CA PHE A 534 -38.57 -25.36 14.72
C PHE A 534 -39.20 -25.38 13.33
N LYS A 535 -40.02 -24.38 13.07
CA LYS A 535 -40.81 -24.31 11.85
C LYS A 535 -40.25 -23.29 10.87
N LEU A 536 -40.20 -23.67 9.60
CA LEU A 536 -39.85 -22.79 8.50
C LEU A 536 -41.09 -22.63 7.63
N SER A 537 -41.52 -21.39 7.41
CA SER A 537 -42.71 -21.12 6.62
C SER A 537 -42.37 -20.36 5.34
N ILE A 538 -42.80 -20.90 4.20
CA ILE A 538 -42.59 -20.31 2.89
C ILE A 538 -43.93 -19.73 2.42
N THR A 539 -43.91 -18.50 1.95
CA THR A 539 -45.10 -17.80 1.49
C THR A 539 -44.91 -17.38 0.03
N PHE A 540 -45.98 -17.53 -0.74
CA PHE A 540 -46.05 -17.10 -2.13
C PHE A 540 -47.26 -16.20 -2.26
N ARG A 541 -47.14 -15.16 -3.07
CA ARG A 541 -48.25 -14.28 -3.37
C ARG A 541 -48.27 -14.04 -4.88
N ASN A 542 -49.44 -14.17 -5.49
CA ASN A 542 -49.64 -13.87 -6.90
C ASN A 542 -50.41 -12.56 -6.96
N ASN A 543 -49.75 -11.51 -7.46
CA ASN A 543 -50.36 -10.19 -7.63
C ASN A 543 -50.85 -9.98 -9.06
N SER A 544 -51.32 -11.04 -9.71
CA SER A 544 -51.78 -10.97 -11.09
C SER A 544 -53.00 -11.84 -11.26
N HIS A 545 -53.81 -11.51 -12.27
CA HIS A 545 -54.98 -12.29 -12.61
C HIS A 545 -54.66 -13.59 -13.35
N ASN A 546 -53.38 -13.88 -13.57
CA ASN A 546 -52.99 -15.17 -14.14
C ASN A 546 -52.97 -16.24 -13.07
N ARG A 547 -53.32 -17.46 -13.47
CA ARG A 547 -52.97 -18.63 -12.68
C ARG A 547 -51.54 -19.07 -13.03
N TYR A 548 -50.81 -19.53 -12.01
CA TYR A 548 -49.47 -20.08 -12.21
C TYR A 548 -49.33 -21.41 -11.51
N THR A 549 -48.32 -22.17 -11.96
CA THR A 549 -47.80 -23.32 -11.25
C THR A 549 -46.31 -23.13 -11.04
N ILE A 550 -45.83 -23.55 -9.87
CA ILE A 550 -44.48 -23.25 -9.40
C ILE A 550 -43.88 -24.55 -8.86
N THR A 551 -42.63 -24.83 -9.21
CA THR A 551 -41.85 -25.81 -8.49
C THR A 551 -40.81 -25.12 -7.61
N ALA A 552 -40.80 -25.48 -6.32
CA ALA A 552 -39.92 -24.85 -5.35
C ALA A 552 -39.13 -25.91 -4.58
N TYR A 553 -37.90 -25.56 -4.23
CA TYR A 553 -37.01 -26.45 -3.50
C TYR A 553 -36.51 -25.72 -2.27
N LEU A 554 -36.46 -26.44 -1.16
CA LEU A 554 -35.76 -26.03 0.05
C LEU A 554 -34.49 -26.86 0.19
N SER A 555 -33.36 -26.20 0.34
CA SER A 555 -32.10 -26.82 0.75
C SER A 555 -31.66 -26.21 2.07
N ALA A 556 -31.54 -27.03 3.11
CA ALA A 556 -31.09 -26.60 4.42
C ALA A 556 -29.75 -27.22 4.73
N ASN A 557 -28.77 -26.36 5.08
CA ASN A 557 -27.37 -26.72 5.16
C ASN A 557 -26.82 -26.29 6.52
N ILE A 558 -25.93 -27.10 7.09
CA ILE A 558 -25.16 -26.70 8.26
C ILE A 558 -23.87 -26.03 7.79
N THR A 559 -23.54 -24.87 8.37
CA THR A 559 -22.44 -24.06 7.88
C THR A 559 -21.62 -23.48 9.02
N PHE A 560 -20.35 -23.19 8.71
CA PHE A 560 -19.56 -22.26 9.50
C PHE A 560 -20.14 -20.86 9.40
N TYR A 561 -19.79 -20.00 10.37
CA TYR A 561 -20.30 -18.63 10.31
C TYR A 561 -19.76 -17.87 9.12
N THR A 562 -18.66 -18.34 8.52
CA THR A 562 -18.14 -17.85 7.25
C THR A 562 -19.02 -18.23 6.06
N GLY A 563 -20.12 -18.93 6.29
CA GLY A 563 -21.01 -19.35 5.22
C GLY A 563 -20.56 -20.60 4.50
N VAL A 564 -19.35 -21.09 4.78
CA VAL A 564 -18.85 -22.33 4.19
C VAL A 564 -19.70 -23.51 4.66
N PRO A 565 -20.33 -24.24 3.74
CA PRO A 565 -21.21 -25.33 4.15
C PRO A 565 -20.45 -26.63 4.40
N LYS A 566 -21.03 -27.47 5.26
CA LYS A 566 -20.47 -28.77 5.59
C LYS A 566 -21.34 -29.93 5.11
N ALA A 567 -22.66 -29.83 5.26
CA ALA A 567 -23.56 -30.88 4.82
C ALA A 567 -24.92 -30.26 4.55
N GLU A 568 -25.66 -30.86 3.61
CA GLU A 568 -27.04 -30.49 3.37
C GLU A 568 -27.94 -31.36 4.25
N PHE A 569 -28.32 -30.83 5.41
CA PHE A 569 -29.03 -31.65 6.39
C PHE A 569 -30.50 -31.85 6.05
N LYS A 570 -31.09 -31.00 5.21
CA LYS A 570 -32.47 -31.23 4.78
C LYS A 570 -32.70 -30.76 3.36
N LYS A 571 -33.54 -31.48 2.62
CA LYS A 571 -33.92 -31.08 1.27
C LYS A 571 -35.36 -31.50 1.02
N GLU A 572 -36.16 -30.58 0.47
CA GLU A 572 -37.55 -30.89 0.19
C GLU A 572 -38.00 -30.16 -1.06
N THR A 573 -39.02 -30.72 -1.73
CA THR A 573 -39.61 -30.12 -2.93
C THR A 573 -41.08 -29.85 -2.70
N PHE A 574 -41.57 -28.74 -3.26
CA PHE A 574 -42.98 -28.39 -3.29
C PHE A 574 -43.41 -28.18 -4.73
N ASP A 575 -44.57 -28.72 -5.10
CA ASP A 575 -45.32 -28.27 -6.26
C ASP A 575 -46.54 -27.47 -5.80
N VAL A 576 -46.70 -26.26 -6.37
CA VAL A 576 -47.66 -25.29 -5.85
C VAL A 576 -48.44 -24.73 -7.02
N THR A 577 -49.75 -24.53 -6.84
CA THR A 577 -50.54 -23.70 -7.74
C THR A 577 -50.83 -22.38 -7.05
N LEU A 578 -50.63 -21.27 -7.75
CA LEU A 578 -51.16 -19.98 -7.32
C LEU A 578 -52.31 -19.56 -8.24
N GLU A 579 -53.52 -19.55 -7.69
CA GLU A 579 -54.67 -19.20 -8.52
C GLU A 579 -54.72 -17.68 -8.64
N PRO A 580 -55.41 -17.13 -9.67
CA PRO A 580 -55.37 -15.68 -9.89
C PRO A 580 -55.48 -14.84 -8.63
N LEU A 581 -54.71 -13.75 -8.56
CA LEU A 581 -54.69 -12.81 -7.44
C LEU A 581 -54.91 -13.50 -6.10
N SER A 582 -54.00 -14.37 -5.68
CA SER A 582 -54.19 -15.09 -4.42
C SER A 582 -52.95 -15.06 -3.54
N PHE A 583 -52.70 -16.17 -2.85
CA PHE A 583 -51.54 -16.37 -1.98
C PHE A 583 -51.59 -17.76 -1.36
N LYS A 584 -50.43 -18.36 -1.10
CA LYS A 584 -50.38 -19.71 -0.55
C LYS A 584 -49.18 -19.84 0.38
N LYS A 585 -49.28 -20.77 1.33
CA LYS A 585 -48.26 -20.93 2.36
C LYS A 585 -47.94 -22.40 2.57
N GLU A 586 -46.65 -22.72 2.55
CA GLU A 586 -46.14 -24.04 2.88
C GLU A 586 -45.45 -23.96 4.24
N ALA A 587 -45.53 -25.04 5.00
CA ALA A 587 -44.82 -25.11 6.28
C ALA A 587 -43.96 -26.36 6.35
N VAL A 588 -42.84 -26.25 7.05
CA VAL A 588 -41.89 -27.33 7.24
C VAL A 588 -41.56 -27.40 8.72
N LEU A 589 -41.56 -28.61 9.29
CA LEU A 589 -41.04 -28.83 10.63
C LEU A 589 -39.65 -29.44 10.53
N ILE A 590 -38.66 -28.76 11.11
CA ILE A 590 -37.29 -29.23 11.19
C ILE A 590 -37.07 -29.77 12.59
N GLN A 591 -36.55 -30.99 12.68
CA GLN A 591 -36.41 -31.68 13.95
C GLN A 591 -34.97 -31.66 14.42
N ALA A 592 -34.79 -31.93 15.71
CA ALA A 592 -33.47 -31.92 16.30
C ALA A 592 -32.60 -33.06 15.77
N GLY A 593 -33.20 -34.24 15.56
CA GLY A 593 -32.45 -35.36 15.03
C GLY A 593 -31.93 -35.17 13.62
N GLU A 594 -32.42 -34.17 12.90
CA GLU A 594 -31.86 -33.90 11.57
C GLU A 594 -30.53 -33.17 11.66
N TYR A 595 -30.43 -32.14 12.51
CA TYR A 595 -29.25 -31.29 12.58
C TYR A 595 -28.33 -31.57 13.75
N MET A 596 -28.84 -32.06 14.89
CA MET A 596 -28.05 -32.06 16.13
C MET A 596 -26.78 -32.90 16.04
N GLY A 597 -26.79 -33.98 15.27
CA GLY A 597 -25.58 -34.77 15.14
C GLY A 597 -24.47 -34.17 14.30
N GLN A 598 -24.70 -33.00 13.69
CA GLN A 598 -23.87 -32.53 12.60
C GLN A 598 -23.38 -31.10 12.79
N LEU A 599 -23.95 -30.35 13.74
CA LEU A 599 -23.66 -28.92 13.88
C LEU A 599 -22.19 -28.63 14.12
N LEU A 600 -21.73 -27.54 13.51
CA LEU A 600 -20.42 -26.96 13.73
C LEU A 600 -20.52 -25.93 14.86
N GLU A 601 -19.38 -25.36 15.25
CA GLU A 601 -19.41 -24.30 16.24
C GLU A 601 -20.26 -23.14 15.74
N GLN A 602 -20.79 -22.37 16.68
CA GLN A 602 -21.75 -21.28 16.45
C GLN A 602 -23.05 -21.75 15.81
N ALA A 603 -23.24 -23.07 15.65
CA ALA A 603 -24.55 -23.69 15.40
C ALA A 603 -25.32 -23.01 14.27
N SER A 604 -24.63 -22.68 13.17
CA SER A 604 -25.25 -21.91 12.10
C SER A 604 -25.85 -22.81 11.03
N LEU A 605 -27.04 -22.42 10.58
CA LEU A 605 -27.80 -23.07 9.53
C LEU A 605 -28.06 -22.06 8.43
N HIS A 606 -28.10 -22.53 7.19
CA HIS A 606 -28.39 -21.66 6.05
C HIS A 606 -29.39 -22.35 5.13
N PHE A 607 -30.49 -21.65 4.84
CA PHE A 607 -31.59 -22.17 4.04
C PHE A 607 -31.64 -21.44 2.70
N PHE A 608 -31.66 -22.20 1.60
CA PHE A 608 -32.04 -21.69 0.30
C PHE A 608 -33.47 -22.14 -0.01
N VAL A 609 -34.31 -21.20 -0.40
CA VAL A 609 -35.58 -21.51 -1.07
C VAL A 609 -35.50 -20.96 -2.47
N THR A 610 -35.64 -21.83 -3.47
CA THR A 610 -35.59 -21.39 -4.86
C THR A 610 -36.75 -22.01 -5.62
N ALA A 611 -37.34 -21.26 -6.54
CA ALA A 611 -38.51 -21.75 -7.24
C ALA A 611 -38.51 -21.24 -8.67
N ARG A 612 -38.93 -22.09 -9.59
CA ARG A 612 -39.22 -21.66 -10.95
C ARG A 612 -40.70 -21.73 -11.26
N ILE A 613 -41.25 -20.60 -11.71
CA ILE A 613 -42.62 -20.53 -12.20
C ILE A 613 -42.65 -21.24 -13.54
N ASN A 614 -43.50 -22.25 -13.66
CA ASN A 614 -43.46 -23.10 -14.85
C ASN A 614 -43.82 -22.32 -16.11
N GLU A 615 -44.83 -21.46 -16.04
CA GLU A 615 -45.32 -20.79 -17.24
C GLU A 615 -44.42 -19.64 -17.68
N THR A 616 -43.99 -18.78 -16.76
CA THR A 616 -43.18 -17.64 -17.17
C THR A 616 -41.67 -17.91 -17.14
N ARG A 617 -41.24 -19.07 -16.63
CA ARG A 617 -39.83 -19.41 -16.42
C ARG A 617 -39.04 -18.53 -15.43
N ASP A 618 -39.64 -17.51 -14.83
CA ASP A 618 -38.88 -16.70 -13.88
C ASP A 618 -38.39 -17.53 -12.71
N VAL A 619 -37.24 -17.16 -12.16
CA VAL A 619 -36.70 -17.77 -10.95
C VAL A 619 -36.89 -16.80 -9.78
N LEU A 620 -37.39 -17.31 -8.67
CA LEU A 620 -37.39 -16.66 -7.37
C LEU A 620 -36.36 -17.35 -6.48
N ALA A 621 -35.50 -16.57 -5.83
CA ALA A 621 -34.49 -17.17 -4.96
C ALA A 621 -34.34 -16.34 -3.70
N LYS A 622 -34.29 -17.03 -2.55
CA LYS A 622 -34.09 -16.40 -1.26
C LYS A 622 -33.19 -17.30 -0.41
N GLN A 623 -32.43 -16.68 0.49
CA GLN A 623 -31.64 -17.45 1.43
C GLN A 623 -31.57 -16.74 2.78
N LYS A 624 -31.61 -17.52 3.86
CA LYS A 624 -31.53 -16.98 5.22
C LYS A 624 -30.70 -17.89 6.12
N SER A 625 -29.83 -17.28 6.91
CA SER A 625 -29.17 -17.96 8.02
C SER A 625 -30.09 -17.98 9.24
N THR A 626 -29.79 -18.89 10.18
CA THR A 626 -30.11 -18.71 11.60
C THR A 626 -29.06 -19.39 12.48
N VAL A 627 -28.97 -18.91 13.72
CA VAL A 627 -28.03 -19.42 14.70
C VAL A 627 -28.82 -19.96 15.90
N LEU A 628 -28.63 -21.22 16.23
CA LEU A 628 -29.28 -21.80 17.40
C LEU A 628 -28.76 -21.17 18.69
N THR A 629 -29.68 -20.87 19.61
CA THR A 629 -29.32 -20.28 20.90
C THR A 629 -28.78 -21.34 21.85
N ILE A 630 -27.63 -21.08 22.45
CA ILE A 630 -27.00 -21.95 23.43
C ILE A 630 -27.11 -21.31 24.81
N PRO A 631 -27.61 -22.03 25.82
CA PRO A 631 -27.79 -21.43 27.15
C PRO A 631 -26.51 -20.85 27.75
N GLU A 632 -26.68 -19.76 28.50
CA GLU A 632 -25.56 -19.01 29.06
C GLU A 632 -24.92 -19.74 30.24
N ILE A 633 -23.62 -19.51 30.41
CA ILE A 633 -22.93 -19.79 31.67
C ILE A 633 -23.38 -18.80 32.73
N ILE A 634 -23.51 -19.27 33.98
CA ILE A 634 -23.94 -18.43 35.09
C ILE A 634 -22.76 -18.12 35.99
N ILE A 635 -22.54 -16.83 36.25
CA ILE A 635 -21.55 -16.37 37.21
C ILE A 635 -22.27 -15.80 38.44
N LYS A 636 -21.78 -16.15 39.63
CA LYS A 636 -22.25 -15.61 40.88
C LYS A 636 -21.05 -15.21 41.73
N VAL A 637 -21.28 -14.32 42.70
CA VAL A 637 -20.23 -13.90 43.62
C VAL A 637 -20.76 -13.88 45.06
N ARG A 638 -19.82 -13.99 45.99
CA ARG A 638 -20.10 -13.89 47.43
C ARG A 638 -19.01 -13.06 48.09
N GLY A 639 -19.38 -12.46 49.23
CA GLY A 639 -18.47 -11.73 50.08
C GLY A 639 -18.30 -10.27 49.72
N THR A 640 -17.33 -9.66 50.41
CA THR A 640 -17.06 -8.23 50.30
C THR A 640 -16.48 -7.90 48.94
N GLN A 641 -17.28 -7.24 48.09
CA GLN A 641 -16.80 -6.71 46.82
C GLN A 641 -16.00 -5.43 47.06
N VAL A 642 -14.83 -5.60 47.67
CA VAL A 642 -13.99 -4.50 48.08
C VAL A 642 -12.57 -4.74 47.59
N VAL A 643 -11.94 -3.69 47.04
CA VAL A 643 -10.57 -3.80 46.57
C VAL A 643 -9.69 -4.35 47.68
N GLY A 644 -8.85 -5.34 47.32
CA GLY A 644 -7.97 -5.98 48.27
C GLY A 644 -8.63 -6.95 49.22
N SER A 645 -9.95 -6.96 49.33
CA SER A 645 -10.64 -8.00 50.07
C SER A 645 -10.80 -9.24 49.20
N ASP A 646 -10.89 -10.40 49.84
CA ASP A 646 -11.24 -11.61 49.13
C ASP A 646 -12.71 -11.61 48.72
N MET A 647 -12.97 -12.17 47.54
CA MET A 647 -14.32 -12.34 47.01
C MET A 647 -14.38 -13.73 46.39
N THR A 648 -15.49 -14.43 46.58
CA THR A 648 -15.64 -15.77 46.04
C THR A 648 -16.46 -15.74 44.75
N VAL A 649 -15.89 -16.24 43.66
CA VAL A 649 -16.55 -16.31 42.37
C VAL A 649 -16.93 -17.76 42.10
N THR A 650 -18.21 -17.97 41.77
CA THR A 650 -18.74 -19.27 41.37
C THR A 650 -19.11 -19.21 39.88
N VAL A 651 -18.57 -20.13 39.10
CA VAL A 651 -18.92 -20.32 37.70
C VAL A 651 -19.70 -21.62 37.60
N GLU A 652 -20.88 -21.56 36.98
CA GLU A 652 -21.77 -22.70 36.87
C GLU A 652 -22.07 -22.92 35.39
N PHE A 653 -21.97 -24.18 34.96
CA PHE A 653 -22.33 -24.56 33.60
C PHE A 653 -23.15 -25.82 33.61
N THR A 654 -24.26 -25.81 32.86
CA THR A 654 -25.15 -26.97 32.72
C THR A 654 -25.04 -27.48 31.30
N ASN A 655 -24.67 -28.74 31.15
CA ASN A 655 -24.55 -29.35 29.83
C ASN A 655 -25.94 -29.37 29.17
N PRO A 656 -26.14 -28.68 28.05
CA PRO A 656 -27.47 -28.64 27.44
C PRO A 656 -27.77 -29.81 26.52
N LEU A 657 -26.76 -30.57 26.11
CA LEU A 657 -26.92 -31.58 25.08
C LEU A 657 -27.53 -32.86 25.64
N LYS A 658 -27.93 -33.74 24.72
CA LYS A 658 -28.27 -35.13 24.99
C LYS A 658 -27.04 -36.01 25.24
N GLU A 659 -25.84 -35.44 25.24
CA GLU A 659 -24.61 -36.23 25.24
C GLU A 659 -23.65 -35.70 26.29
N THR A 660 -22.73 -36.58 26.69
CA THR A 660 -21.66 -36.21 27.62
C THR A 660 -20.62 -35.35 26.92
N LEU A 661 -20.43 -34.13 27.43
CA LEU A 661 -19.34 -33.29 26.98
C LEU A 661 -18.02 -33.82 27.55
N ARG A 662 -16.95 -33.71 26.76
CA ARG A 662 -15.65 -34.24 27.13
C ARG A 662 -14.56 -33.17 26.98
N ASN A 663 -13.57 -33.25 27.87
CA ASN A 663 -12.44 -32.31 27.92
C ASN A 663 -12.93 -30.85 27.99
N VAL A 664 -13.87 -30.61 28.90
CA VAL A 664 -14.50 -29.29 29.01
C VAL A 664 -13.58 -28.30 29.68
N TRP A 665 -13.21 -27.25 28.95
CA TRP A 665 -12.44 -26.14 29.51
C TRP A 665 -13.42 -25.00 29.80
N VAL A 666 -13.34 -24.47 31.01
CA VAL A 666 -14.07 -23.26 31.40
C VAL A 666 -13.05 -22.17 31.69
N HIS A 667 -13.25 -20.99 31.10
CA HIS A 667 -12.36 -19.87 31.32
C HIS A 667 -13.09 -18.77 32.07
N LEU A 668 -12.33 -18.07 32.91
CA LEU A 668 -12.82 -16.94 33.71
C LEU A 668 -11.84 -15.78 33.58
N ASP A 669 -12.38 -14.57 33.49
CA ASP A 669 -11.59 -13.38 33.19
C ASP A 669 -12.36 -12.17 33.71
N GLY A 670 -11.66 -11.05 33.79
CA GLY A 670 -12.27 -9.81 34.20
C GLY A 670 -11.24 -8.81 34.66
N PRO A 671 -10.98 -7.80 33.81
CA PRO A 671 -9.84 -6.91 34.07
C PRO A 671 -10.02 -6.12 35.35
N GLY A 672 -8.97 -6.08 36.16
CA GLY A 672 -9.01 -5.52 37.49
C GLY A 672 -9.68 -6.37 38.54
N VAL A 673 -10.33 -7.47 38.17
CA VAL A 673 -11.02 -8.34 39.12
C VAL A 673 -10.26 -9.65 39.31
N THR A 674 -9.85 -10.27 38.21
CA THR A 674 -9.11 -11.52 38.27
C THR A 674 -8.18 -11.62 37.08
N ARG A 675 -7.05 -12.29 37.28
CA ARG A 675 -6.26 -12.73 36.14
C ARG A 675 -7.08 -13.73 35.33
N PRO A 676 -6.74 -13.92 34.06
CA PRO A 676 -7.30 -15.03 33.30
C PRO A 676 -6.96 -16.40 33.90
N MET A 677 -8.01 -17.20 34.12
CA MET A 677 -7.90 -18.52 34.72
C MET A 677 -8.74 -19.49 33.91
N LYS A 678 -8.37 -20.77 33.99
CA LYS A 678 -9.16 -21.79 33.33
C LYS A 678 -9.12 -23.08 34.14
N LYS A 679 -10.17 -23.88 33.95
CA LYS A 679 -10.41 -25.11 34.69
C LYS A 679 -10.79 -26.20 33.70
N MET A 680 -10.33 -27.42 33.96
CA MET A 680 -10.60 -28.57 33.13
C MET A 680 -11.48 -29.57 33.85
N PHE A 681 -12.60 -29.95 33.23
CA PHE A 681 -13.46 -31.05 33.66
C PHE A 681 -13.37 -32.19 32.66
N ARG A 682 -13.09 -33.40 33.15
CA ARG A 682 -12.97 -34.55 32.27
C ARG A 682 -14.23 -34.78 31.45
N GLU A 683 -15.39 -34.80 32.11
CA GLU A 683 -16.65 -35.02 31.43
C GLU A 683 -17.78 -34.35 32.19
N ILE A 684 -18.83 -33.96 31.46
CA ILE A 684 -20.03 -33.40 32.05
C ILE A 684 -21.18 -34.18 31.44
N ARG A 685 -21.73 -35.13 32.19
CA ARG A 685 -22.84 -35.94 31.72
C ARG A 685 -24.08 -35.09 31.49
N PRO A 686 -24.92 -35.45 30.51
CA PRO A 686 -26.17 -34.73 30.32
C PRO A 686 -27.16 -35.10 31.42
N ASN A 687 -27.94 -34.11 31.87
CA ASN A 687 -27.82 -32.67 31.68
C ASN A 687 -27.18 -32.06 32.92
N SER A 688 -26.17 -32.74 33.45
CA SER A 688 -25.65 -32.38 34.76
C SER A 688 -24.89 -31.06 34.73
N THR A 689 -24.75 -30.47 35.91
CA THR A 689 -24.16 -29.16 36.09
C THR A 689 -22.83 -29.27 36.83
N VAL A 690 -21.79 -28.64 36.28
CA VAL A 690 -20.55 -28.42 37.00
C VAL A 690 -20.56 -27.03 37.63
N GLN A 691 -19.86 -26.93 38.77
CA GLN A 691 -19.51 -25.67 39.40
C GLN A 691 -18.02 -25.61 39.64
N TRP A 692 -17.49 -24.38 39.56
CA TRP A 692 -16.10 -24.05 39.85
C TRP A 692 -16.11 -22.85 40.78
N GLU A 693 -15.30 -22.90 41.83
CA GLU A 693 -15.16 -21.76 42.73
C GLU A 693 -13.71 -21.31 42.83
N GLU A 694 -13.53 -19.99 42.76
CA GLU A 694 -12.24 -19.34 42.98
C GLU A 694 -12.38 -18.23 44.01
N VAL A 695 -11.31 -17.97 44.75
CA VAL A 695 -11.20 -16.78 45.59
C VAL A 695 -10.28 -15.79 44.88
N CYS A 696 -10.82 -14.61 44.58
CA CYS A 696 -10.11 -13.59 43.85
C CYS A 696 -10.13 -12.28 44.61
N ARG A 697 -9.10 -11.45 44.42
CA ARG A 697 -8.86 -10.27 45.24
C ARG A 697 -8.81 -9.04 44.33
N PRO A 698 -9.96 -8.43 44.04
CA PRO A 698 -9.99 -7.38 43.01
C PRO A 698 -9.12 -6.19 43.36
N TRP A 699 -8.54 -5.58 42.31
CA TRP A 699 -7.64 -4.44 42.48
C TRP A 699 -8.11 -3.18 41.77
N VAL A 700 -9.23 -3.21 41.04
CA VAL A 700 -9.81 -2.03 40.41
C VAL A 700 -11.25 -1.85 40.89
N SER A 701 -11.55 -0.66 41.39
CA SER A 701 -12.84 -0.26 41.91
C SER A 701 -13.82 0.15 40.80
N GLY A 702 -15.05 0.37 41.21
CA GLY A 702 -16.11 0.79 40.31
C GLY A 702 -16.82 -0.39 39.66
N HIS A 703 -17.54 -0.06 38.59
CA HIS A 703 -18.21 -1.08 37.80
C HIS A 703 -17.18 -1.92 37.06
N ARG A 704 -17.28 -3.24 37.20
CA ARG A 704 -16.36 -4.18 36.61
C ARG A 704 -17.20 -5.32 36.06
N LYS A 705 -16.58 -6.18 35.26
CA LYS A 705 -17.30 -7.32 34.71
C LYS A 705 -16.48 -8.58 34.87
N LEU A 706 -17.16 -9.66 35.25
CA LEU A 706 -16.65 -11.02 35.14
C LEU A 706 -17.16 -11.66 33.87
N ILE A 707 -16.27 -12.39 33.19
CA ILE A 707 -16.51 -12.98 31.88
C ILE A 707 -16.11 -14.44 31.96
N ALA A 708 -16.94 -15.32 31.41
CA ALA A 708 -16.63 -16.74 31.39
C ALA A 708 -16.95 -17.30 30.02
N SER A 709 -16.28 -18.41 29.70
CA SER A 709 -16.48 -19.10 28.45
C SER A 709 -16.34 -20.60 28.66
N MET A 710 -16.89 -21.35 27.71
CA MET A 710 -16.83 -22.81 27.68
C MET A 710 -16.38 -23.30 26.32
N SER A 711 -15.54 -24.33 26.33
CA SER A 711 -15.20 -25.07 25.11
C SER A 711 -15.02 -26.55 25.44
N SER A 712 -15.22 -27.39 24.44
CA SER A 712 -15.13 -28.83 24.63
C SER A 712 -14.87 -29.48 23.28
N ASP A 713 -14.75 -30.82 23.29
CA ASP A 713 -14.54 -31.55 22.05
C ASP A 713 -15.74 -31.47 21.11
N SER A 714 -16.92 -31.14 21.62
CA SER A 714 -18.13 -31.11 20.81
C SER A 714 -19.00 -29.87 21.00
N LEU A 715 -18.81 -29.09 22.06
CA LEU A 715 -19.54 -27.85 22.24
C LEU A 715 -18.59 -26.75 22.66
N ARG A 716 -18.75 -25.57 22.06
CA ARG A 716 -17.94 -24.40 22.33
C ARG A 716 -18.69 -23.19 21.79
N HIS A 717 -18.12 -22.01 22.03
CA HIS A 717 -18.78 -20.72 21.77
C HIS A 717 -19.96 -20.50 22.71
N VAL A 718 -19.75 -20.84 23.99
CA VAL A 718 -20.72 -20.64 25.05
C VAL A 718 -20.12 -19.65 26.03
N TYR A 719 -20.90 -18.65 26.44
CA TYR A 719 -20.36 -17.53 27.20
C TYR A 719 -21.26 -17.18 28.37
N GLY A 720 -20.73 -16.38 29.28
CA GLY A 720 -21.49 -15.82 30.37
C GLY A 720 -20.78 -14.61 30.96
N GLU A 721 -21.55 -13.78 31.67
CA GLU A 721 -20.94 -12.59 32.25
C GLU A 721 -21.77 -12.11 33.44
N LEU A 722 -21.13 -11.28 34.27
CA LEU A 722 -21.77 -10.67 35.43
C LEU A 722 -21.15 -9.30 35.70
N ASP A 723 -21.98 -8.27 35.81
CA ASP A 723 -21.53 -6.99 36.32
C ASP A 723 -21.37 -7.03 37.84
N VAL A 724 -20.25 -6.50 38.34
CA VAL A 724 -20.01 -6.38 39.78
C VAL A 724 -19.55 -4.97 40.11
N GLN A 725 -20.12 -4.39 41.17
CA GLN A 725 -19.57 -3.17 41.78
C GLN A 725 -18.49 -3.55 42.79
N ILE A 726 -17.28 -3.05 42.59
CA ILE A 726 -16.22 -3.22 43.59
C ILE A 726 -16.00 -1.91 44.34
N GLN A 727 -16.19 -1.93 45.66
CA GLN A 727 -15.98 -0.74 46.47
C GLN A 727 -14.50 -0.41 46.59
N ARG A 728 -14.20 0.88 46.74
CA ARG A 728 -12.86 1.30 47.11
C ARG A 728 -12.45 0.73 48.46
N ARG A 729 -11.17 0.36 48.56
CA ARG A 729 -10.65 -0.19 49.81
C ARG A 729 -10.65 0.89 50.90
N PRO A 730 -10.81 0.49 52.17
CA PRO A 730 -10.84 1.43 53.29
C PRO A 730 -9.62 2.34 53.35
N PHE B 9 -12.53 -30.81 8.56
CA PHE B 9 -13.27 -29.68 7.99
C PHE B 9 -12.34 -28.46 7.83
N GLY B 10 -12.81 -27.46 7.10
CA GLY B 10 -12.08 -26.23 6.92
C GLY B 10 -12.99 -25.08 6.57
N GLY B 11 -13.32 -24.25 7.57
CA GLY B 11 -14.35 -23.25 7.43
C GLY B 11 -13.89 -21.93 6.86
N ARG B 12 -12.59 -21.75 6.68
CA ARG B 12 -12.08 -20.47 6.21
C ARG B 12 -12.46 -20.21 4.76
N ARG B 13 -12.46 -21.25 3.93
CA ARG B 13 -12.59 -21.07 2.50
C ARG B 13 -13.27 -22.29 1.90
N ALA B 14 -14.16 -22.05 0.93
CA ALA B 14 -14.90 -23.16 0.33
C ALA B 14 -14.03 -24.01 -0.58
N VAL B 15 -12.99 -23.42 -1.18
CA VAL B 15 -12.03 -24.15 -2.00
C VAL B 15 -10.66 -23.54 -1.75
N PRO B 16 -9.58 -24.34 -1.74
CA PRO B 16 -8.25 -23.77 -1.45
C PRO B 16 -7.85 -22.73 -2.49
N PRO B 17 -6.96 -21.81 -2.13
CA PRO B 17 -6.62 -20.70 -3.04
C PRO B 17 -5.88 -21.19 -4.28
N ASN B 18 -6.38 -20.77 -5.45
CA ASN B 18 -5.80 -21.14 -6.74
C ASN B 18 -4.63 -20.19 -7.03
N ASN B 19 -3.48 -20.50 -6.44
CA ASN B 19 -2.35 -19.58 -6.41
C ASN B 19 -1.05 -20.19 -6.93
N SER B 20 -1.10 -21.33 -7.61
CA SER B 20 0.07 -21.93 -8.23
C SER B 20 -0.24 -22.32 -9.66
N ASN B 21 0.54 -21.81 -10.61
CA ASN B 21 0.40 -22.18 -12.00
C ASN B 21 1.00 -23.56 -12.28
N ALA B 22 2.02 -23.96 -11.51
CA ALA B 22 2.57 -25.30 -11.64
C ALA B 22 1.56 -26.37 -11.27
N ALA B 23 0.59 -26.06 -10.43
CA ALA B 23 -0.41 -27.03 -10.01
C ALA B 23 -1.45 -27.26 -11.10
N GLU B 24 -1.94 -28.49 -11.16
CA GLU B 24 -2.90 -28.94 -12.17
C GLU B 24 -3.99 -29.75 -11.50
N ASP B 25 -5.04 -30.03 -12.27
CA ASP B 25 -6.08 -30.97 -11.86
C ASP B 25 -6.45 -31.85 -13.05
N ASP B 26 -7.10 -32.98 -12.74
CA ASP B 26 -7.51 -33.96 -13.74
C ASP B 26 -8.97 -33.74 -14.10
N LEU B 27 -9.20 -32.97 -15.17
CA LEU B 27 -10.55 -32.81 -15.71
C LEU B 27 -11.06 -34.16 -16.20
N PRO B 28 -12.32 -34.50 -15.92
CA PRO B 28 -12.86 -35.79 -16.37
C PRO B 28 -12.85 -35.87 -17.90
N THR B 29 -12.40 -37.02 -18.41
CA THR B 29 -12.52 -37.33 -19.83
C THR B 29 -13.95 -37.63 -20.25
N VAL B 30 -14.83 -38.00 -19.32
CA VAL B 30 -16.28 -38.02 -19.55
C VAL B 30 -16.99 -37.44 -18.33
N GLU B 31 -17.91 -36.50 -18.57
CA GLU B 31 -18.86 -36.08 -17.55
C GLU B 31 -20.25 -36.54 -17.97
N LEU B 32 -20.85 -37.42 -17.18
CA LEU B 32 -22.19 -37.93 -17.44
C LEU B 32 -23.25 -36.94 -16.98
N GLN B 33 -24.31 -36.82 -17.77
CA GLN B 33 -25.46 -36.00 -17.40
C GLN B 33 -26.74 -36.82 -17.52
N GLY B 34 -27.59 -36.72 -16.50
CA GLY B 34 -28.74 -37.59 -16.35
C GLY B 34 -28.41 -39.06 -16.11
N VAL B 35 -29.47 -39.86 -16.16
CA VAL B 35 -29.37 -41.32 -16.17
C VAL B 35 -28.97 -41.77 -17.56
N VAL B 36 -27.67 -41.91 -17.79
CA VAL B 36 -27.18 -42.33 -19.10
C VAL B 36 -27.54 -43.80 -19.34
N PRO B 37 -28.14 -44.13 -20.49
CA PRO B 37 -28.51 -45.53 -20.76
C PRO B 37 -27.30 -46.44 -20.81
N ARG B 38 -27.58 -47.74 -20.75
CA ARG B 38 -26.58 -48.75 -21.05
C ARG B 38 -26.20 -48.71 -22.53
N GLY B 39 -24.90 -48.72 -22.79
CA GLY B 39 -24.39 -48.93 -24.14
C GLY B 39 -24.74 -47.84 -25.14
N VAL B 40 -24.75 -46.58 -24.70
CA VAL B 40 -24.98 -45.46 -25.60
C VAL B 40 -23.94 -45.46 -26.71
N ASN B 41 -24.41 -45.28 -27.95
CA ASN B 41 -23.52 -45.18 -29.12
C ASN B 41 -22.87 -43.79 -29.18
N LEU B 42 -21.97 -43.55 -28.22
CA LEU B 42 -21.29 -42.26 -28.11
C LEU B 42 -20.52 -41.90 -29.38
N GLN B 43 -20.15 -42.89 -30.19
CA GLN B 43 -19.47 -42.68 -31.46
C GLN B 43 -20.31 -41.94 -32.49
N GLU B 44 -21.61 -41.76 -32.25
CA GLU B 44 -22.39 -40.82 -33.05
C GLU B 44 -22.00 -39.38 -32.77
N PHE B 45 -21.56 -39.08 -31.54
CA PHE B 45 -21.03 -37.76 -31.24
C PHE B 45 -19.58 -37.63 -31.75
N LEU B 46 -19.16 -36.37 -31.91
CA LEU B 46 -17.79 -36.08 -32.32
C LEU B 46 -16.78 -36.54 -31.27
N ASN B 47 -15.63 -37.01 -31.75
CA ASN B 47 -14.46 -37.26 -30.93
C ASN B 47 -13.26 -36.60 -31.58
N VAL B 48 -12.45 -35.92 -30.77
CA VAL B 48 -11.28 -35.20 -31.28
C VAL B 48 -10.12 -36.16 -31.43
N THR B 49 -9.55 -36.21 -32.63
CA THR B 49 -8.42 -37.07 -32.95
C THR B 49 -7.08 -36.36 -32.88
N SER B 50 -7.03 -35.08 -33.27
CA SER B 50 -5.81 -34.29 -33.10
C SER B 50 -6.14 -32.81 -33.03
N VAL B 51 -5.24 -32.05 -32.40
CA VAL B 51 -5.31 -30.60 -32.35
C VAL B 51 -3.97 -30.03 -32.80
N HIS B 52 -4.01 -29.10 -33.75
CA HIS B 52 -2.83 -28.42 -34.27
C HIS B 52 -2.84 -26.97 -33.82
N LEU B 53 -1.71 -26.49 -33.29
CA LEU B 53 -1.60 -25.13 -32.82
C LEU B 53 -0.80 -24.21 -33.75
N PHE B 54 -0.27 -24.73 -34.86
CA PHE B 54 0.57 -23.95 -35.77
C PHE B 54 1.65 -23.18 -35.02
N LYS B 55 2.25 -23.83 -34.03
CA LYS B 55 3.10 -23.20 -33.02
C LYS B 55 4.55 -23.01 -33.47
N GLU B 56 4.89 -23.30 -34.71
CA GLU B 56 6.26 -23.13 -35.18
C GLU B 56 6.68 -21.66 -35.19
N ARG B 57 7.94 -21.41 -34.82
CA ARG B 57 8.41 -20.05 -34.56
C ARG B 57 8.42 -19.19 -35.82
N TRP B 58 8.56 -19.81 -36.99
CA TRP B 58 8.47 -19.14 -38.27
C TRP B 58 7.04 -18.93 -38.74
N ASP B 59 6.06 -19.49 -38.06
CA ASP B 59 4.68 -19.47 -38.50
C ASP B 59 3.94 -18.22 -38.01
N THR B 60 2.89 -17.88 -38.76
CA THR B 60 2.07 -16.70 -38.52
C THR B 60 1.66 -16.47 -37.06
N ASN B 61 1.36 -17.54 -36.32
CA ASN B 61 0.92 -17.37 -34.93
C ASN B 61 1.99 -16.69 -34.07
N LYS B 62 3.20 -17.23 -34.05
CA LYS B 62 4.26 -16.59 -33.25
C LYS B 62 4.79 -15.30 -33.88
N VAL B 63 4.83 -15.21 -35.20
CA VAL B 63 5.33 -13.99 -35.83
C VAL B 63 4.40 -12.81 -35.55
N ASP B 64 3.10 -12.98 -35.78
CA ASP B 64 2.15 -11.88 -35.56
C ASP B 64 1.93 -11.56 -34.08
N HIS B 65 2.19 -12.51 -33.19
CA HIS B 65 2.13 -12.27 -31.76
C HIS B 65 3.43 -11.76 -31.16
N HIS B 66 4.50 -11.70 -31.97
CA HIS B 66 5.84 -11.31 -31.50
C HIS B 66 6.33 -12.20 -30.37
N THR B 67 6.11 -13.51 -30.50
CA THR B 67 6.56 -14.48 -29.50
C THR B 67 7.53 -15.48 -30.10
N ASP B 68 8.00 -15.24 -31.33
CA ASP B 68 8.95 -16.12 -32.00
C ASP B 68 10.36 -16.04 -31.42
N LYS B 69 10.67 -15.01 -30.64
CA LYS B 69 11.99 -14.91 -30.03
C LYS B 69 12.18 -15.92 -28.90
N TYR B 70 11.12 -16.29 -28.19
CA TYR B 70 11.26 -17.17 -27.03
C TYR B 70 11.80 -18.53 -27.45
N GLU B 71 12.82 -18.99 -26.72
CA GLU B 71 13.39 -20.33 -26.91
C GLU B 71 12.50 -21.39 -26.23
N ASN B 72 11.28 -21.51 -26.75
CA ASN B 72 10.28 -22.38 -26.15
C ASN B 72 9.47 -22.99 -27.29
N ASN B 73 9.31 -24.32 -27.25
CA ASN B 73 8.64 -25.03 -28.33
C ASN B 73 7.12 -25.02 -28.20
N LYS B 74 6.58 -24.61 -27.06
CA LYS B 74 5.12 -24.56 -26.94
C LYS B 74 4.57 -23.30 -27.59
N LEU B 75 3.24 -23.28 -27.75
CA LEU B 75 2.59 -22.10 -28.29
C LEU B 75 2.63 -20.97 -27.28
N ILE B 76 3.03 -19.79 -27.75
CA ILE B 76 3.02 -18.58 -26.94
C ILE B 76 2.29 -17.50 -27.73
N VAL B 77 1.26 -16.91 -27.11
CA VAL B 77 0.45 -15.87 -27.71
C VAL B 77 0.29 -14.76 -26.69
N ARG B 78 -0.07 -13.58 -27.19
CA ARG B 78 -0.34 -12.42 -26.34
C ARG B 78 -1.84 -12.17 -26.29
N ARG B 79 -2.33 -11.88 -25.09
CA ARG B 79 -3.76 -11.75 -24.85
C ARG B 79 -4.38 -10.67 -25.74
N GLY B 80 -5.69 -10.75 -25.90
CA GLY B 80 -6.42 -9.73 -26.63
C GLY B 80 -6.25 -9.75 -28.13
N GLN B 81 -5.60 -10.79 -28.68
CA GLN B 81 -5.32 -10.87 -30.10
C GLN B 81 -5.61 -12.30 -30.57
N SER B 82 -6.06 -12.43 -31.81
CA SER B 82 -6.51 -13.72 -32.31
C SER B 82 -5.34 -14.57 -32.80
N PHE B 83 -5.55 -15.89 -32.75
CA PHE B 83 -4.58 -16.86 -33.23
C PHE B 83 -5.32 -18.08 -33.78
N TYR B 84 -4.68 -18.79 -34.69
CA TYR B 84 -5.29 -19.94 -35.35
C TYR B 84 -4.97 -21.24 -34.65
N VAL B 85 -5.95 -22.15 -34.65
CA VAL B 85 -5.76 -23.56 -34.33
C VAL B 85 -6.57 -24.38 -35.33
N GLN B 86 -6.26 -25.68 -35.42
CA GLN B 86 -7.09 -26.60 -36.18
C GLN B 86 -7.42 -27.83 -35.35
N ILE B 87 -8.69 -28.25 -35.41
CA ILE B 87 -9.18 -29.44 -34.74
C ILE B 87 -9.61 -30.46 -35.79
N ASP B 88 -9.15 -31.69 -35.63
CA ASP B 88 -9.52 -32.80 -36.50
C ASP B 88 -10.44 -33.74 -35.72
N PHE B 89 -11.64 -33.98 -36.25
CA PHE B 89 -12.62 -34.81 -35.57
C PHE B 89 -12.64 -36.23 -36.15
N SER B 90 -13.39 -37.10 -35.47
CA SER B 90 -13.67 -38.44 -35.97
C SER B 90 -14.53 -38.41 -37.23
N ARG B 91 -15.32 -37.36 -37.42
CA ARG B 91 -16.16 -37.19 -38.58
C ARG B 91 -16.34 -35.69 -38.80
N PRO B 92 -16.82 -35.28 -39.98
CA PRO B 92 -17.08 -33.85 -40.19
C PRO B 92 -18.00 -33.27 -39.12
N TYR B 93 -17.68 -32.06 -38.70
CA TYR B 93 -18.54 -31.27 -37.82
C TYR B 93 -19.77 -30.78 -38.58
N ASP B 94 -20.92 -30.81 -37.90
CA ASP B 94 -22.22 -30.52 -38.51
C ASP B 94 -22.98 -29.58 -37.59
N PRO B 95 -22.77 -28.25 -37.74
CA PRO B 95 -23.38 -27.25 -36.84
C PRO B 95 -24.80 -27.50 -36.36
N ARG B 96 -25.62 -28.19 -37.16
CA ARG B 96 -26.97 -28.50 -36.70
C ARG B 96 -26.96 -29.43 -35.50
N ARG B 97 -26.07 -30.42 -35.47
CA ARG B 97 -26.11 -31.44 -34.44
C ARG B 97 -24.88 -31.48 -33.54
N ASP B 98 -23.87 -30.66 -33.78
CA ASP B 98 -22.59 -30.79 -33.08
C ASP B 98 -22.28 -29.52 -32.31
N LEU B 99 -22.31 -29.60 -30.99
CA LEU B 99 -21.83 -28.52 -30.13
C LEU B 99 -20.46 -28.90 -29.55
N PHE B 100 -19.49 -27.99 -29.65
CA PHE B 100 -18.21 -28.19 -29.01
C PHE B 100 -17.63 -26.84 -28.64
N ARG B 101 -16.64 -26.87 -27.74
CA ARG B 101 -15.90 -25.67 -27.38
C ARG B 101 -14.48 -26.03 -26.97
N VAL B 102 -13.59 -25.05 -27.10
CA VAL B 102 -12.27 -25.10 -26.48
C VAL B 102 -12.37 -24.64 -25.03
N GLU B 103 -11.64 -25.31 -24.14
CA GLU B 103 -11.50 -24.89 -22.74
C GLU B 103 -10.04 -24.57 -22.45
N TYR B 104 -9.78 -23.41 -21.89
CA TYR B 104 -8.47 -23.10 -21.32
C TYR B 104 -8.54 -23.13 -19.78
N VAL B 105 -7.59 -23.81 -19.16
CA VAL B 105 -7.65 -24.12 -17.74
C VAL B 105 -6.31 -23.82 -17.11
N ILE B 106 -6.31 -23.19 -15.93
CA ILE B 106 -5.07 -22.83 -15.26
C ILE B 106 -5.22 -23.07 -13.75
N GLY B 107 -4.16 -23.60 -13.14
CA GLY B 107 -4.14 -23.92 -11.73
C GLY B 107 -4.88 -25.18 -11.34
N ARG B 108 -4.90 -25.41 -10.02
CA ARG B 108 -5.49 -26.60 -9.42
C ARG B 108 -6.98 -26.46 -9.15
N TYR B 109 -7.47 -25.24 -8.95
CA TYR B 109 -8.87 -24.98 -8.60
C TYR B 109 -9.54 -24.04 -9.60
N PRO B 110 -9.54 -24.38 -10.89
CA PRO B 110 -10.06 -23.43 -11.88
C PRO B 110 -11.55 -23.23 -11.75
N GLN B 111 -11.96 -21.97 -11.83
CA GLN B 111 -13.37 -21.58 -11.71
C GLN B 111 -13.68 -20.55 -12.78
N GLU B 112 -14.88 -20.64 -13.36
CA GLU B 112 -15.21 -19.79 -14.50
C GLU B 112 -15.34 -18.34 -14.08
N ASN B 113 -16.05 -18.07 -12.97
CA ASN B 113 -16.21 -16.70 -12.49
C ASN B 113 -14.90 -16.11 -11.96
N LYS B 114 -13.93 -16.94 -11.57
CA LYS B 114 -12.59 -16.46 -11.23
C LYS B 114 -11.68 -16.30 -12.44
N GLY B 115 -12.17 -16.58 -13.64
CA GLY B 115 -11.38 -16.44 -14.84
C GLY B 115 -10.34 -17.51 -15.08
N THR B 116 -10.31 -18.55 -14.26
CA THR B 116 -9.27 -19.58 -14.35
C THR B 116 -9.75 -20.84 -15.06
N TYR B 117 -11.06 -20.96 -15.29
CA TYR B 117 -11.62 -21.85 -16.30
C TYR B 117 -12.29 -20.98 -17.36
N ILE B 118 -11.90 -21.18 -18.61
CA ILE B 118 -12.29 -20.29 -19.70
C ILE B 118 -12.90 -21.13 -20.82
N PRO B 119 -14.24 -21.20 -20.90
CA PRO B 119 -14.90 -21.80 -22.06
C PRO B 119 -14.94 -20.80 -23.20
N VAL B 120 -14.43 -21.20 -24.37
CA VAL B 120 -14.38 -20.33 -25.54
C VAL B 120 -15.55 -20.70 -26.44
N PRO B 121 -16.58 -19.86 -26.53
CA PRO B 121 -17.73 -20.19 -27.39
C PRO B 121 -17.37 -20.13 -28.86
N ILE B 122 -17.95 -21.04 -29.64
CA ILE B 122 -17.95 -20.89 -31.09
C ILE B 122 -18.93 -19.79 -31.48
N VAL B 123 -18.44 -18.83 -32.27
CA VAL B 123 -19.23 -17.64 -32.60
C VAL B 123 -19.14 -17.34 -34.09
N SER B 124 -20.10 -16.56 -34.57
CA SER B 124 -20.11 -16.11 -35.95
C SER B 124 -19.06 -15.04 -36.21
N GLU B 125 -18.88 -14.12 -35.27
CA GLU B 125 -17.85 -13.10 -35.35
C GLU B 125 -17.23 -12.90 -33.97
N LEU B 126 -15.92 -12.69 -33.94
CA LEU B 126 -15.21 -12.45 -32.69
C LEU B 126 -15.59 -11.07 -32.16
N GLN B 127 -16.30 -11.05 -31.03
CA GLN B 127 -16.64 -9.79 -30.39
C GLN B 127 -15.41 -9.15 -29.77
N SER B 128 -15.34 -7.83 -29.83
CA SER B 128 -14.21 -7.10 -29.26
C SER B 128 -14.16 -7.27 -27.75
N GLY B 129 -13.01 -7.72 -27.25
CA GLY B 129 -12.81 -7.87 -25.82
C GLY B 129 -13.43 -9.09 -25.19
N LYS B 130 -13.89 -10.05 -25.99
CA LYS B 130 -14.52 -11.26 -25.48
C LYS B 130 -13.75 -12.48 -25.93
N TRP B 131 -13.70 -13.50 -25.08
CA TRP B 131 -13.24 -14.81 -25.49
C TRP B 131 -14.21 -15.39 -26.52
N GLY B 132 -13.68 -15.90 -27.61
CA GLY B 132 -14.51 -16.48 -28.65
C GLY B 132 -13.66 -17.16 -29.69
N ALA B 133 -14.29 -18.10 -30.41
CA ALA B 133 -13.64 -18.83 -31.49
C ALA B 133 -14.51 -18.76 -32.73
N LYS B 134 -13.90 -18.37 -33.85
CA LYS B 134 -14.58 -18.28 -35.14
C LYS B 134 -14.10 -19.42 -36.03
N ILE B 135 -15.05 -20.16 -36.59
CA ILE B 135 -14.70 -21.15 -37.61
C ILE B 135 -14.33 -20.39 -38.88
N VAL B 136 -13.04 -20.39 -39.24
CA VAL B 136 -12.61 -19.71 -40.46
C VAL B 136 -12.62 -20.62 -41.67
N MET B 137 -12.55 -21.94 -41.47
CA MET B 137 -12.62 -22.89 -42.56
C MET B 137 -13.09 -24.23 -42.00
N ARG B 138 -13.77 -24.99 -42.86
CA ARG B 138 -13.98 -26.42 -42.65
C ARG B 138 -13.56 -27.17 -43.90
N GLU B 139 -12.86 -28.28 -43.72
CA GLU B 139 -12.50 -29.14 -44.83
C GLU B 139 -12.37 -30.57 -44.34
N ASP B 140 -13.16 -31.46 -44.95
CA ASP B 140 -13.36 -32.84 -44.51
C ASP B 140 -13.63 -32.85 -43.00
N ARG B 141 -12.89 -33.64 -42.22
CA ARG B 141 -13.08 -33.76 -40.78
C ARG B 141 -12.48 -32.61 -39.97
N SER B 142 -11.84 -31.62 -40.59
CA SER B 142 -11.11 -30.61 -39.85
C SER B 142 -11.79 -29.25 -39.89
N VAL B 143 -11.86 -28.62 -38.71
CA VAL B 143 -12.31 -27.25 -38.55
C VAL B 143 -11.12 -26.40 -38.13
N ARG B 144 -10.88 -25.31 -38.83
CA ARG B 144 -9.84 -24.37 -38.43
C ARG B 144 -10.51 -23.18 -37.75
N LEU B 145 -10.07 -22.87 -36.53
CA LEU B 145 -10.61 -21.79 -35.72
C LEU B 145 -9.63 -20.64 -35.63
N SER B 146 -10.17 -19.41 -35.65
CA SER B 146 -9.51 -18.25 -35.10
C SER B 146 -10.07 -17.95 -33.71
N ILE B 147 -9.22 -18.05 -32.70
CA ILE B 147 -9.59 -17.87 -31.30
C ILE B 147 -9.09 -16.50 -30.86
N GLN B 148 -9.95 -15.74 -30.19
CA GLN B 148 -9.54 -14.49 -29.55
C GLN B 148 -9.61 -14.64 -28.03
N SER B 149 -8.52 -14.26 -27.37
CA SER B 149 -8.47 -14.13 -25.92
C SER B 149 -8.94 -12.76 -25.45
N SER B 150 -9.47 -12.71 -24.24
CA SER B 150 -9.82 -11.45 -23.61
C SER B 150 -8.57 -10.61 -23.38
N PRO B 151 -8.63 -9.30 -23.61
CA PRO B 151 -7.48 -8.45 -23.29
C PRO B 151 -7.18 -8.33 -21.80
N LYS B 152 -8.12 -8.69 -20.93
CA LYS B 152 -7.88 -8.79 -19.50
C LYS B 152 -7.53 -10.19 -19.03
N CYS B 153 -7.24 -11.10 -19.96
CA CYS B 153 -6.98 -12.49 -19.60
C CYS B 153 -5.81 -12.62 -18.63
N ILE B 154 -5.92 -13.61 -17.75
CA ILE B 154 -4.78 -14.01 -16.90
C ILE B 154 -3.59 -14.35 -17.78
N VAL B 155 -2.40 -13.98 -17.31
CA VAL B 155 -1.15 -14.28 -17.99
C VAL B 155 -0.50 -15.49 -17.32
N GLY B 156 -0.08 -16.45 -18.12
CA GLY B 156 0.44 -17.70 -17.60
C GLY B 156 0.29 -18.81 -18.62
N LYS B 157 0.67 -20.01 -18.19
CA LYS B 157 0.63 -21.20 -19.03
C LYS B 157 -0.69 -21.95 -18.83
N PHE B 158 -1.61 -21.79 -19.78
CA PHE B 158 -2.88 -22.50 -19.74
C PHE B 158 -2.78 -23.89 -20.35
N ARG B 159 -3.39 -24.86 -19.67
CA ARG B 159 -3.77 -26.12 -20.31
C ARG B 159 -4.91 -25.88 -21.30
N MET B 160 -4.98 -26.74 -22.32
CA MET B 160 -6.04 -26.69 -23.32
C MET B 160 -6.75 -28.02 -23.44
N TYR B 161 -8.07 -27.96 -23.55
CA TYR B 161 -8.92 -29.12 -23.80
C TYR B 161 -9.93 -28.76 -24.89
N VAL B 162 -10.46 -29.78 -25.56
CA VAL B 162 -11.60 -29.63 -26.44
C VAL B 162 -12.73 -30.50 -25.91
N ALA B 163 -13.93 -29.92 -25.77
CA ALA B 163 -15.04 -30.59 -25.13
C ALA B 163 -16.26 -30.56 -26.05
N VAL B 164 -16.90 -31.72 -26.22
CA VAL B 164 -18.06 -31.87 -27.08
C VAL B 164 -19.26 -32.14 -26.19
N TRP B 165 -20.31 -31.34 -26.36
CA TRP B 165 -21.55 -31.53 -25.63
C TRP B 165 -22.46 -32.54 -26.32
N THR B 166 -23.16 -33.32 -25.51
CA THR B 166 -24.07 -34.37 -25.94
C THR B 166 -25.27 -34.34 -25.00
N PRO B 167 -26.40 -34.92 -25.40
CA PRO B 167 -27.50 -35.12 -24.45
C PRO B 167 -27.11 -35.93 -23.24
N TYR B 168 -25.97 -36.61 -23.27
CA TYR B 168 -25.49 -37.43 -22.16
C TYR B 168 -24.31 -36.79 -21.45
N GLY B 169 -24.04 -35.52 -21.72
CA GLY B 169 -22.96 -34.78 -21.08
C GLY B 169 -21.76 -34.40 -21.92
N VAL B 170 -20.59 -34.34 -21.32
CA VAL B 170 -19.41 -33.77 -21.97
C VAL B 170 -18.38 -34.87 -22.24
N LEU B 171 -17.89 -34.92 -23.48
CA LEU B 171 -16.71 -35.71 -23.82
C LEU B 171 -15.54 -34.77 -24.00
N ARG B 172 -14.39 -35.08 -23.39
CA ARG B 172 -13.30 -34.12 -23.40
C ARG B 172 -11.98 -34.80 -23.72
N THR B 173 -11.12 -34.11 -24.47
CA THR B 173 -9.76 -34.55 -24.71
C THR B 173 -9.02 -34.80 -23.40
N SER B 174 -8.19 -35.84 -23.39
CA SER B 174 -7.28 -36.11 -22.28
C SER B 174 -6.16 -35.07 -22.23
N ARG B 175 -5.44 -35.10 -21.11
CA ARG B 175 -4.30 -34.21 -20.87
C ARG B 175 -3.24 -34.36 -21.96
N ASN B 176 -2.98 -33.27 -22.70
CA ASN B 176 -1.99 -33.27 -23.78
C ASN B 176 -1.04 -32.10 -23.60
N PRO B 177 0.08 -32.31 -22.88
CA PRO B 177 0.98 -31.18 -22.58
C PRO B 177 1.55 -30.49 -23.81
N GLU B 178 1.47 -31.12 -24.99
CA GLU B 178 1.84 -30.47 -26.24
C GLU B 178 1.01 -29.23 -26.54
N THR B 179 -0.20 -29.14 -25.99
CA THR B 179 -1.12 -28.07 -26.32
C THR B 179 -1.07 -26.88 -25.36
N ASP B 180 -0.31 -27.00 -24.26
CA ASP B 180 -0.24 -25.92 -23.28
C ASP B 180 0.24 -24.62 -23.93
N THR B 181 -0.51 -23.55 -23.68
CA THR B 181 -0.38 -22.27 -24.38
C THR B 181 -0.05 -21.20 -23.36
N TYR B 182 1.08 -20.52 -23.55
CA TYR B 182 1.40 -19.34 -22.75
C TYR B 182 0.63 -18.14 -23.28
N ILE B 183 -0.15 -17.48 -22.40
CA ILE B 183 -0.78 -16.21 -22.72
C ILE B 183 -0.04 -15.11 -21.97
N LEU B 184 0.47 -14.13 -22.71
CA LEU B 184 1.27 -13.04 -22.17
C LEU B 184 0.54 -11.70 -22.30
N PHE B 185 1.10 -10.68 -21.65
CA PHE B 185 0.67 -9.31 -21.86
C PHE B 185 0.92 -8.88 -23.30
N ASN B 186 0.10 -7.96 -23.80
CA ASN B 186 0.12 -7.57 -25.21
C ASN B 186 0.29 -6.05 -25.37
N PRO B 187 1.54 -5.58 -25.38
CA PRO B 187 1.78 -4.15 -25.66
C PRO B 187 1.22 -3.68 -26.99
N TRP B 188 1.00 -4.58 -27.94
CA TRP B 188 0.51 -4.24 -29.27
C TRP B 188 -1.00 -4.07 -29.36
N CYS B 189 -1.77 -4.49 -28.35
CA CYS B 189 -3.22 -4.47 -28.42
C CYS B 189 -3.74 -3.23 -27.70
N GLU B 190 -4.53 -2.41 -28.43
CA GLU B 190 -4.99 -1.13 -27.92
C GLU B 190 -5.84 -1.26 -26.67
N ASP B 191 -6.45 -2.43 -26.44
CA ASP B 191 -7.29 -2.63 -25.26
C ASP B 191 -6.51 -3.14 -24.05
N ASP B 192 -5.28 -3.61 -24.25
CA ASP B 192 -4.47 -4.06 -23.13
C ASP B 192 -4.01 -2.86 -22.29
N ALA B 193 -4.07 -3.03 -20.97
CA ALA B 193 -3.54 -2.02 -20.05
C ALA B 193 -2.07 -1.68 -20.29
N VAL B 194 -1.28 -2.61 -20.84
CA VAL B 194 0.12 -2.35 -21.13
C VAL B 194 0.36 -1.80 -22.54
N TYR B 195 -0.72 -1.47 -23.25
CA TYR B 195 -0.60 -0.98 -24.63
C TYR B 195 0.39 0.17 -24.76
N LEU B 196 1.29 0.04 -25.74
CA LEU B 196 2.29 1.05 -26.07
C LEU B 196 2.14 1.42 -27.53
N ASP B 197 1.77 2.66 -27.80
CA ASP B 197 1.34 3.05 -29.14
C ASP B 197 2.48 3.23 -30.13
N ASN B 198 3.74 3.13 -29.71
CA ASN B 198 4.88 3.41 -30.57
C ASN B 198 5.62 2.11 -30.88
N GLU B 199 5.82 1.85 -32.18
CA GLU B 199 6.47 0.61 -32.60
C GLU B 199 7.88 0.48 -32.03
N LYS B 200 8.68 1.53 -32.17
CA LYS B 200 10.08 1.46 -31.74
C LYS B 200 10.21 1.34 -30.22
N GLU B 201 9.31 1.96 -29.46
CA GLU B 201 9.30 1.76 -28.01
C GLU B 201 8.89 0.35 -27.61
N ARG B 202 7.98 -0.26 -28.36
CA ARG B 202 7.67 -1.67 -28.12
C ARG B 202 8.85 -2.57 -28.48
N GLU B 203 9.52 -2.29 -29.59
CA GLU B 203 10.74 -3.01 -29.97
C GLU B 203 11.81 -2.93 -28.88
N GLU B 204 12.06 -1.72 -28.37
CA GLU B 204 13.07 -1.55 -27.33
C GLU B 204 12.63 -2.17 -26.00
N TYR B 205 11.54 -1.67 -25.42
CA TYR B 205 11.17 -1.97 -24.04
C TYR B 205 10.53 -3.34 -23.86
N VAL B 206 10.39 -4.14 -24.91
CA VAL B 206 9.84 -5.49 -24.77
C VAL B 206 10.74 -6.50 -25.46
N LEU B 207 11.06 -6.25 -26.73
CA LEU B 207 11.75 -7.24 -27.55
C LEU B 207 13.28 -7.14 -27.49
N ASN B 208 13.84 -6.04 -26.98
CA ASN B 208 15.28 -5.98 -26.76
C ASN B 208 15.66 -6.75 -25.50
N ASP B 209 16.65 -7.62 -25.62
CA ASP B 209 17.12 -8.44 -24.52
C ASP B 209 18.49 -8.04 -23.97
N ILE B 210 19.09 -6.98 -24.50
CA ILE B 210 20.35 -6.45 -23.97
C ILE B 210 20.12 -5.02 -23.50
N GLY B 211 20.35 -4.79 -22.20
CA GLY B 211 20.23 -3.48 -21.61
C GLY B 211 21.58 -2.81 -21.44
N VAL B 212 21.53 -1.53 -21.11
CA VAL B 212 22.71 -0.79 -20.68
C VAL B 212 22.41 -0.15 -19.33
N ILE B 213 23.32 -0.32 -18.37
CA ILE B 213 23.20 0.23 -17.02
C ILE B 213 24.27 1.31 -16.84
N PHE B 214 23.83 2.48 -16.36
CA PHE B 214 24.69 3.64 -16.16
C PHE B 214 25.07 3.77 -14.69
N TYR B 215 26.35 3.95 -14.44
CA TYR B 215 26.87 4.00 -13.07
C TYR B 215 27.95 5.09 -13.00
N GLY B 216 28.76 5.05 -11.95
CA GLY B 216 29.77 6.06 -11.72
C GLY B 216 29.21 7.29 -11.02
N GLU B 217 29.62 8.48 -11.45
CA GLU B 217 29.07 9.72 -10.91
C GLU B 217 28.84 10.70 -12.04
N VAL B 218 28.01 11.70 -11.77
CA VAL B 218 27.39 12.48 -12.84
C VAL B 218 28.40 13.23 -13.71
N ASN B 219 29.59 13.52 -13.20
CA ASN B 219 30.62 14.18 -14.00
C ASN B 219 31.47 13.21 -14.80
N ASP B 220 31.34 11.90 -14.57
CA ASP B 220 32.11 10.86 -15.22
C ASP B 220 31.21 9.61 -15.27
N ILE B 221 30.19 9.68 -16.13
CA ILE B 221 29.17 8.65 -16.26
C ILE B 221 29.79 7.42 -16.90
N LYS B 222 29.89 6.33 -16.14
CA LYS B 222 30.35 5.04 -16.64
C LYS B 222 29.16 4.23 -17.17
N THR B 223 29.46 3.28 -18.06
CA THR B 223 28.41 2.44 -18.62
C THR B 223 28.84 0.98 -18.71
N ARG B 224 27.85 0.08 -18.60
CA ARG B 224 28.07 -1.34 -18.79
C ARG B 224 26.87 -1.96 -19.47
N SER B 225 27.10 -3.05 -20.22
CA SER B 225 25.99 -3.82 -20.74
C SER B 225 25.45 -4.82 -19.71
N TRP B 226 24.20 -5.25 -19.92
CA TRP B 226 23.55 -6.25 -19.07
C TRP B 226 22.67 -7.15 -19.92
N SER B 227 22.91 -8.46 -19.86
CA SER B 227 22.05 -9.42 -20.55
C SER B 227 20.75 -9.63 -19.79
N TYR B 228 19.64 -9.04 -20.27
CA TYR B 228 18.35 -9.40 -19.70
C TYR B 228 17.93 -10.82 -20.06
N GLY B 229 18.19 -11.24 -21.31
CA GLY B 229 18.00 -12.60 -21.76
C GLY B 229 16.62 -13.18 -21.51
N GLN B 230 15.59 -12.33 -21.54
CA GLN B 230 14.24 -12.76 -21.20
C GLN B 230 13.69 -13.82 -22.14
N PHE B 231 14.30 -14.00 -23.32
CA PHE B 231 13.89 -15.01 -24.28
C PHE B 231 14.64 -16.32 -24.14
N GLU B 232 15.66 -16.39 -23.28
CA GLU B 232 16.46 -17.60 -23.13
C GLU B 232 15.62 -18.73 -22.56
N ASP B 233 16.04 -19.95 -22.86
CA ASP B 233 15.29 -21.16 -22.53
C ASP B 233 15.09 -21.30 -21.03
N GLY B 234 13.82 -21.36 -20.61
CA GLY B 234 13.46 -21.52 -19.21
C GLY B 234 13.30 -20.25 -18.41
N ILE B 235 13.53 -19.08 -19.00
CA ILE B 235 13.33 -17.83 -18.27
C ILE B 235 11.85 -17.54 -18.04
N LEU B 236 11.02 -17.78 -19.04
CA LEU B 236 9.57 -17.57 -18.88
C LEU B 236 8.99 -18.49 -17.81
N ASP B 237 9.35 -19.78 -17.85
CA ASP B 237 8.98 -20.70 -16.78
C ASP B 237 9.51 -20.24 -15.42
N THR B 238 10.70 -19.66 -15.39
CA THR B 238 11.23 -19.11 -14.15
C THR B 238 10.42 -17.92 -13.63
N CYS B 239 9.93 -17.06 -14.52
CA CYS B 239 9.06 -15.96 -14.09
C CYS B 239 7.72 -16.46 -13.56
N LEU B 240 7.17 -17.51 -14.18
CA LEU B 240 6.00 -18.15 -13.60
C LEU B 240 6.31 -18.78 -12.24
N TYR B 241 7.47 -19.43 -12.12
CA TYR B 241 7.87 -19.98 -10.83
C TYR B 241 8.05 -18.89 -9.77
N VAL B 242 8.59 -17.74 -10.14
CA VAL B 242 8.68 -16.59 -9.24
C VAL B 242 7.31 -16.18 -8.74
N MET B 243 6.32 -16.11 -9.63
CA MET B 243 4.98 -15.75 -9.17
C MET B 243 4.32 -16.85 -8.33
N ASP B 244 4.59 -18.12 -8.64
CA ASP B 244 4.12 -19.23 -7.81
C ASP B 244 4.75 -19.23 -6.41
N ARG B 245 6.04 -18.90 -6.32
CA ARG B 245 6.70 -18.81 -5.01
C ARG B 245 6.21 -17.63 -4.19
N ALA B 246 5.78 -16.54 -4.84
CA ALA B 246 5.03 -15.51 -4.14
C ALA B 246 3.68 -15.97 -3.65
N GLN B 247 3.20 -17.13 -4.11
CA GLN B 247 1.82 -17.57 -3.89
C GLN B 247 0.82 -16.53 -4.38
N MET B 248 1.14 -15.89 -5.50
CA MET B 248 0.27 -14.89 -6.07
C MET B 248 -0.97 -15.56 -6.67
N ASP B 249 -2.14 -15.08 -6.26
CA ASP B 249 -3.40 -15.56 -6.82
C ASP B 249 -3.44 -15.44 -8.33
N LEU B 250 -3.75 -16.56 -9.00
CA LEU B 250 -3.76 -16.59 -10.46
C LEU B 250 -4.74 -15.59 -11.04
N SER B 251 -5.89 -15.39 -10.38
CA SER B 251 -6.84 -14.40 -10.86
C SER B 251 -6.29 -12.98 -10.80
N GLY B 252 -5.28 -12.73 -9.96
CA GLY B 252 -4.63 -11.45 -9.92
C GLY B 252 -3.55 -11.25 -10.97
N ARG B 253 -3.07 -12.33 -11.59
CA ARG B 253 -1.97 -12.21 -12.54
C ARG B 253 -2.38 -11.61 -13.88
N GLY B 254 -3.65 -11.30 -14.08
CA GLY B 254 -4.06 -10.50 -15.22
C GLY B 254 -3.79 -9.01 -15.08
N ASN B 255 -3.38 -8.55 -13.90
CA ASN B 255 -3.23 -7.13 -13.61
C ASN B 255 -1.75 -6.76 -13.58
N PRO B 256 -1.28 -5.89 -14.47
CA PRO B 256 0.15 -5.52 -14.46
C PRO B 256 0.56 -4.74 -13.22
N ILE B 257 -0.37 -4.02 -12.59
CA ILE B 257 -0.07 -3.34 -11.33
C ILE B 257 0.28 -4.36 -10.26
N LYS B 258 -0.59 -5.34 -10.05
CA LYS B 258 -0.36 -6.34 -9.01
C LYS B 258 0.84 -7.22 -9.33
N VAL B 259 1.02 -7.60 -10.59
CA VAL B 259 2.22 -8.33 -11.00
C VAL B 259 3.50 -7.55 -10.70
N SER B 260 3.49 -6.23 -10.90
CA SER B 260 4.67 -5.44 -10.57
C SER B 260 4.85 -5.29 -9.06
N ARG B 261 3.75 -5.11 -8.35
CA ARG B 261 3.75 -4.95 -6.89
C ARG B 261 4.26 -6.21 -6.19
N VAL B 262 3.86 -7.38 -6.68
CA VAL B 262 4.29 -8.63 -6.07
C VAL B 262 5.69 -9.01 -6.54
N GLY B 263 5.95 -8.98 -7.85
CA GLY B 263 7.26 -9.39 -8.35
C GLY B 263 8.41 -8.56 -7.79
N SER B 264 8.22 -7.24 -7.67
CA SER B 264 9.27 -6.42 -7.05
C SER B 264 9.50 -6.80 -5.60
N ALA B 265 8.44 -7.08 -4.85
CA ALA B 265 8.62 -7.52 -3.47
C ALA B 265 9.29 -8.88 -3.41
N MET B 266 9.11 -9.69 -4.45
CA MET B 266 9.82 -10.96 -4.59
C MET B 266 11.29 -10.81 -4.96
N VAL B 267 11.70 -9.67 -5.50
CA VAL B 267 13.07 -9.56 -6.02
C VAL B 267 14.08 -9.55 -4.87
N ASN B 268 13.90 -8.69 -3.89
CA ASN B 268 14.78 -8.68 -2.72
C ASN B 268 14.36 -9.76 -1.74
N ALA B 269 15.28 -10.68 -1.46
CA ALA B 269 15.02 -11.80 -0.56
C ALA B 269 15.27 -11.42 0.89
N LYS B 270 14.19 -11.39 1.69
CA LYS B 270 14.29 -11.28 3.14
C LYS B 270 14.02 -12.68 3.70
N ASP B 271 15.00 -13.24 4.40
CA ASP B 271 14.92 -14.60 4.94
C ASP B 271 15.22 -15.54 3.76
N ASP B 272 14.55 -16.69 3.69
CA ASP B 272 14.75 -17.60 2.58
C ASP B 272 13.62 -17.50 1.55
N GLU B 273 13.00 -16.32 1.45
CA GLU B 273 11.97 -16.04 0.46
C GLU B 273 12.45 -14.90 -0.42
N GLY B 274 12.54 -15.15 -1.73
CA GLY B 274 12.93 -14.14 -2.69
C GLY B 274 14.18 -14.54 -3.47
N VAL B 275 14.40 -13.79 -4.56
CA VAL B 275 15.38 -14.21 -5.56
C VAL B 275 16.81 -13.88 -5.17
N LEU B 276 17.07 -12.68 -4.63
CA LEU B 276 18.43 -12.24 -4.36
C LEU B 276 18.60 -11.75 -2.93
N VAL B 277 19.63 -12.26 -2.26
CA VAL B 277 20.09 -11.69 -0.98
C VAL B 277 20.87 -10.40 -1.25
N GLY B 278 20.40 -9.30 -0.67
CA GLY B 278 21.15 -8.05 -0.76
C GLY B 278 22.41 -8.12 0.08
N SER B 279 23.52 -7.63 -0.47
CA SER B 279 24.69 -7.39 0.36
C SER B 279 25.52 -6.23 -0.18
N TRP B 280 26.02 -5.41 0.76
CA TRP B 280 26.94 -4.32 0.47
C TRP B 280 28.23 -4.42 1.27
N ASP B 281 28.57 -5.60 1.77
CA ASP B 281 29.62 -5.77 2.77
C ASP B 281 31.03 -5.76 2.18
N ASN B 282 31.17 -5.60 0.87
CA ASN B 282 32.45 -5.59 0.16
C ASN B 282 33.22 -6.90 0.22
N ILE B 283 32.72 -7.91 0.93
CA ILE B 283 33.43 -9.16 1.14
C ILE B 283 32.77 -10.30 0.37
N TYR B 284 31.44 -10.40 0.47
CA TYR B 284 30.63 -11.37 -0.27
C TYR B 284 31.13 -12.80 -0.09
N ALA B 285 31.36 -13.17 1.17
CA ALA B 285 31.71 -14.55 1.51
C ALA B 285 30.59 -15.50 1.13
N TYR B 286 30.97 -16.70 0.69
CA TYR B 286 30.02 -17.79 0.39
C TYR B 286 29.03 -17.41 -0.70
N GLY B 287 29.39 -16.49 -1.58
CA GLY B 287 28.48 -16.12 -2.65
C GLY B 287 29.20 -15.39 -3.75
N VAL B 288 28.43 -14.93 -4.73
CA VAL B 288 28.94 -14.20 -5.88
C VAL B 288 28.89 -12.69 -5.63
N PRO B 289 29.97 -11.96 -5.90
CA PRO B 289 29.93 -10.51 -5.73
C PRO B 289 28.93 -9.87 -6.66
N PRO B 290 28.15 -8.90 -6.18
CA PRO B 290 27.12 -8.28 -7.02
C PRO B 290 27.66 -7.68 -8.31
N SER B 291 28.89 -7.20 -8.32
CA SER B 291 29.54 -6.67 -9.52
C SER B 291 30.05 -7.76 -10.46
N ALA B 292 29.93 -9.03 -10.09
CA ALA B 292 30.37 -10.09 -10.99
C ALA B 292 29.30 -10.46 -12.02
N TRP B 293 28.03 -10.27 -11.70
CA TRP B 293 26.97 -10.74 -12.59
C TRP B 293 27.00 -10.00 -13.93
N THR B 294 26.93 -10.76 -15.02
CA THR B 294 26.80 -10.19 -16.35
C THR B 294 25.36 -10.01 -16.79
N GLY B 295 24.41 -10.67 -16.14
CA GLY B 295 23.03 -10.61 -16.58
C GLY B 295 22.11 -11.34 -15.63
N SER B 296 20.81 -11.24 -15.92
CA SER B 296 19.78 -11.88 -15.11
C SER B 296 19.69 -13.38 -15.31
N VAL B 297 20.18 -13.91 -16.43
CA VAL B 297 19.86 -15.27 -16.85
C VAL B 297 20.36 -16.30 -15.83
N ASP B 298 21.65 -16.24 -15.50
CA ASP B 298 22.18 -17.20 -14.54
C ASP B 298 21.67 -16.98 -13.12
N ILE B 299 21.30 -15.75 -12.78
CA ILE B 299 20.67 -15.52 -11.48
C ILE B 299 19.32 -16.22 -11.41
N LEU B 300 18.48 -16.01 -12.42
CA LEU B 300 17.15 -16.59 -12.42
C LEU B 300 17.20 -18.11 -12.51
N LEU B 301 18.10 -18.66 -13.34
CA LEU B 301 18.23 -20.12 -13.40
C LEU B 301 18.81 -20.72 -12.13
N GLU B 302 19.74 -20.04 -11.47
CA GLU B 302 20.20 -20.51 -10.16
C GLU B 302 19.09 -20.49 -9.13
N TYR B 303 18.27 -19.43 -9.13
CA TYR B 303 17.10 -19.38 -8.26
C TYR B 303 16.13 -20.53 -8.56
N ARG B 304 15.82 -20.74 -9.83
CA ARG B 304 14.86 -21.78 -10.21
C ARG B 304 15.37 -23.17 -9.83
N SER B 305 16.68 -23.41 -9.95
CA SER B 305 17.20 -24.74 -9.69
C SER B 305 17.51 -24.99 -8.22
N SER B 306 17.99 -23.97 -7.49
CA SER B 306 18.24 -24.10 -6.07
C SER B 306 17.01 -23.88 -5.21
N GLU B 307 15.98 -23.21 -5.76
CA GLU B 307 14.79 -22.79 -5.02
C GLU B 307 15.10 -21.86 -3.86
N ASN B 308 16.30 -21.30 -3.80
CA ASN B 308 16.75 -20.50 -2.67
C ASN B 308 17.27 -19.16 -3.15
N PRO B 309 17.22 -18.13 -2.30
CA PRO B 309 17.77 -16.81 -2.67
C PRO B 309 19.21 -16.88 -3.17
N VAL B 310 19.45 -16.20 -4.29
CA VAL B 310 20.79 -16.10 -4.87
C VAL B 310 21.62 -15.07 -4.12
N ARG B 311 22.89 -15.41 -3.90
CA ARG B 311 23.87 -14.55 -3.25
C ARG B 311 24.84 -14.04 -4.31
N TYR B 312 24.95 -12.71 -4.45
CA TYR B 312 24.29 -11.61 -3.75
C TYR B 312 23.83 -10.57 -4.77
N GLY B 313 22.95 -9.67 -4.34
CA GLY B 313 22.52 -8.59 -5.20
C GLY B 313 22.73 -7.17 -4.70
N GLN B 314 22.63 -6.22 -5.61
CA GLN B 314 22.65 -4.79 -5.32
C GLN B 314 21.71 -4.11 -6.31
N CYS B 315 21.48 -2.82 -6.07
CA CYS B 315 20.38 -2.09 -6.72
C CYS B 315 20.28 -2.37 -8.22
N TRP B 316 21.39 -2.29 -8.94
CA TRP B 316 21.35 -2.54 -10.37
C TRP B 316 21.12 -4.01 -10.70
N VAL B 317 21.53 -4.92 -9.82
CA VAL B 317 21.24 -6.35 -10.00
C VAL B 317 19.75 -6.61 -9.83
N PHE B 318 19.15 -6.04 -8.78
CA PHE B 318 17.69 -6.12 -8.61
C PHE B 318 16.97 -5.50 -9.79
N ALA B 319 17.42 -4.35 -10.28
CA ALA B 319 16.77 -3.71 -11.42
C ALA B 319 16.88 -4.55 -12.67
N GLY B 320 18.04 -5.17 -12.92
CA GLY B 320 18.19 -6.05 -14.06
C GLY B 320 17.28 -7.26 -14.00
N VAL B 321 17.25 -7.93 -12.85
CA VAL B 321 16.40 -9.12 -12.70
C VAL B 321 14.92 -8.76 -12.82
N PHE B 322 14.48 -7.68 -12.16
CA PHE B 322 13.09 -7.26 -12.30
C PHE B 322 12.76 -6.81 -13.72
N ASN B 323 13.70 -6.18 -14.42
CA ASN B 323 13.46 -5.80 -15.80
C ASN B 323 13.30 -7.02 -16.70
N THR B 324 14.12 -8.04 -16.48
CA THR B 324 13.94 -9.31 -17.19
C THR B 324 12.57 -9.91 -16.92
N PHE B 325 12.18 -9.96 -15.64
CA PHE B 325 10.86 -10.48 -15.27
C PHE B 325 9.74 -9.74 -15.99
N LEU B 326 9.75 -8.41 -15.93
CA LEU B 326 8.72 -7.62 -16.59
C LEU B 326 8.70 -7.81 -18.09
N ARG B 327 9.84 -7.67 -18.76
CA ARG B 327 9.86 -7.85 -20.21
C ARG B 327 9.49 -9.26 -20.62
N CYS B 328 9.84 -10.26 -19.79
CA CYS B 328 9.49 -11.64 -20.09
C CYS B 328 7.99 -11.85 -20.06
N LEU B 329 7.31 -11.32 -19.03
CA LEU B 329 5.86 -11.38 -19.03
C LEU B 329 5.24 -10.44 -20.05
N GLY B 330 5.99 -9.48 -20.56
CA GLY B 330 5.53 -8.59 -21.59
C GLY B 330 5.07 -7.22 -21.14
N ILE B 331 5.31 -6.86 -19.88
CA ILE B 331 5.11 -5.50 -19.40
C ILE B 331 6.28 -4.66 -19.88
N PRO B 332 6.06 -3.58 -20.64
CA PRO B 332 7.21 -2.78 -21.11
C PRO B 332 7.94 -2.15 -19.94
N ALA B 333 9.26 -2.27 -19.94
CA ALA B 333 10.04 -1.86 -18.78
C ALA B 333 11.42 -1.39 -19.21
N ARG B 334 11.99 -0.51 -18.39
CA ARG B 334 13.36 -0.03 -18.59
C ARG B 334 14.00 0.23 -17.24
N ILE B 335 15.32 0.13 -17.17
CA ILE B 335 16.06 0.62 -16.01
C ILE B 335 16.27 2.13 -16.17
N VAL B 336 16.19 2.86 -15.04
CA VAL B 336 16.64 4.25 -14.99
C VAL B 336 17.62 4.40 -13.84
N THR B 337 18.66 5.20 -14.07
CA THR B 337 19.63 5.57 -13.04
C THR B 337 19.46 7.02 -12.65
N ASN B 338 19.31 7.27 -11.34
CA ASN B 338 19.30 8.60 -10.75
C ASN B 338 20.66 8.87 -10.14
N TYR B 339 21.26 10.02 -10.45
CA TYR B 339 22.54 10.41 -9.88
C TYR B 339 22.33 11.33 -8.69
N PHE B 340 23.04 11.06 -7.60
CA PHE B 340 22.82 11.68 -6.29
C PHE B 340 21.42 11.39 -5.75
N SER B 341 21.17 10.11 -5.50
CA SER B 341 19.87 9.64 -5.02
C SER B 341 19.79 9.75 -3.50
N ALA B 342 18.75 10.43 -3.01
CA ALA B 342 18.44 10.50 -1.57
C ALA B 342 17.65 9.27 -1.12
N HIS B 343 18.34 8.14 -1.08
CA HIS B 343 17.72 6.89 -0.64
C HIS B 343 17.63 6.82 0.88
N ASP B 344 16.70 6.00 1.37
CA ASP B 344 16.34 5.94 2.81
C ASP B 344 15.91 7.29 3.36
N ASN B 345 15.15 8.05 2.56
CA ASN B 345 14.75 9.40 2.91
C ASN B 345 13.62 9.45 3.95
N ASP B 346 12.83 8.38 4.08
CA ASP B 346 11.62 8.36 4.92
C ASP B 346 10.70 9.53 4.62
N ALA B 347 10.55 9.85 3.34
CA ALA B 347 9.77 10.98 2.83
C ALA B 347 10.27 12.34 3.33
N ASN B 348 11.40 12.39 4.03
CA ASN B 348 12.01 13.65 4.39
C ASN B 348 12.75 14.26 3.20
N LEU B 349 12.40 15.49 2.87
CA LEU B 349 13.06 16.23 1.80
C LEU B 349 14.33 16.94 2.25
N GLN B 350 14.98 16.48 3.32
CA GLN B 350 16.18 17.12 3.83
C GLN B 350 17.24 16.07 4.18
N MET B 351 18.46 16.29 3.70
CA MET B 351 19.63 15.54 4.13
C MET B 351 20.56 16.48 4.89
N ASP B 352 20.96 16.07 6.09
CA ASP B 352 21.71 16.94 7.00
C ASP B 352 23.19 16.58 6.95
N ILE B 353 24.03 17.60 6.82
CA ILE B 353 25.47 17.51 7.06
C ILE B 353 25.77 18.33 8.30
N PHE B 354 26.58 17.77 9.20
CA PHE B 354 26.91 18.44 10.45
C PHE B 354 28.34 18.95 10.40
N LEU B 355 28.54 20.16 10.91
CA LEU B 355 29.83 20.84 10.91
C LEU B 355 30.29 21.13 12.33
N GLU B 356 31.60 21.10 12.53
CA GLU B 356 32.18 21.65 13.73
C GLU B 356 32.04 23.17 13.73
N GLU B 357 32.25 23.76 14.92
CA GLU B 357 32.15 25.20 15.06
C GLU B 357 33.12 25.92 14.13
N ASP B 358 34.33 25.39 13.98
CA ASP B 358 35.33 25.96 13.08
C ASP B 358 34.98 25.75 11.60
N GLY B 359 33.88 25.08 11.29
CA GLY B 359 33.43 24.85 9.94
C GLY B 359 33.90 23.56 9.30
N ASN B 360 34.74 22.79 9.98
CA ASN B 360 35.08 21.45 9.53
C ASN B 360 33.86 20.55 9.59
N VAL B 361 33.84 19.52 8.73
CA VAL B 361 32.75 18.57 8.74
C VAL B 361 32.85 17.70 10.00
N ASN B 362 31.76 17.65 10.76
CA ASN B 362 31.64 16.74 11.91
C ASN B 362 31.28 15.35 11.39
N SER B 363 32.29 14.49 11.25
CA SER B 363 32.05 13.13 10.77
C SER B 363 31.30 12.28 11.79
N LYS B 364 31.35 12.64 13.07
CA LYS B 364 30.66 11.87 14.11
C LYS B 364 29.14 11.92 13.93
N LEU B 365 28.60 13.11 13.66
CA LEU B 365 27.16 13.27 13.50
C LEU B 365 26.69 13.10 12.06
N THR B 366 27.55 13.38 11.08
CA THR B 366 27.17 13.28 9.67
C THR B 366 27.03 11.83 9.24
N LYS B 367 25.85 11.25 9.42
CA LYS B 367 25.59 9.86 9.11
C LYS B 367 24.58 9.64 8.00
N ASP B 368 23.86 10.67 7.56
CA ASP B 368 23.19 10.61 6.27
C ASP B 368 24.21 10.52 5.14
N SER B 369 23.81 9.87 4.06
CA SER B 369 24.64 9.80 2.87
C SER B 369 23.78 9.86 1.62
N VAL B 370 24.35 10.42 0.55
CA VAL B 370 23.70 10.53 -0.74
C VAL B 370 24.37 9.57 -1.70
N TRP B 371 23.60 8.66 -2.29
CA TRP B 371 24.16 7.64 -3.16
C TRP B 371 24.62 8.30 -4.46
N ASN B 372 25.87 8.02 -4.85
CA ASN B 372 26.39 8.56 -6.11
C ASN B 372 25.46 8.26 -7.27
N TYR B 373 24.91 7.04 -7.31
CA TYR B 373 23.82 6.69 -8.21
C TYR B 373 22.94 5.63 -7.56
N HIS B 374 21.72 5.52 -8.07
CA HIS B 374 20.80 4.45 -7.69
C HIS B 374 19.97 4.07 -8.91
N CYS B 375 19.64 2.79 -9.01
CA CYS B 375 18.90 2.26 -10.15
C CYS B 375 17.52 1.77 -9.71
N TRP B 376 16.50 2.05 -10.53
CA TRP B 376 15.19 1.43 -10.35
C TRP B 376 14.56 1.18 -11.70
N ASN B 377 13.48 0.41 -11.71
CA ASN B 377 12.76 0.15 -12.95
C ASN B 377 11.63 1.16 -13.16
N GLU B 378 11.30 1.38 -14.43
CA GLU B 378 10.01 1.91 -14.84
C GLU B 378 9.26 0.84 -15.63
N ALA B 379 8.01 0.62 -15.29
CA ALA B 379 7.11 -0.26 -16.02
C ALA B 379 6.01 0.58 -16.66
N TRP B 380 5.65 0.27 -17.90
CA TRP B 380 4.63 1.05 -18.61
C TRP B 380 3.27 0.38 -18.43
N MET B 381 2.32 1.09 -17.84
CA MET B 381 0.95 0.60 -17.75
C MET B 381 -0.01 1.77 -17.51
N THR B 382 -1.27 1.55 -17.88
CA THR B 382 -2.37 2.39 -17.40
C THR B 382 -2.64 2.13 -15.92
N ARG B 383 -3.19 3.14 -15.24
CA ARG B 383 -3.46 3.07 -13.81
C ARG B 383 -4.95 3.29 -13.58
N PRO B 384 -5.79 2.28 -13.84
CA PRO B 384 -7.24 2.43 -13.63
C PRO B 384 -7.63 2.61 -12.17
N ASP B 385 -6.74 2.31 -11.23
CA ASP B 385 -6.99 2.56 -9.82
C ASP B 385 -6.83 4.03 -9.44
N LEU B 386 -6.13 4.81 -10.24
CA LEU B 386 -5.93 6.23 -9.98
C LEU B 386 -6.83 7.07 -10.88
N PRO B 387 -6.98 8.36 -10.59
CA PRO B 387 -7.65 9.26 -11.53
C PRO B 387 -6.93 9.33 -12.87
N VAL B 388 -7.62 9.97 -13.82
CA VAL B 388 -7.13 10.10 -15.18
C VAL B 388 -5.79 10.83 -15.23
N GLY B 389 -4.91 10.36 -16.11
CA GLY B 389 -3.67 11.04 -16.45
C GLY B 389 -2.46 10.63 -15.65
N PHE B 390 -2.54 9.56 -14.86
CA PHE B 390 -1.41 9.02 -14.12
C PHE B 390 -0.89 7.72 -14.73
N GLY B 391 -1.40 7.34 -15.91
CA GLY B 391 -0.87 6.22 -16.64
C GLY B 391 0.51 6.49 -17.22
N GLY B 392 1.03 5.48 -17.90
CA GLY B 392 2.36 5.54 -18.47
C GLY B 392 3.42 4.91 -17.57
N TRP B 393 4.59 5.54 -17.47
CA TRP B 393 5.69 4.99 -16.70
C TRP B 393 5.39 5.03 -15.20
N GLN B 394 5.57 3.88 -14.55
CA GLN B 394 5.44 3.70 -13.12
C GLN B 394 6.81 3.36 -12.57
N ALA B 395 7.30 4.16 -11.62
CA ALA B 395 8.56 3.87 -10.95
C ALA B 395 8.39 2.75 -9.95
N VAL B 396 9.27 1.75 -10.02
CA VAL B 396 9.31 0.62 -9.10
C VAL B 396 10.76 0.45 -8.66
N ASP B 397 11.07 0.85 -7.44
CA ASP B 397 12.39 0.60 -6.84
C ASP B 397 12.30 -0.71 -6.07
N SER B 398 12.86 -1.79 -6.64
CA SER B 398 12.91 -3.08 -5.97
C SER B 398 13.88 -3.11 -4.80
N THR B 399 14.68 -2.09 -4.61
CA THR B 399 15.53 -2.00 -3.42
C THR B 399 14.65 -1.68 -2.21
N PRO B 400 14.82 -2.40 -1.10
CA PRO B 400 14.02 -2.10 0.09
C PRO B 400 14.40 -0.77 0.72
N GLN B 401 13.36 -0.03 1.09
CA GLN B 401 13.47 1.27 1.75
C GLN B 401 12.43 1.32 2.85
N GLU B 402 12.75 2.04 3.92
CA GLU B 402 11.75 2.27 4.96
C GLU B 402 10.60 3.07 4.37
N ASN B 403 9.39 2.54 4.57
CA ASN B 403 8.27 2.85 3.69
C ASN B 403 7.03 3.00 4.56
N SER B 404 5.89 3.32 3.93
CA SER B 404 4.65 3.39 4.70
C SER B 404 4.31 2.05 5.34
N ASP B 405 4.72 0.96 4.70
CA ASP B 405 4.61 -0.39 5.24
C ASP B 405 6.03 -0.89 5.46
N GLY B 406 6.55 -0.76 6.69
CA GLY B 406 7.92 -1.03 7.04
C GLY B 406 8.97 -0.96 5.93
N MET B 407 9.95 -1.88 5.97
CA MET B 407 11.08 -1.86 5.06
C MET B 407 10.77 -2.72 3.84
N TYR B 408 10.46 -2.09 2.71
CA TYR B 408 9.99 -2.82 1.54
C TYR B 408 10.31 -2.03 0.28
N ARG B 409 10.05 -2.67 -0.86
CA ARG B 409 10.07 -1.99 -2.15
C ARG B 409 9.07 -0.84 -2.19
N CYS B 410 9.36 0.15 -3.03
CA CYS B 410 8.52 1.31 -3.23
C CYS B 410 7.91 1.29 -4.64
N GLY B 411 6.60 1.44 -4.72
CA GLY B 411 5.92 1.57 -5.99
C GLY B 411 5.09 0.35 -6.36
N PRO B 412 4.46 0.37 -7.55
CA PRO B 412 4.54 1.37 -8.63
C PRO B 412 4.00 2.77 -8.29
N ALA B 413 4.89 3.76 -8.28
CA ALA B 413 4.52 5.17 -8.16
C ALA B 413 4.50 5.82 -9.53
N SER B 414 3.39 6.47 -9.88
CA SER B 414 3.28 7.10 -11.18
C SER B 414 4.30 8.24 -11.32
N VAL B 415 5.11 8.18 -12.37
CA VAL B 415 6.10 9.22 -12.64
C VAL B 415 5.41 10.57 -12.87
N GLN B 416 4.26 10.55 -13.56
CA GLN B 416 3.49 11.77 -13.76
C GLN B 416 2.97 12.35 -12.45
N ALA B 417 2.63 11.49 -11.48
CA ALA B 417 2.27 11.97 -10.15
C ALA B 417 3.49 12.55 -9.43
N ILE B 418 4.61 11.84 -9.47
CA ILE B 418 5.84 12.30 -8.82
C ILE B 418 6.22 13.69 -9.32
N LYS B 419 6.30 13.86 -10.64
CA LYS B 419 6.70 15.15 -11.21
C LYS B 419 5.85 16.30 -10.71
N HIS B 420 4.55 16.10 -10.56
CA HIS B 420 3.64 17.14 -10.11
C HIS B 420 3.46 17.17 -8.60
N GLY B 421 4.11 16.26 -7.87
CA GLY B 421 4.01 16.19 -6.43
C GLY B 421 2.72 15.61 -5.87
N HIS B 422 1.89 14.99 -6.72
CA HIS B 422 0.67 14.33 -6.25
C HIS B 422 1.01 12.99 -5.61
N VAL B 423 1.82 13.05 -4.57
CA VAL B 423 2.27 11.85 -3.84
C VAL B 423 1.21 11.33 -2.88
N CYS B 424 -0.02 11.86 -2.96
CA CYS B 424 -1.12 11.25 -2.24
C CYS B 424 -1.53 9.90 -2.82
N PHE B 425 -1.24 9.63 -4.09
CA PHE B 425 -1.63 8.39 -4.72
C PHE B 425 -0.64 7.27 -4.43
N GLN B 426 -1.16 6.05 -4.45
CA GLN B 426 -0.36 4.85 -4.25
C GLN B 426 0.43 4.49 -5.50
N PHE B 427 1.58 3.85 -5.32
CA PHE B 427 2.16 3.38 -4.07
C PHE B 427 3.49 4.06 -3.72
N ASP B 428 3.65 4.44 -2.45
CA ASP B 428 4.92 4.88 -1.89
C ASP B 428 5.47 6.15 -2.56
N ALA B 429 4.61 6.92 -3.21
CA ALA B 429 5.04 8.07 -3.99
C ALA B 429 5.83 9.13 -3.21
N PRO B 430 5.54 9.43 -1.93
CA PRO B 430 6.37 10.43 -1.22
C PRO B 430 7.82 10.04 -1.12
N PHE B 431 8.12 8.75 -0.96
CA PHE B 431 9.49 8.29 -0.82
C PHE B 431 10.25 8.37 -2.14
N VAL B 432 9.59 8.09 -3.25
CA VAL B 432 10.23 8.25 -4.54
C VAL B 432 10.42 9.73 -4.85
N PHE B 433 9.42 10.56 -4.55
CA PHE B 433 9.59 12.00 -4.73
C PHE B 433 10.77 12.53 -3.92
N ALA B 434 10.91 12.08 -2.67
CA ALA B 434 12.02 12.49 -1.83
C ALA B 434 13.35 11.94 -2.32
N GLU B 435 13.33 10.81 -3.04
CA GLU B 435 14.54 10.29 -3.66
C GLU B 435 15.18 11.30 -4.60
N VAL B 436 14.36 12.11 -5.29
CA VAL B 436 14.85 12.98 -6.35
C VAL B 436 14.81 14.46 -5.97
N ASN B 437 14.03 14.85 -4.97
CA ASN B 437 13.79 16.27 -4.66
C ASN B 437 14.27 16.73 -3.28
N SER B 438 15.03 15.91 -2.55
CA SER B 438 15.54 16.36 -1.26
C SER B 438 16.60 17.45 -1.44
N ASP B 439 16.86 18.16 -0.33
CA ASP B 439 17.89 19.19 -0.26
C ASP B 439 18.97 18.77 0.73
N LEU B 440 20.21 19.22 0.48
CA LEU B 440 21.23 19.12 1.51
C LEU B 440 21.14 20.29 2.48
N ILE B 441 21.26 20.00 3.77
CA ILE B 441 21.37 21.00 4.82
C ILE B 441 22.71 20.86 5.51
N TYR B 442 23.44 21.97 5.65
CA TYR B 442 24.67 22.02 6.44
C TYR B 442 24.37 22.73 7.75
N ILE B 443 24.64 22.05 8.85
CA ILE B 443 24.23 22.44 10.20
C ILE B 443 25.47 22.52 11.08
N THR B 444 25.72 23.68 11.68
CA THR B 444 26.70 23.77 12.75
C THR B 444 26.15 23.17 14.03
N ALA B 445 26.77 22.08 14.49
CA ALA B 445 26.51 21.51 15.81
C ALA B 445 27.38 22.22 16.82
N LYS B 446 26.87 23.33 17.38
CA LYS B 446 27.64 24.13 18.31
C LYS B 446 28.02 23.33 19.55
N LYS B 447 29.12 23.74 20.19
CA LYS B 447 29.63 23.03 21.35
C LYS B 447 28.66 23.05 22.53
N ASP B 448 27.78 24.04 22.60
CA ASP B 448 26.72 24.09 23.60
C ASP B 448 25.58 23.12 23.30
N GLY B 449 25.62 22.38 22.19
CA GLY B 449 24.58 21.46 21.82
C GLY B 449 23.46 22.01 20.96
N THR B 450 23.48 23.30 20.64
CA THR B 450 22.48 23.85 19.74
C THR B 450 22.85 23.56 18.29
N HIS B 451 21.82 23.44 17.46
CA HIS B 451 21.98 23.20 16.03
C HIS B 451 21.54 24.44 15.26
N VAL B 452 22.43 24.99 14.45
CA VAL B 452 22.16 26.17 13.64
C VAL B 452 22.28 25.77 12.18
N VAL B 453 21.21 25.97 11.42
CA VAL B 453 21.22 25.71 9.98
C VAL B 453 22.10 26.76 9.30
N GLU B 454 23.26 26.34 8.80
CA GLU B 454 24.21 27.23 8.16
C GLU B 454 23.99 27.38 6.66
N ASN B 455 23.64 26.30 5.97
CA ASN B 455 23.58 26.37 4.52
C ASN B 455 22.60 25.36 3.95
N VAL B 456 22.10 25.65 2.75
CA VAL B 456 21.13 24.80 2.07
C VAL B 456 21.57 24.68 0.62
N ASP B 457 21.49 23.47 0.08
CA ASP B 457 21.74 23.21 -1.34
C ASP B 457 20.57 22.40 -1.90
N ALA B 458 19.65 23.09 -2.57
CA ALA B 458 18.51 22.45 -3.22
C ALA B 458 18.86 21.80 -4.56
N THR B 459 20.06 22.01 -5.08
CA THR B 459 20.41 21.60 -6.43
C THR B 459 21.06 20.23 -6.53
N HIS B 460 21.55 19.68 -5.42
CA HIS B 460 22.42 18.51 -5.50
C HIS B 460 21.68 17.20 -5.75
N ILE B 461 20.55 16.97 -5.07
CA ILE B 461 19.85 15.70 -5.18
C ILE B 461 19.17 15.58 -6.54
N GLY B 462 19.31 14.40 -7.15
CA GLY B 462 18.75 14.07 -8.44
C GLY B 462 19.17 14.98 -9.58
N LYS B 463 20.48 15.23 -9.69
CA LYS B 463 20.97 16.18 -10.69
C LYS B 463 20.76 15.67 -12.11
N LEU B 464 20.68 14.35 -12.29
CA LEU B 464 20.40 13.79 -13.60
C LEU B 464 19.75 12.43 -13.42
N ILE B 465 18.85 12.10 -14.35
CA ILE B 465 18.25 10.77 -14.45
C ILE B 465 18.37 10.31 -15.90
N VAL B 466 18.86 9.09 -16.09
CA VAL B 466 19.20 8.60 -17.42
C VAL B 466 18.64 7.19 -17.63
N THR B 467 18.51 6.82 -18.90
CA THR B 467 18.15 5.47 -19.30
C THR B 467 18.78 5.17 -20.64
N LYS B 468 18.78 3.89 -21.04
CA LYS B 468 19.31 3.53 -22.35
C LYS B 468 18.42 4.12 -23.45
N GLN B 469 19.05 4.72 -24.46
CA GLN B 469 18.30 5.25 -25.59
C GLN B 469 17.70 4.13 -26.45
N ILE B 470 16.60 4.45 -27.13
CA ILE B 470 15.92 3.48 -27.96
C ILE B 470 16.79 3.11 -29.15
N GLY B 471 17.11 1.81 -29.27
CA GLY B 471 17.85 1.32 -30.41
C GLY B 471 19.33 1.65 -30.45
N GLY B 472 19.87 2.22 -29.38
CA GLY B 472 21.30 2.46 -29.28
C GLY B 472 21.72 2.44 -27.82
N ASP B 473 23.02 2.65 -27.61
CA ASP B 473 23.62 2.50 -26.29
C ASP B 473 23.98 3.83 -25.66
N GLY B 474 23.69 4.95 -26.34
CA GLY B 474 23.82 6.24 -25.72
C GLY B 474 22.84 6.43 -24.59
N MET B 475 23.16 7.37 -23.70
CA MET B 475 22.23 7.78 -22.66
C MET B 475 21.09 8.63 -23.23
N MET B 476 19.90 8.44 -22.68
CA MET B 476 18.77 9.34 -22.86
C MET B 476 18.48 9.98 -21.52
N ASP B 477 18.57 11.31 -21.48
CA ASP B 477 18.20 12.07 -20.29
C ASP B 477 16.68 12.13 -20.14
N ILE B 478 16.17 11.63 -19.02
CA ILE B 478 14.75 11.67 -18.71
C ILE B 478 14.46 12.49 -17.46
N THR B 479 15.42 13.30 -17.02
CA THR B 479 15.27 14.09 -15.82
C THR B 479 14.01 14.96 -15.85
N ASP B 480 13.72 15.56 -17.01
CA ASP B 480 12.54 16.40 -17.18
C ASP B 480 11.23 15.62 -17.07
N THR B 481 11.27 14.29 -17.23
CA THR B 481 10.09 13.47 -16.98
C THR B 481 9.79 13.29 -15.50
N TYR B 482 10.79 13.45 -14.63
CA TYR B 482 10.60 13.32 -13.20
C TYR B 482 10.42 14.64 -12.47
N LYS B 483 11.06 15.72 -12.92
CA LYS B 483 10.87 16.99 -12.25
C LYS B 483 11.07 18.15 -13.22
N PHE B 484 10.41 19.27 -12.92
CA PHE B 484 10.49 20.47 -13.72
C PHE B 484 11.89 21.08 -13.64
N GLN B 485 12.13 22.04 -14.54
CA GLN B 485 13.40 22.76 -14.57
C GLN B 485 13.66 23.43 -13.22
N GLU B 486 14.86 23.21 -12.69
CA GLU B 486 15.19 23.62 -11.33
C GLU B 486 15.13 25.13 -11.16
N GLY B 487 14.61 25.57 -10.01
CA GLY B 487 14.45 26.97 -9.68
C GLY B 487 13.26 27.68 -10.30
N GLN B 488 12.55 27.05 -11.22
CA GLN B 488 11.34 27.63 -11.78
C GLN B 488 10.14 27.44 -10.85
N GLU B 489 9.12 28.26 -11.07
CA GLU B 489 7.91 28.24 -10.25
C GLU B 489 7.24 26.87 -10.22
N GLU B 490 7.27 26.14 -11.35
CA GLU B 490 6.65 24.82 -11.38
C GLU B 490 7.32 23.83 -10.43
N GLU B 491 8.62 23.98 -10.18
CA GLU B 491 9.26 23.19 -9.12
C GLU B 491 8.72 23.54 -7.74
N ARG B 492 8.44 24.81 -7.49
CA ARG B 492 7.86 25.22 -6.21
C ARG B 492 6.43 24.71 -6.08
N LEU B 493 5.65 24.77 -7.15
CA LEU B 493 4.29 24.22 -7.14
C LEU B 493 4.30 22.71 -6.87
N ALA B 494 5.22 21.98 -7.51
CA ALA B 494 5.35 20.55 -7.25
C ALA B 494 5.74 20.27 -5.79
N LEU B 495 6.70 21.04 -5.27
CA LEU B 495 7.10 20.90 -3.87
C LEU B 495 5.95 21.16 -2.92
N GLU B 496 5.21 22.25 -3.12
CA GLU B 496 4.07 22.58 -2.27
C GLU B 496 2.97 21.53 -2.37
N THR B 497 2.73 21.00 -3.57
CA THR B 497 1.77 19.91 -3.70
C THR B 497 2.22 18.66 -2.94
N ALA B 498 3.51 18.35 -2.99
CA ALA B 498 4.02 17.21 -2.22
C ALA B 498 3.88 17.45 -0.72
N LEU B 499 4.15 18.68 -0.27
CA LEU B 499 3.98 19.02 1.15
C LEU B 499 2.52 18.99 1.58
N MET B 500 1.58 19.18 0.65
CA MET B 500 0.16 19.01 0.96
C MET B 500 -0.19 17.55 1.30
N TYR B 501 0.58 16.59 0.80
CA TYR B 501 0.22 15.18 0.85
C TYR B 501 1.27 14.33 1.55
N GLY B 502 1.96 14.90 2.53
CA GLY B 502 2.76 14.12 3.46
C GLY B 502 4.22 13.98 3.16
N ALA B 503 4.77 14.72 2.19
CA ALA B 503 6.19 14.99 2.23
C ALA B 503 6.50 15.94 3.39
N LYS B 504 7.71 15.83 3.91
CA LYS B 504 8.08 16.50 5.16
C LYS B 504 9.32 17.35 4.96
N LYS B 505 9.36 18.47 5.67
CA LYS B 505 10.59 19.23 5.89
C LYS B 505 10.72 19.49 7.40
N PRO B 506 11.50 18.67 8.10
CA PRO B 506 11.57 18.82 9.57
C PRO B 506 12.07 20.17 10.03
N LEU B 507 13.09 20.71 9.39
CA LEU B 507 13.70 21.99 9.78
C LEU B 507 13.28 23.08 8.82
N ASN B 508 12.76 24.18 9.37
CA ASN B 508 12.35 25.33 8.58
C ASN B 508 13.59 26.12 8.17
N THR B 509 13.93 26.05 6.88
CA THR B 509 15.08 26.77 6.35
C THR B 509 14.76 28.23 6.10
N GLU B 510 14.23 28.90 7.13
CA GLU B 510 13.91 30.33 7.07
C GLU B 510 14.98 31.20 7.70
N GLY B 511 15.65 30.71 8.75
CA GLY B 511 16.79 31.39 9.32
C GLY B 511 18.07 31.16 8.55
N VAL B 512 17.96 31.05 7.23
CA VAL B 512 19.11 30.85 6.35
C VAL B 512 18.86 31.65 5.08
N MET B 513 19.94 32.18 4.50
CA MET B 513 19.89 33.35 3.64
C MET B 513 21.12 33.36 2.77
N LYS B 514 21.11 34.22 1.75
CA LYS B 514 22.30 34.43 0.94
C LYS B 514 23.44 34.94 1.82
N SER B 515 24.66 34.54 1.48
CA SER B 515 25.83 34.97 2.23
C SER B 515 25.92 36.49 2.29
N ARG B 516 26.25 37.01 3.47
CA ARG B 516 26.48 38.44 3.65
C ARG B 516 27.69 38.89 2.85
N SER B 517 28.73 38.06 2.80
CA SER B 517 29.98 38.45 2.17
C SER B 517 29.87 38.57 0.66
N ASN B 518 28.97 37.82 0.03
CA ASN B 518 28.99 37.60 -1.42
C ASN B 518 30.37 37.14 -1.90
N VAL B 519 30.90 36.14 -1.22
CA VAL B 519 32.08 35.40 -1.68
C VAL B 519 31.60 34.08 -2.28
N ASP B 520 32.07 33.77 -3.49
CA ASP B 520 31.86 32.44 -4.05
C ASP B 520 33.04 31.53 -3.76
N MET B 521 32.73 30.24 -3.60
CA MET B 521 33.73 29.20 -3.52
C MET B 521 33.28 28.03 -4.38
N ASP B 522 34.20 27.46 -5.15
CA ASP B 522 33.91 26.22 -5.86
C ASP B 522 35.20 25.47 -6.10
N PHE B 523 35.09 24.16 -6.31
CA PHE B 523 36.30 23.37 -6.56
C PHE B 523 36.02 22.31 -7.59
N GLU B 524 37.07 21.94 -8.32
CA GLU B 524 37.01 20.91 -9.34
C GLU B 524 38.00 19.79 -9.03
N VAL B 525 37.56 18.55 -9.25
CA VAL B 525 38.43 17.38 -9.16
C VAL B 525 38.52 16.79 -10.56
N GLU B 526 39.75 16.67 -11.08
CA GLU B 526 39.94 16.06 -12.39
C GLU B 526 39.76 14.54 -12.32
N ASN B 527 39.21 13.99 -13.39
CA ASN B 527 39.09 12.55 -13.53
C ASN B 527 40.47 11.91 -13.68
N ALA B 528 40.60 10.69 -13.19
CA ALA B 528 41.88 10.00 -13.18
C ALA B 528 41.69 8.52 -13.48
N VAL B 529 42.70 7.93 -14.08
CA VAL B 529 42.82 6.48 -14.20
C VAL B 529 43.27 5.92 -12.87
N LEU B 530 42.75 4.74 -12.53
CA LEU B 530 43.10 4.12 -11.26
C LEU B 530 44.60 3.93 -11.14
N GLY B 531 45.16 4.41 -10.03
CA GLY B 531 46.59 4.34 -9.82
C GLY B 531 47.37 5.56 -10.28
N LYS B 532 46.69 6.67 -10.57
CA LYS B 532 47.36 7.90 -10.98
C LYS B 532 47.11 9.01 -9.97
N ASP B 533 48.11 9.88 -9.82
CA ASP B 533 47.94 11.12 -9.07
C ASP B 533 47.03 12.08 -9.85
N PHE B 534 46.31 12.92 -9.12
CA PHE B 534 45.45 13.89 -9.78
C PHE B 534 45.31 15.16 -8.95
N LYS B 535 44.95 16.24 -9.64
CA LYS B 535 44.84 17.58 -9.07
C LYS B 535 43.40 17.89 -8.68
N LEU B 536 43.23 18.43 -7.49
CA LEU B 536 42.00 19.06 -7.04
C LEU B 536 42.27 20.55 -6.85
N SER B 537 41.44 21.39 -7.46
CA SER B 537 41.69 22.83 -7.40
C SER B 537 40.47 23.56 -6.85
N ILE B 538 40.72 24.37 -5.82
CA ILE B 538 39.70 25.15 -5.11
C ILE B 538 39.86 26.60 -5.51
N THR B 539 38.76 27.27 -5.79
CA THR B 539 38.74 28.68 -6.12
C THR B 539 37.86 29.43 -5.14
N PHE B 540 38.33 30.61 -4.75
CA PHE B 540 37.58 31.55 -3.93
C PHE B 540 37.56 32.88 -4.67
N ARG B 541 36.39 33.50 -4.75
CA ARG B 541 36.25 34.71 -5.53
C ARG B 541 35.45 35.72 -4.73
N ASN B 542 35.93 36.95 -4.68
CA ASN B 542 35.32 38.00 -3.86
C ASN B 542 34.55 38.90 -4.80
N ASN B 543 33.26 39.08 -4.52
CA ASN B 543 32.42 40.00 -5.27
C ASN B 543 32.15 41.30 -4.52
N SER B 544 33.02 41.67 -3.57
CA SER B 544 32.79 42.83 -2.73
C SER B 544 34.06 43.65 -2.62
N HIS B 545 33.88 44.92 -2.26
CA HIS B 545 34.99 45.84 -2.00
C HIS B 545 35.64 45.63 -0.63
N ASN B 546 35.19 44.64 0.13
CA ASN B 546 35.79 44.30 1.41
C ASN B 546 36.95 43.32 1.24
N ARG B 547 37.76 43.21 2.29
CA ARG B 547 38.85 42.25 2.34
C ARG B 547 38.49 41.19 3.37
N TYR B 548 38.61 39.93 2.98
CA TYR B 548 38.20 38.81 3.82
C TYR B 548 39.37 37.89 4.14
N THR B 549 39.33 37.31 5.34
CA THR B 549 40.16 36.17 5.69
C THR B 549 39.27 34.96 5.90
N ILE B 550 39.71 33.82 5.37
CA ILE B 550 38.92 32.59 5.29
C ILE B 550 39.79 31.46 5.80
N THR B 551 39.22 30.60 6.66
CA THR B 551 39.81 29.30 6.92
C THR B 551 38.99 28.22 6.24
N ALA B 552 39.66 27.40 5.44
CA ALA B 552 39.02 26.35 4.65
C ALA B 552 39.65 25.00 4.91
N TYR B 553 38.84 23.96 4.79
CA TYR B 553 39.23 22.59 5.09
C TYR B 553 38.82 21.72 3.90
N LEU B 554 39.70 20.80 3.54
CA LEU B 554 39.42 19.71 2.61
C LEU B 554 39.41 18.40 3.38
N SER B 555 38.31 17.68 3.28
CA SER B 555 38.22 16.29 3.73
C SER B 555 38.00 15.39 2.52
N ALA B 556 38.90 14.41 2.34
CA ALA B 556 38.78 13.45 1.24
C ALA B 556 38.56 12.06 1.82
N ASN B 557 37.47 11.42 1.40
CA ASN B 557 37.02 10.15 1.97
C ASN B 557 36.91 9.11 0.86
N ILE B 558 37.30 7.88 1.18
CA ILE B 558 36.94 6.74 0.35
C ILE B 558 35.54 6.29 0.74
N THR B 559 34.66 6.10 -0.24
CA THR B 559 33.28 5.74 0.05
C THR B 559 32.80 4.61 -0.85
N PHE B 560 31.81 3.87 -0.33
CA PHE B 560 30.98 3.01 -1.17
C PHE B 560 30.15 3.88 -2.11
N TYR B 561 29.66 3.28 -3.20
CA TYR B 561 28.87 4.07 -4.14
C TYR B 561 27.59 4.59 -3.52
N THR B 562 27.14 3.98 -2.42
CA THR B 562 26.06 4.48 -1.58
C THR B 562 26.44 5.73 -0.80
N GLY B 563 27.66 6.23 -0.95
CA GLY B 563 28.11 7.39 -0.21
C GLY B 563 28.50 7.13 1.23
N VAL B 564 28.40 5.89 1.70
CA VAL B 564 28.85 5.53 3.04
C VAL B 564 30.37 5.59 3.09
N PRO B 565 30.97 6.43 3.94
CA PRO B 565 32.42 6.55 3.96
C PRO B 565 33.08 5.43 4.74
N LYS B 566 34.33 5.14 4.36
CA LYS B 566 35.13 4.13 5.03
C LYS B 566 36.37 4.69 5.72
N ALA B 567 37.10 5.61 5.08
CA ALA B 567 38.31 6.15 5.65
C ALA B 567 38.54 7.56 5.08
N GLU B 568 39.02 8.45 5.93
CA GLU B 568 39.49 9.77 5.50
C GLU B 568 40.94 9.70 5.02
N PHE B 569 41.13 9.56 3.71
CA PHE B 569 42.47 9.29 3.20
C PHE B 569 43.32 10.55 3.11
N LYS B 570 42.71 11.74 3.07
CA LYS B 570 43.44 12.99 3.05
C LYS B 570 42.66 14.07 3.78
N LYS B 571 43.39 14.90 4.54
CA LYS B 571 42.82 16.06 5.21
C LYS B 571 43.77 17.24 5.08
N GLU B 572 43.24 18.41 4.73
CA GLU B 572 44.08 19.57 4.47
C GLU B 572 43.39 20.82 4.99
N THR B 573 44.19 21.83 5.30
CA THR B 573 43.70 23.14 5.76
C THR B 573 44.37 24.26 4.97
N PHE B 574 43.58 25.27 4.61
CA PHE B 574 44.03 26.42 3.85
C PHE B 574 43.63 27.69 4.57
N ASP B 575 44.55 28.66 4.62
CA ASP B 575 44.23 30.01 5.04
C ASP B 575 44.30 30.92 3.82
N VAL B 576 43.22 31.64 3.56
CA VAL B 576 43.09 32.44 2.34
C VAL B 576 42.78 33.88 2.73
N THR B 577 43.49 34.83 2.13
CA THR B 577 43.10 36.23 2.20
C THR B 577 42.63 36.67 0.83
N LEU B 578 41.38 37.14 0.75
CA LEU B 578 40.84 37.70 -0.48
C LEU B 578 40.87 39.23 -0.40
N GLU B 579 41.60 39.84 -1.31
CA GLU B 579 41.51 41.28 -1.52
C GLU B 579 40.15 41.64 -2.12
N PRO B 580 39.74 42.91 -2.02
CA PRO B 580 38.54 43.36 -2.72
C PRO B 580 38.51 42.94 -4.18
N LEU B 581 37.37 42.40 -4.61
CA LEU B 581 37.15 41.96 -5.98
C LEU B 581 38.14 40.90 -6.48
N SER B 582 39.05 40.43 -5.63
CA SER B 582 40.10 39.54 -6.09
C SER B 582 39.59 38.10 -6.11
N PHE B 583 40.45 37.21 -6.61
CA PHE B 583 40.22 35.77 -6.50
C PHE B 583 41.53 35.08 -6.13
N LYS B 584 41.42 33.88 -5.58
CA LYS B 584 42.56 33.04 -5.27
C LYS B 584 42.28 31.58 -5.62
N LYS B 585 43.35 30.85 -5.99
CA LYS B 585 43.28 29.47 -6.41
C LYS B 585 44.24 28.64 -5.56
N GLU B 586 43.74 27.56 -4.97
CA GLU B 586 44.55 26.61 -4.23
C GLU B 586 44.61 25.31 -5.03
N ALA B 587 45.82 24.86 -5.34
CA ALA B 587 46.02 23.58 -6.01
C ALA B 587 46.48 22.51 -5.01
N VAL B 588 45.77 21.39 -4.99
CA VAL B 588 46.07 20.26 -4.12
C VAL B 588 46.42 19.07 -5.01
N LEU B 589 47.54 18.42 -4.73
CA LEU B 589 47.88 17.17 -5.41
C LEU B 589 47.47 15.99 -4.53
N ILE B 590 46.70 15.08 -5.09
CA ILE B 590 46.38 13.81 -4.45
C ILE B 590 47.20 12.71 -5.12
N GLN B 591 47.92 11.96 -4.31
CA GLN B 591 48.86 10.96 -4.82
C GLN B 591 48.25 9.57 -4.69
N ALA B 592 48.55 8.71 -5.66
CA ALA B 592 48.04 7.35 -5.69
C ALA B 592 48.27 6.62 -4.37
N GLY B 593 49.46 6.76 -3.79
CA GLY B 593 49.76 6.10 -2.53
C GLY B 593 48.91 6.53 -1.35
N GLU B 594 48.23 7.66 -1.44
CA GLU B 594 47.31 8.04 -0.37
C GLU B 594 46.01 7.24 -0.39
N TYR B 595 45.52 6.86 -1.58
CA TYR B 595 44.25 6.16 -1.72
C TYR B 595 44.37 4.70 -2.14
N MET B 596 45.41 4.32 -2.89
CA MET B 596 45.44 3.04 -3.58
C MET B 596 45.36 1.84 -2.63
N GLY B 597 45.91 1.95 -1.42
CA GLY B 597 45.81 0.83 -0.49
C GLY B 597 44.43 0.59 0.09
N GLN B 598 43.49 1.50 -0.11
CA GLN B 598 42.31 1.59 0.74
C GLN B 598 41.00 1.60 -0.03
N LEU B 599 41.05 1.64 -1.37
CA LEU B 599 39.84 1.79 -2.17
C LEU B 599 38.88 0.61 -2.01
N LEU B 600 37.60 0.94 -1.91
CA LEU B 600 36.51 -0.03 -1.99
C LEU B 600 36.21 -0.33 -3.46
N GLU B 601 35.27 -1.24 -3.69
CA GLU B 601 34.83 -1.49 -5.05
C GLU B 601 34.21 -0.22 -5.65
N GLN B 602 34.16 -0.18 -6.98
CA GLN B 602 33.73 0.97 -7.76
C GLN B 602 34.61 2.21 -7.53
N ALA B 603 35.62 2.08 -6.65
CA ALA B 603 36.70 3.08 -6.52
C ALA B 603 36.18 4.51 -6.39
N SER B 604 35.28 4.74 -5.45
CA SER B 604 34.63 6.04 -5.32
C SER B 604 35.24 6.87 -4.21
N LEU B 605 35.49 8.14 -4.52
CA LEU B 605 36.07 9.12 -3.62
C LEU B 605 35.10 10.28 -3.47
N HIS B 606 35.04 10.86 -2.28
CA HIS B 606 34.15 11.98 -1.99
C HIS B 606 34.91 13.06 -1.25
N PHE B 607 34.78 14.29 -1.72
CA PHE B 607 35.52 15.44 -1.22
C PHE B 607 34.53 16.45 -0.65
N PHE B 608 34.77 16.87 0.59
CA PHE B 608 34.14 18.06 1.15
C PHE B 608 35.17 19.18 1.15
N VAL B 609 34.78 20.33 0.61
CA VAL B 609 35.48 21.59 0.85
C VAL B 609 34.53 22.48 1.63
N THR B 610 34.98 22.96 2.77
CA THR B 610 34.17 23.88 3.56
C THR B 610 35.06 24.99 4.08
N ALA B 611 34.46 26.14 4.35
CA ALA B 611 35.25 27.26 4.86
C ALA B 611 34.36 28.19 5.66
N ARG B 612 34.97 28.85 6.64
CA ARG B 612 34.34 29.97 7.32
C ARG B 612 35.13 31.26 7.11
N ILE B 613 34.40 32.30 6.71
CA ILE B 613 34.95 33.64 6.53
C ILE B 613 35.02 34.28 7.91
N ASN B 614 36.22 34.67 8.33
CA ASN B 614 36.40 35.11 9.71
C ASN B 614 35.66 36.40 10.01
N GLU B 615 35.59 37.31 9.04
CA GLU B 615 35.00 38.62 9.29
C GLU B 615 33.48 38.63 9.22
N THR B 616 32.85 37.64 8.59
CA THR B 616 31.41 37.66 8.43
C THR B 616 30.72 36.43 8.99
N ARG B 617 31.47 35.46 9.50
CA ARG B 617 30.99 34.16 9.97
C ARG B 617 30.31 33.26 8.93
N ASP B 618 30.11 33.73 7.69
CA ASP B 618 29.44 32.89 6.70
C ASP B 618 30.16 31.57 6.52
N VAL B 619 29.41 30.50 6.28
CA VAL B 619 29.98 29.20 5.94
C VAL B 619 29.75 28.91 4.46
N LEU B 620 30.83 28.56 3.76
CA LEU B 620 30.81 28.03 2.41
C LEU B 620 30.99 26.51 2.49
N ALA B 621 30.23 25.77 1.70
CA ALA B 621 30.34 24.32 1.76
C ALA B 621 29.91 23.69 0.45
N LYS B 622 30.78 22.84 -0.10
CA LYS B 622 30.47 22.06 -1.30
C LYS B 622 31.11 20.68 -1.19
N GLN B 623 30.49 19.72 -1.87
CA GLN B 623 30.96 18.34 -1.89
C GLN B 623 30.83 17.78 -3.30
N LYS B 624 31.82 16.96 -3.70
CA LYS B 624 31.83 16.35 -5.02
C LYS B 624 32.42 14.94 -4.93
N SER B 625 32.08 14.12 -5.92
CA SER B 625 32.54 12.75 -5.98
C SER B 625 33.35 12.52 -7.25
N THR B 626 34.27 11.56 -7.20
CA THR B 626 34.84 10.99 -8.41
C THR B 626 34.86 9.47 -8.33
N VAL B 627 34.81 8.83 -9.51
CA VAL B 627 35.04 7.39 -9.64
C VAL B 627 36.25 7.17 -10.53
N LEU B 628 37.24 6.44 -10.01
CA LEU B 628 38.46 6.18 -10.76
C LEU B 628 38.20 5.25 -11.94
N THR B 629 38.77 5.60 -13.11
CA THR B 629 38.61 4.79 -14.31
C THR B 629 39.46 3.53 -14.25
N ILE B 630 38.86 2.39 -14.57
CA ILE B 630 39.54 1.10 -14.61
C ILE B 630 39.47 0.57 -16.03
N PRO B 631 40.60 0.14 -16.62
CA PRO B 631 40.58 -0.34 -18.02
C PRO B 631 39.60 -1.48 -18.25
N GLU B 632 38.96 -1.44 -19.41
CA GLU B 632 37.99 -2.45 -19.83
C GLU B 632 38.66 -3.79 -20.13
N ILE B 633 37.86 -4.85 -20.01
CA ILE B 633 38.19 -6.18 -20.56
C ILE B 633 38.12 -6.14 -22.08
N ILE B 634 39.04 -6.84 -22.74
CA ILE B 634 39.06 -6.92 -24.21
C ILE B 634 38.45 -8.22 -24.68
N ILE B 635 37.47 -8.14 -25.58
CA ILE B 635 36.83 -9.31 -26.19
C ILE B 635 37.17 -9.32 -27.68
N LYS B 636 37.47 -10.52 -28.19
CA LYS B 636 37.75 -10.73 -29.61
C LYS B 636 37.03 -11.98 -30.09
N VAL B 637 36.74 -12.03 -31.39
CA VAL B 637 36.11 -13.18 -32.01
C VAL B 637 36.84 -13.59 -33.28
N ARG B 638 36.82 -14.89 -33.56
CA ARG B 638 37.52 -15.51 -34.68
C ARG B 638 36.63 -16.57 -35.30
N GLY B 639 36.88 -16.86 -36.58
CA GLY B 639 36.01 -17.74 -37.32
C GLY B 639 34.72 -17.08 -37.75
N THR B 640 33.93 -17.84 -38.53
CA THR B 640 32.74 -17.28 -39.15
C THR B 640 31.67 -17.04 -38.10
N GLN B 641 31.09 -15.83 -38.14
CA GLN B 641 29.98 -15.45 -37.25
C GLN B 641 28.65 -15.83 -37.90
N VAL B 642 28.41 -17.13 -37.95
CA VAL B 642 27.21 -17.68 -38.58
C VAL B 642 26.52 -18.61 -37.58
N VAL B 643 25.19 -18.48 -37.51
CA VAL B 643 24.39 -19.32 -36.62
C VAL B 643 24.69 -20.79 -36.90
N GLY B 644 24.93 -21.55 -35.84
CA GLY B 644 25.27 -22.95 -35.94
C GLY B 644 26.70 -23.25 -36.31
N SER B 645 27.45 -22.28 -36.83
CA SER B 645 28.89 -22.45 -37.02
C SER B 645 29.62 -22.26 -35.69
N ASP B 646 30.77 -22.91 -35.57
CA ASP B 646 31.63 -22.70 -34.42
C ASP B 646 32.36 -21.36 -34.53
N MET B 647 32.35 -20.59 -33.43
CA MET B 647 33.00 -19.29 -33.34
C MET B 647 33.91 -19.30 -32.13
N THR B 648 35.11 -18.72 -32.26
CA THR B 648 36.08 -18.73 -31.17
C THR B 648 36.09 -17.37 -30.50
N VAL B 649 35.87 -17.36 -29.18
CA VAL B 649 35.80 -16.13 -28.40
C VAL B 649 37.00 -16.08 -27.47
N THR B 650 37.75 -14.97 -27.55
CA THR B 650 38.89 -14.72 -26.69
C THR B 650 38.56 -13.57 -25.75
N VAL B 651 38.66 -13.81 -24.45
CA VAL B 651 38.51 -12.78 -23.43
C VAL B 651 39.89 -12.53 -22.82
N GLU B 652 40.35 -11.29 -22.88
CA GLU B 652 41.67 -10.91 -22.39
C GLU B 652 41.50 -9.89 -21.28
N PHE B 653 42.32 -10.00 -20.25
CA PHE B 653 42.31 -9.06 -19.13
C PHE B 653 43.73 -8.81 -18.66
N THR B 654 44.06 -7.54 -18.45
CA THR B 654 45.36 -7.13 -17.96
C THR B 654 45.21 -6.54 -16.56
N ASN B 655 45.95 -7.09 -15.61
CA ASN B 655 45.91 -6.58 -14.25
C ASN B 655 46.38 -5.13 -14.24
N PRO B 656 45.56 -4.18 -13.79
CA PRO B 656 45.97 -2.77 -13.78
C PRO B 656 46.77 -2.36 -12.54
N LEU B 657 46.77 -3.19 -11.51
CA LEU B 657 47.36 -2.80 -10.23
C LEU B 657 48.86 -3.06 -10.21
N LYS B 658 49.48 -2.71 -9.10
CA LYS B 658 50.84 -3.11 -8.76
C LYS B 658 50.86 -4.27 -7.77
N GLU B 659 49.80 -5.06 -7.73
CA GLU B 659 49.69 -6.19 -6.83
C GLU B 659 49.18 -7.41 -7.61
N THR B 660 49.44 -8.58 -7.06
CA THR B 660 48.89 -9.81 -7.59
C THR B 660 47.41 -9.94 -7.26
N LEU B 661 46.57 -9.99 -8.29
CA LEU B 661 45.16 -10.32 -8.12
C LEU B 661 45.01 -11.80 -7.85
N ARG B 662 44.10 -12.17 -6.95
CA ARG B 662 43.95 -13.54 -6.52
C ARG B 662 42.49 -13.97 -6.60
N ASN B 663 42.30 -15.27 -6.87
CA ASN B 663 40.98 -15.87 -7.06
C ASN B 663 40.15 -15.08 -8.08
N VAL B 664 40.77 -14.75 -9.21
CA VAL B 664 40.11 -13.95 -10.23
C VAL B 664 39.07 -14.79 -10.95
N TRP B 665 37.83 -14.32 -10.95
CA TRP B 665 36.77 -14.89 -11.78
C TRP B 665 36.52 -13.96 -12.96
N VAL B 666 36.55 -14.52 -14.17
CA VAL B 666 36.10 -13.84 -15.37
C VAL B 666 34.81 -14.47 -15.84
N HIS B 667 33.82 -13.64 -16.16
CA HIS B 667 32.53 -14.13 -16.63
C HIS B 667 32.30 -13.65 -18.06
N LEU B 668 31.58 -14.47 -18.83
CA LEU B 668 31.25 -14.18 -20.22
C LEU B 668 29.80 -14.56 -20.48
N ASP B 669 29.13 -13.76 -21.29
CA ASP B 669 27.69 -13.85 -21.47
C ASP B 669 27.32 -13.17 -22.77
N GLY B 670 26.11 -13.41 -23.24
CA GLY B 670 25.63 -12.81 -24.45
C GLY B 670 24.47 -13.57 -25.06
N PRO B 671 23.26 -13.06 -24.87
CA PRO B 671 22.06 -13.86 -25.18
C PRO B 671 21.99 -14.20 -26.66
N GLY B 672 21.72 -15.46 -26.94
CA GLY B 672 21.75 -15.97 -28.30
C GLY B 672 23.13 -16.28 -28.86
N VAL B 673 24.20 -15.89 -28.19
CA VAL B 673 25.56 -16.17 -28.63
C VAL B 673 26.23 -17.21 -27.73
N THR B 674 26.14 -17.03 -26.42
CA THR B 674 26.71 -17.97 -25.48
C THR B 674 25.87 -18.01 -24.22
N ARG B 675 25.78 -19.20 -23.62
CA ARG B 675 25.28 -19.30 -22.27
C ARG B 675 26.24 -18.60 -21.32
N PRO B 676 25.78 -18.24 -20.12
CA PRO B 676 26.70 -17.77 -19.09
C PRO B 676 27.82 -18.76 -18.81
N MET B 677 29.06 -18.27 -18.90
CA MET B 677 30.25 -19.05 -18.58
C MET B 677 31.13 -18.26 -17.63
N LYS B 678 31.90 -18.97 -16.81
CA LYS B 678 32.87 -18.31 -15.96
C LYS B 678 34.11 -19.17 -15.84
N LYS B 679 35.23 -18.49 -15.60
CA LYS B 679 36.57 -19.06 -15.60
C LYS B 679 37.33 -18.54 -14.39
N MET B 680 38.08 -19.43 -13.76
CA MET B 680 38.82 -19.13 -12.54
C MET B 680 40.32 -19.11 -12.85
N PHE B 681 40.96 -18.00 -12.51
CA PHE B 681 42.41 -17.86 -12.57
C PHE B 681 42.94 -17.71 -11.15
N ARG B 682 43.87 -18.59 -10.78
CA ARG B 682 44.33 -18.64 -9.39
C ARG B 682 45.05 -17.36 -8.99
N GLU B 683 45.88 -16.82 -9.88
CA GLU B 683 46.57 -15.56 -9.61
C GLU B 683 46.80 -14.84 -10.92
N ILE B 684 46.98 -13.52 -10.82
CA ILE B 684 47.38 -12.68 -11.95
C ILE B 684 48.43 -11.70 -11.44
N ARG B 685 49.67 -11.87 -11.88
CA ARG B 685 50.78 -11.05 -11.42
C ARG B 685 50.55 -9.58 -11.78
N PRO B 686 51.25 -8.65 -11.10
CA PRO B 686 50.83 -7.24 -11.12
C PRO B 686 50.62 -6.65 -12.51
N ASN B 687 51.60 -6.75 -13.39
CA ASN B 687 51.49 -6.23 -14.74
C ASN B 687 51.08 -7.29 -15.75
N SER B 688 50.72 -8.49 -15.29
CA SER B 688 50.55 -9.62 -16.20
C SER B 688 49.16 -9.59 -16.84
N THR B 689 49.03 -10.35 -17.93
CA THR B 689 47.78 -10.47 -18.66
C THR B 689 47.36 -11.94 -18.71
N VAL B 690 46.05 -12.17 -18.68
CA VAL B 690 45.48 -13.50 -18.89
C VAL B 690 44.61 -13.47 -20.13
N GLN B 691 44.55 -14.63 -20.80
CA GLN B 691 43.60 -14.90 -21.86
C GLN B 691 42.79 -16.15 -21.54
N TRP B 692 41.52 -16.13 -21.93
CA TRP B 692 40.62 -17.26 -21.90
C TRP B 692 40.02 -17.43 -23.28
N GLU B 693 39.94 -18.65 -23.76
CA GLU B 693 39.31 -18.91 -25.05
C GLU B 693 38.23 -19.98 -24.94
N GLU B 694 37.10 -19.72 -25.58
CA GLU B 694 35.98 -20.65 -25.67
C GLU B 694 35.58 -20.82 -27.12
N VAL B 695 34.96 -21.96 -27.41
CA VAL B 695 34.24 -22.17 -28.67
C VAL B 695 32.75 -22.11 -28.38
N CYS B 696 32.06 -21.19 -29.05
CA CYS B 696 30.63 -20.95 -28.87
C CYS B 696 29.92 -21.09 -30.20
N ARG B 697 28.68 -21.59 -30.15
CA ARG B 697 27.90 -21.86 -31.37
C ARG B 697 26.65 -20.98 -31.34
N PRO B 698 26.73 -19.76 -31.86
CA PRO B 698 25.60 -18.82 -31.76
C PRO B 698 24.32 -19.36 -32.39
N TRP B 699 23.19 -19.03 -31.77
CA TRP B 699 21.89 -19.49 -32.23
C TRP B 699 20.91 -18.35 -32.51
N VAL B 700 21.35 -17.09 -32.43
CA VAL B 700 20.54 -15.95 -32.79
C VAL B 700 21.33 -15.05 -33.74
N SER B 701 20.67 -14.59 -34.81
CA SER B 701 21.23 -13.76 -35.85
C SER B 701 21.12 -12.26 -35.55
N GLY B 702 21.66 -11.48 -36.47
CA GLY B 702 21.66 -10.03 -36.39
C GLY B 702 22.74 -9.50 -35.47
N HIS B 703 22.58 -8.25 -35.06
CA HIS B 703 23.49 -7.68 -34.08
C HIS B 703 23.26 -8.32 -32.73
N ARG B 704 24.34 -8.77 -32.11
CA ARG B 704 24.36 -9.39 -30.79
C ARG B 704 25.53 -8.80 -30.05
N LYS B 705 25.60 -9.02 -28.73
CA LYS B 705 26.69 -8.48 -27.95
C LYS B 705 27.24 -9.56 -27.04
N LEU B 706 28.56 -9.67 -26.99
CA LEU B 706 29.27 -10.38 -25.94
C LEU B 706 29.60 -9.42 -24.79
N ILE B 707 29.44 -9.93 -23.57
CA ILE B 707 29.62 -9.17 -22.34
C ILE B 707 30.56 -9.98 -21.45
N ALA B 708 31.51 -9.29 -20.82
CA ALA B 708 32.41 -9.94 -19.88
C ALA B 708 32.52 -9.08 -18.63
N SER B 709 32.90 -9.74 -17.55
CA SER B 709 33.18 -9.07 -16.28
C SER B 709 34.32 -9.76 -15.57
N MET B 710 34.92 -9.04 -14.63
CA MET B 710 36.01 -9.55 -13.80
C MET B 710 35.73 -9.23 -12.34
N SER B 711 36.13 -10.15 -11.47
CA SER B 711 36.12 -9.93 -10.04
C SER B 711 37.25 -10.72 -9.40
N SER B 712 37.61 -10.36 -8.17
CA SER B 712 38.69 -11.03 -7.47
C SER B 712 38.51 -10.79 -5.97
N ASP B 713 39.50 -11.21 -5.18
CA ASP B 713 39.54 -10.87 -3.77
C ASP B 713 39.80 -9.39 -3.51
N SER B 714 40.25 -8.63 -4.50
CA SER B 714 40.45 -7.19 -4.31
C SER B 714 39.75 -6.37 -5.37
N LEU B 715 40.25 -6.41 -6.60
CA LEU B 715 39.64 -5.67 -7.69
C LEU B 715 38.38 -6.36 -8.20
N ARG B 716 37.34 -5.56 -8.43
CA ARG B 716 36.12 -6.01 -9.07
C ARG B 716 35.39 -4.78 -9.61
N HIS B 717 34.26 -5.02 -10.29
CA HIS B 717 33.51 -4.00 -11.04
C HIS B 717 34.27 -3.56 -12.29
N VAL B 718 34.74 -4.55 -13.05
CA VAL B 718 35.49 -4.36 -14.29
C VAL B 718 34.76 -5.11 -15.38
N TYR B 719 34.56 -4.46 -16.53
CA TYR B 719 33.64 -4.95 -17.54
C TYR B 719 34.23 -4.79 -18.94
N GLY B 720 33.61 -5.48 -19.90
CA GLY B 720 33.92 -5.28 -21.30
C GLY B 720 32.84 -5.84 -22.19
N GLU B 721 32.80 -5.39 -23.44
CA GLU B 721 31.80 -5.87 -24.38
C GLU B 721 32.31 -5.80 -25.81
N LEU B 722 31.70 -6.61 -26.67
CA LEU B 722 31.94 -6.57 -28.12
C LEU B 722 30.63 -6.76 -28.89
N ASP B 723 30.35 -5.86 -29.83
CA ASP B 723 29.29 -6.09 -30.81
C ASP B 723 29.72 -7.13 -31.84
N VAL B 724 28.95 -8.22 -31.98
CA VAL B 724 29.17 -9.21 -33.03
C VAL B 724 27.92 -9.29 -33.92
N GLN B 725 28.11 -9.04 -35.22
CA GLN B 725 27.10 -9.41 -36.20
C GLN B 725 27.13 -10.91 -36.46
N ILE B 726 26.00 -11.59 -36.31
CA ILE B 726 25.89 -13.01 -36.64
C ILE B 726 25.00 -13.17 -37.87
N GLN B 727 25.55 -13.76 -38.93
CA GLN B 727 24.80 -14.05 -40.14
C GLN B 727 23.85 -15.23 -39.96
N ARG B 728 22.70 -15.16 -40.65
CA ARG B 728 21.76 -16.27 -40.66
C ARG B 728 22.38 -17.53 -41.26
N ARG B 729 21.99 -18.67 -40.71
CA ARG B 729 22.48 -19.94 -41.20
C ARG B 729 21.83 -20.27 -42.55
N PRO B 730 22.53 -21.04 -43.41
CA PRO B 730 22.01 -21.39 -44.74
C PRO B 730 20.65 -22.10 -44.68
N PRO C 24 -29.85 28.60 5.65
CA PRO C 24 -28.82 27.59 5.37
C PRO C 24 -27.80 28.09 4.35
N CYS C 25 -26.58 27.56 4.41
CA CYS C 25 -25.49 28.02 3.56
C CYS C 25 -25.38 27.13 2.33
N GLY C 26 -25.37 27.76 1.16
CA GLY C 26 -25.24 27.03 -0.09
C GLY C 26 -23.83 26.50 -0.32
N PHE C 27 -23.64 25.94 -1.51
CA PHE C 27 -22.39 25.32 -1.88
C PHE C 27 -21.29 26.36 -2.00
N PRO C 28 -20.20 26.26 -1.24
CA PRO C 28 -19.15 27.29 -1.29
C PRO C 28 -18.36 27.14 -2.59
N HIS C 29 -18.42 28.17 -3.44
CA HIS C 29 -17.52 28.23 -4.59
C HIS C 29 -16.14 28.68 -4.13
N VAL C 30 -15.30 27.70 -3.80
CA VAL C 30 -13.93 27.98 -3.41
C VAL C 30 -13.16 28.45 -4.64
N GLU C 31 -12.43 29.55 -4.50
CA GLU C 31 -11.69 30.12 -5.61
C GLU C 31 -10.21 29.75 -5.49
N ASN C 32 -9.65 29.23 -6.58
CA ASN C 32 -8.31 28.64 -6.59
C ASN C 32 -8.10 27.56 -5.54
N GLY C 33 -9.17 26.84 -5.17
CA GLY C 33 -9.06 25.88 -4.09
C GLY C 33 -10.20 24.90 -4.11
N ARG C 34 -10.27 24.07 -3.07
CA ARG C 34 -11.25 22.99 -3.05
C ARG C 34 -11.79 22.78 -1.65
N ILE C 35 -13.01 22.23 -1.59
CA ILE C 35 -13.54 21.56 -0.40
C ILE C 35 -13.29 20.06 -0.53
N ALA C 36 -13.65 19.30 0.50
CA ALA C 36 -13.55 17.83 0.45
C ALA C 36 -14.30 17.27 -0.75
N GLN C 37 -13.60 16.48 -1.56
CA GLN C 37 -13.98 16.30 -2.96
C GLN C 37 -15.19 15.41 -3.16
N TYR C 38 -15.67 14.68 -2.15
CA TYR C 38 -16.97 14.03 -2.29
C TYR C 38 -18.13 15.02 -2.37
N TYR C 39 -17.99 16.18 -1.74
CA TYR C 39 -19.06 17.17 -1.76
C TYR C 39 -19.41 17.62 -3.18
N TYR C 40 -18.45 17.56 -4.10
CA TYR C 40 -18.75 17.86 -5.50
C TYR C 40 -19.66 16.81 -6.13
N THR C 41 -19.53 15.55 -5.74
CA THR C 41 -20.40 14.51 -6.29
C THR C 41 -21.74 14.48 -5.57
N PHE C 42 -21.72 14.52 -4.23
CA PHE C 42 -22.91 14.41 -3.40
C PHE C 42 -23.51 15.76 -3.05
N LYS C 43 -23.34 16.74 -3.94
CA LYS C 43 -23.72 18.13 -3.68
C LYS C 43 -25.17 18.27 -3.26
N SER C 44 -26.08 17.65 -4.01
CA SER C 44 -27.51 17.74 -3.70
C SER C 44 -27.89 17.04 -2.40
N PHE C 45 -27.05 16.16 -1.88
CA PHE C 45 -27.29 15.58 -0.56
C PHE C 45 -26.86 16.50 0.57
N TYR C 46 -25.64 17.04 0.49
CA TYR C 46 -25.06 17.77 1.61
C TYR C 46 -25.53 19.21 1.69
N PHE C 47 -25.92 19.82 0.57
CA PHE C 47 -26.15 21.25 0.62
C PHE C 47 -27.61 21.57 0.31
N PRO C 48 -28.15 22.65 0.90
CA PRO C 48 -27.49 23.57 1.83
C PRO C 48 -27.28 22.99 3.23
N MET C 49 -26.20 23.43 3.87
CA MET C 49 -25.85 23.01 5.22
C MET C 49 -26.54 23.86 6.29
N SER C 50 -26.74 23.25 7.45
CA SER C 50 -27.30 23.93 8.60
C SER C 50 -26.29 24.90 9.21
N ILE C 51 -26.83 25.90 9.92
CA ILE C 51 -25.99 26.88 10.60
C ILE C 51 -25.16 26.20 11.70
N ASP C 52 -23.97 26.75 11.95
CA ASP C 52 -22.93 26.22 12.83
C ASP C 52 -22.29 24.92 12.33
N LYS C 53 -22.64 24.44 11.14
CA LYS C 53 -21.84 23.40 10.51
C LYS C 53 -20.52 23.98 10.01
N LYS C 54 -19.45 23.21 10.15
CA LYS C 54 -18.12 23.62 9.76
C LYS C 54 -17.65 22.85 8.53
N LEU C 55 -16.83 23.50 7.72
CA LEU C 55 -16.35 22.89 6.48
C LEU C 55 -14.88 23.22 6.26
N SER C 56 -14.07 22.20 6.03
CA SER C 56 -12.64 22.38 5.78
C SER C 56 -12.38 22.61 4.30
N PHE C 57 -11.66 23.68 3.97
CA PHE C 57 -11.28 23.96 2.59
C PHE C 57 -9.78 24.20 2.53
N PHE C 58 -9.22 24.08 1.33
CA PHE C 58 -7.78 24.21 1.15
C PHE C 58 -7.48 24.87 -0.18
N CYS C 59 -6.29 25.47 -0.26
CA CYS C 59 -5.80 26.15 -1.44
C CYS C 59 -5.03 25.20 -2.34
N LEU C 60 -5.05 25.47 -3.64
CA LEU C 60 -4.07 24.89 -4.54
C LEU C 60 -2.68 25.45 -4.24
N ALA C 61 -1.66 24.75 -4.73
CA ALA C 61 -0.30 25.29 -4.71
C ALA C 61 -0.25 26.63 -5.43
N GLY C 62 0.60 27.52 -4.92
CA GLY C 62 0.64 28.89 -5.39
C GLY C 62 -0.41 29.80 -4.81
N TYR C 63 -1.30 29.29 -3.96
CA TYR C 63 -2.33 30.09 -3.33
C TYR C 63 -2.36 29.79 -1.84
N THR C 64 -2.92 30.73 -1.06
CA THR C 64 -3.03 30.58 0.38
C THR C 64 -4.28 31.31 0.85
N THR C 65 -4.82 30.85 1.97
CA THR C 65 -5.85 31.59 2.68
C THR C 65 -5.27 32.87 3.27
N GLU C 66 -6.16 33.80 3.62
CA GLU C 66 -5.71 35.13 4.02
C GLU C 66 -4.85 35.08 5.29
N SER C 67 -5.02 34.05 6.11
CA SER C 67 -4.16 33.86 7.28
C SER C 67 -2.78 33.33 6.92
N GLY C 68 -2.57 32.91 5.67
CA GLY C 68 -1.37 32.21 5.29
C GLY C 68 -1.42 30.71 5.48
N ARG C 69 -2.56 30.17 5.91
CA ARG C 69 -2.73 28.73 5.99
C ARG C 69 -3.07 28.14 4.63
N GLN C 70 -2.60 26.90 4.40
CA GLN C 70 -3.03 26.15 3.24
C GLN C 70 -4.45 25.63 3.39
N GLU C 71 -4.88 25.34 4.61
CA GLU C 71 -6.21 24.84 4.89
C GLU C 71 -6.83 25.58 6.07
N GLU C 72 -8.16 25.76 6.02
CA GLU C 72 -8.88 26.39 7.12
C GLU C 72 -10.27 25.79 7.21
N GLN C 73 -10.89 25.94 8.38
CA GLN C 73 -12.33 25.75 8.55
C GLN C 73 -13.09 27.05 8.33
N THR C 74 -14.04 27.03 7.41
CA THR C 74 -15.13 27.99 7.37
C THR C 74 -16.30 27.46 8.20
N THR C 75 -17.22 28.36 8.56
CA THR C 75 -18.39 27.99 9.34
C THR C 75 -19.63 28.57 8.67
N CYS C 76 -20.69 27.77 8.60
CA CYS C 76 -21.98 28.29 8.15
C CYS C 76 -22.59 29.19 9.22
N THR C 77 -23.02 30.38 8.81
CA THR C 77 -23.61 31.37 9.70
C THR C 77 -24.81 31.99 9.01
N THR C 78 -25.57 32.78 9.76
CA THR C 78 -26.59 33.65 9.17
C THR C 78 -26.02 34.56 8.10
N GLU C 79 -24.70 34.76 8.08
CA GLU C 79 -24.02 35.57 7.06
C GLU C 79 -23.51 34.73 5.89
N GLY C 80 -23.86 33.46 5.85
CA GLY C 80 -23.27 32.51 4.93
C GLY C 80 -21.98 31.88 5.46
N TRP C 81 -21.16 31.42 4.54
CA TRP C 81 -19.85 30.87 4.91
C TRP C 81 -18.94 31.99 5.41
N SER C 82 -18.43 31.85 6.64
CA SER C 82 -17.54 32.84 7.22
C SER C 82 -16.37 32.15 7.91
N PRO C 83 -15.12 32.58 7.68
CA PRO C 83 -14.63 33.48 6.62
C PRO C 83 -14.87 32.88 5.22
N GLU C 84 -14.93 33.70 4.18
CA GLU C 84 -15.22 33.19 2.85
C GLU C 84 -14.09 32.28 2.36
N PRO C 85 -14.42 31.21 1.64
CA PRO C 85 -13.38 30.29 1.12
C PRO C 85 -12.60 30.87 -0.04
N ARG C 86 -11.91 31.98 0.15
CA ARG C 86 -11.17 32.65 -0.91
C ARG C 86 -9.67 32.42 -0.71
N CYS C 87 -9.00 31.96 -1.75
CA CYS C 87 -7.55 31.76 -1.74
C CYS C 87 -6.87 32.80 -2.64
N PHE C 88 -5.97 33.60 -2.06
CA PHE C 88 -5.26 34.63 -2.78
C PHE C 88 -3.98 34.10 -3.40
N LYS C 89 -3.59 34.66 -4.55
CA LYS C 89 -2.39 34.19 -5.23
C LYS C 89 -1.13 34.72 -4.56
N LYS C 90 -0.11 33.87 -4.50
CA LYS C 90 1.20 34.27 -4.00
C LYS C 90 1.89 35.28 -4.91
N CYS C 91 2.56 36.26 -4.29
CA CYS C 91 3.40 37.19 -5.02
C CYS C 91 4.67 36.48 -5.50
N THR C 92 5.09 36.76 -6.73
CA THR C 92 6.33 36.21 -7.26
C THR C 92 7.52 37.10 -6.94
N LYS C 93 8.70 36.46 -6.89
CA LYS C 93 9.97 37.15 -6.77
C LYS C 93 10.12 38.25 -7.83
N PRO C 94 10.43 39.47 -7.43
CA PRO C 94 10.46 40.59 -8.40
C PRO C 94 11.69 40.54 -9.29
N ASP C 95 11.53 41.13 -10.48
CA ASP C 95 12.55 41.17 -11.53
C ASP C 95 13.45 42.39 -11.39
N LEU C 96 13.76 42.80 -10.16
CA LEU C 96 14.48 44.04 -9.92
C LEU C 96 15.96 43.92 -10.34
N SER C 97 16.56 45.09 -10.57
CA SER C 97 17.94 45.23 -11.01
C SER C 97 18.58 46.39 -10.26
N ASN C 98 19.91 46.48 -10.38
CA ASN C 98 20.75 47.39 -9.60
C ASN C 98 20.67 47.11 -8.09
N GLY C 99 20.48 45.86 -7.72
CA GLY C 99 20.23 45.53 -6.33
C GLY C 99 20.11 44.04 -6.15
N TYR C 100 19.64 43.63 -4.97
CA TYR C 100 19.62 42.23 -4.60
C TYR C 100 18.42 41.96 -3.70
N ILE C 101 18.00 40.70 -3.67
CA ILE C 101 16.96 40.25 -2.75
C ILE C 101 17.60 39.30 -1.76
N SER C 102 17.41 39.58 -0.46
CA SER C 102 18.02 38.75 0.56
C SER C 102 17.35 37.39 0.63
N ASP C 103 16.01 37.36 0.57
CA ASP C 103 15.27 36.12 0.59
C ASP C 103 15.54 35.29 -0.68
N VAL C 104 15.73 33.99 -0.48
CA VAL C 104 16.08 33.10 -1.59
C VAL C 104 14.85 32.61 -2.34
N LYS C 105 13.67 32.67 -1.73
CA LYS C 105 12.50 32.00 -2.27
C LYS C 105 11.90 32.77 -3.44
N LEU C 106 11.23 32.05 -4.32
CA LEU C 106 10.61 32.58 -5.53
C LEU C 106 9.21 33.13 -5.29
N LEU C 107 8.44 32.52 -4.40
CA LEU C 107 7.05 32.89 -4.17
C LEU C 107 6.87 33.25 -2.70
N TYR C 108 6.07 34.28 -2.45
CA TYR C 108 5.91 34.84 -1.12
C TYR C 108 4.45 34.78 -0.69
N LYS C 109 4.22 34.24 0.50
CA LYS C 109 2.88 34.12 1.08
C LYS C 109 2.23 35.48 1.23
N ILE C 110 0.90 35.49 1.15
CA ILE C 110 0.13 36.67 1.55
C ILE C 110 0.41 37.03 3.00
N GLN C 111 0.52 38.34 3.26
CA GLN C 111 0.97 38.91 4.53
C GLN C 111 2.40 38.56 4.91
N GLU C 112 3.14 37.81 4.09
CA GLU C 112 4.55 37.63 4.35
C GLU C 112 5.36 38.76 3.72
N ASN C 113 6.52 39.04 4.31
CA ASN C 113 7.34 40.17 3.92
C ASN C 113 8.76 39.71 3.57
N MET C 114 9.46 40.53 2.78
CA MET C 114 10.70 40.12 2.15
C MET C 114 11.62 41.33 2.12
N ARG C 115 12.92 41.08 2.26
CA ARG C 115 13.92 42.13 2.34
C ARG C 115 14.75 42.15 1.07
N TYR C 116 14.95 43.35 0.53
CA TYR C 116 15.86 43.59 -0.58
C TYR C 116 16.71 44.82 -0.29
N GLY C 117 17.86 44.89 -0.97
CA GLY C 117 18.82 45.93 -0.68
C GLY C 117 19.57 46.41 -1.90
N CYS C 118 20.12 47.61 -1.77
CA CYS C 118 20.76 48.33 -2.86
C CYS C 118 22.26 48.09 -2.89
N ALA C 119 22.82 48.14 -4.10
CA ALA C 119 24.22 48.46 -4.28
C ALA C 119 24.50 49.89 -3.81
N SER C 120 25.76 50.15 -3.48
CA SER C 120 26.19 51.48 -3.10
C SER C 120 25.98 52.46 -4.26
N GLY C 121 25.47 53.64 -3.92
CA GLY C 121 25.05 54.61 -4.91
C GLY C 121 23.61 54.50 -5.36
N TYR C 122 22.86 53.56 -4.77
CA TYR C 122 21.44 53.37 -5.07
C TYR C 122 20.64 53.36 -3.77
N LYS C 123 19.36 53.72 -3.88
CA LYS C 123 18.46 53.76 -2.74
C LYS C 123 17.13 53.10 -3.12
N THR C 124 16.47 52.51 -2.12
CA THR C 124 15.29 51.71 -2.35
C THR C 124 14.13 52.59 -2.81
N THR C 125 13.01 51.94 -3.16
CA THR C 125 11.78 52.67 -3.43
C THR C 125 11.38 53.53 -2.23
N GLY C 126 11.58 53.01 -1.02
CA GLY C 126 11.45 53.81 0.18
C GLY C 126 12.60 54.74 0.48
N GLY C 127 13.60 54.81 -0.41
CA GLY C 127 14.73 55.70 -0.21
C GLY C 127 15.77 55.22 0.76
N LYS C 128 15.72 53.94 1.16
CA LYS C 128 16.54 53.41 2.23
C LYS C 128 17.79 52.75 1.66
N ASP C 129 18.63 52.23 2.57
CA ASP C 129 19.69 51.31 2.16
C ASP C 129 19.14 49.91 1.90
N GLU C 130 18.27 49.42 2.78
CA GLU C 130 17.52 48.20 2.54
C GLU C 130 16.06 48.43 2.88
N GLU C 131 15.17 47.71 2.19
CA GLU C 131 13.74 47.84 2.38
C GLU C 131 13.09 46.47 2.46
N VAL C 132 12.16 46.33 3.41
CA VAL C 132 11.29 45.16 3.48
C VAL C 132 9.90 45.56 2.97
N VAL C 133 9.38 44.79 2.03
CA VAL C 133 8.05 45.02 1.47
C VAL C 133 7.21 43.79 1.76
N GLN C 134 5.92 44.01 1.97
CA GLN C 134 4.96 42.94 2.22
C GLN C 134 4.08 42.69 1.00
N CYS C 135 3.88 41.41 0.69
CA CYS C 135 2.81 40.94 -0.19
C CYS C 135 1.45 41.09 0.45
N LEU C 136 0.78 42.19 0.16
CA LEU C 136 -0.53 42.48 0.70
C LEU C 136 -1.58 41.51 0.14
N SER C 137 -2.82 41.71 0.58
CA SER C 137 -3.92 40.80 0.25
C SER C 137 -4.05 40.53 -1.25
N ASP C 138 -3.60 41.47 -2.08
CA ASP C 138 -3.16 41.12 -3.44
C ASP C 138 -2.10 42.11 -3.91
N GLY C 139 -0.92 41.59 -4.19
CA GLY C 139 0.19 42.37 -4.69
C GLY C 139 1.06 42.97 -3.60
N TRP C 140 2.26 43.35 -4.01
CA TRP C 140 3.24 43.95 -3.10
C TRP C 140 2.76 45.30 -2.58
N SER C 141 3.16 45.62 -1.34
CA SER C 141 2.79 46.91 -0.77
C SER C 141 3.47 48.06 -1.51
N SER C 142 4.63 47.79 -2.11
CA SER C 142 5.26 48.68 -3.08
C SER C 142 6.02 47.82 -4.07
N GLN C 143 6.21 48.34 -5.28
CA GLN C 143 7.08 47.69 -6.24
C GLN C 143 8.54 47.78 -5.83
N PRO C 144 9.23 46.67 -5.62
CA PRO C 144 10.65 46.71 -5.27
C PRO C 144 11.49 47.26 -6.43
N THR C 145 12.28 48.28 -6.15
CA THR C 145 13.20 48.86 -7.12
C THR C 145 14.25 49.65 -6.34
N CYS C 146 15.49 49.60 -6.83
CA CYS C 146 16.58 50.40 -6.30
C CYS C 146 16.88 51.53 -7.27
N ARG C 147 16.43 52.73 -6.92
CA ARG C 147 16.57 53.90 -7.76
C ARG C 147 17.91 54.57 -7.47
N LYS C 148 18.09 55.79 -7.98
CA LYS C 148 19.37 56.48 -7.82
C LYS C 148 19.20 57.76 -7.00
N PRO D 24 -4.05 28.97 -29.96
CA PRO D 24 -4.05 27.63 -29.36
C PRO D 24 -5.20 27.42 -28.38
N CYS D 25 -5.45 26.18 -28.01
CA CYS D 25 -6.60 25.83 -27.19
C CYS D 25 -6.36 26.25 -25.74
N GLY D 26 -7.35 26.91 -25.14
CA GLY D 26 -7.29 27.32 -23.76
C GLY D 26 -7.63 26.20 -22.79
N PHE D 27 -7.55 26.56 -21.51
CA PHE D 27 -7.91 25.64 -20.43
C PHE D 27 -9.39 25.29 -20.49
N PRO D 28 -9.75 24.02 -20.68
CA PRO D 28 -11.16 23.67 -20.84
C PRO D 28 -11.93 23.83 -19.54
N HIS D 29 -13.17 24.31 -19.65
CA HIS D 29 -14.06 24.42 -18.50
C HIS D 29 -15.03 23.24 -18.48
N VAL D 30 -14.56 22.12 -17.92
CA VAL D 30 -15.36 20.90 -17.92
C VAL D 30 -16.39 21.01 -16.81
N GLU D 31 -17.58 21.48 -17.15
CA GLU D 31 -18.68 21.53 -16.20
C GLU D 31 -19.17 20.13 -15.83
N ASN D 32 -19.39 19.91 -14.54
CA ASN D 32 -19.73 18.60 -13.97
C ASN D 32 -18.67 17.53 -14.24
N GLY D 33 -17.44 17.93 -14.56
CA GLY D 33 -16.41 16.96 -14.91
C GLY D 33 -15.02 17.47 -14.60
N ARG D 34 -13.98 16.76 -15.03
CA ARG D 34 -12.63 17.13 -14.65
C ARG D 34 -11.67 16.73 -15.77
N ILE D 35 -10.59 17.50 -15.91
CA ILE D 35 -9.35 17.03 -16.53
C ILE D 35 -8.38 16.57 -15.45
N ALA D 36 -7.22 16.05 -15.88
CA ALA D 36 -6.20 15.57 -14.94
C ALA D 36 -5.81 16.64 -13.92
N GLN D 37 -5.72 16.23 -12.66
CA GLN D 37 -5.74 17.17 -11.54
C GLN D 37 -4.56 18.15 -11.55
N TYR D 38 -3.38 17.71 -12.02
CA TYR D 38 -2.24 18.62 -12.06
C TYR D 38 -2.47 19.79 -12.99
N TYR D 39 -3.29 19.64 -14.02
CA TYR D 39 -3.54 20.76 -14.91
C TYR D 39 -4.24 21.91 -14.19
N TYR D 40 -4.96 21.61 -13.11
CA TYR D 40 -5.53 22.69 -12.29
C TYR D 40 -4.46 23.49 -11.57
N THR D 41 -3.36 22.86 -11.15
CA THR D 41 -2.28 23.59 -10.48
C THR D 41 -1.33 24.21 -11.50
N PHE D 42 -0.88 23.42 -12.47
CA PHE D 42 0.14 23.82 -13.44
C PHE D 42 -0.45 24.48 -14.68
N LYS D 43 -1.65 25.07 -14.55
CA LYS D 43 -2.38 25.66 -15.66
C LYS D 43 -1.48 26.54 -16.55
N SER D 44 -0.83 27.54 -15.95
CA SER D 44 -0.05 28.49 -16.73
C SER D 44 1.14 27.85 -17.46
N PHE D 45 1.57 26.67 -17.03
CA PHE D 45 2.62 25.94 -17.76
C PHE D 45 2.06 25.17 -18.95
N TYR D 46 0.96 24.45 -18.76
CA TYR D 46 0.45 23.56 -19.80
C TYR D 46 -0.40 24.27 -20.85
N PHE D 47 -1.04 25.38 -20.50
CA PHE D 47 -1.98 26.02 -21.41
C PHE D 47 -1.51 27.43 -21.75
N PRO D 48 -1.82 27.93 -22.96
CA PRO D 48 -2.55 27.31 -24.07
C PRO D 48 -1.81 26.19 -24.80
N MET D 49 -2.54 25.23 -25.37
CA MET D 49 -2.00 23.97 -25.83
C MET D 49 -1.95 23.90 -27.34
N SER D 50 -0.86 23.35 -27.87
CA SER D 50 -0.64 23.31 -29.30
C SER D 50 -1.62 22.34 -29.96
N ILE D 51 -1.85 22.55 -31.25
CA ILE D 51 -2.78 21.71 -32.00
C ILE D 51 -2.32 20.24 -31.97
N ASP D 52 -3.30 19.33 -32.00
CA ASP D 52 -3.18 17.87 -31.91
C ASP D 52 -2.74 17.29 -30.57
N LYS D 53 -2.53 18.10 -29.53
CA LYS D 53 -2.54 17.50 -28.19
C LYS D 53 -3.92 16.93 -27.86
N LYS D 54 -3.92 15.74 -27.29
CA LYS D 54 -5.13 15.08 -26.81
C LYS D 54 -5.19 15.13 -25.30
N LEU D 55 -6.35 15.47 -24.77
CA LEU D 55 -6.58 15.70 -23.34
C LEU D 55 -7.77 14.87 -22.89
N SER D 56 -7.52 13.90 -22.02
CA SER D 56 -8.59 13.10 -21.44
C SER D 56 -9.36 13.90 -20.40
N PHE D 57 -10.68 13.68 -20.36
CA PHE D 57 -11.54 14.24 -19.34
C PHE D 57 -12.55 13.18 -18.92
N PHE D 58 -13.16 13.38 -17.75
CA PHE D 58 -14.16 12.43 -17.27
C PHE D 58 -15.25 13.18 -16.51
N CYS D 59 -16.45 12.62 -16.53
CA CYS D 59 -17.57 13.19 -15.80
C CYS D 59 -17.65 12.62 -14.39
N LEU D 60 -18.17 13.43 -13.47
CA LEU D 60 -18.50 12.96 -12.14
C LEU D 60 -19.61 11.91 -12.21
N ALA D 61 -19.76 11.17 -11.11
CA ALA D 61 -20.91 10.30 -10.94
C ALA D 61 -22.20 11.10 -11.08
N GLY D 62 -23.22 10.46 -11.65
CA GLY D 62 -24.44 11.15 -12.01
C GLY D 62 -24.40 11.89 -13.33
N TYR D 63 -23.25 11.91 -14.00
CA TYR D 63 -23.10 12.59 -15.29
C TYR D 63 -22.39 11.67 -16.26
N THR D 64 -22.55 11.96 -17.54
CA THR D 64 -21.95 11.13 -18.58
C THR D 64 -21.64 11.98 -19.81
N THR D 65 -20.67 11.53 -20.59
CA THR D 65 -20.32 12.28 -21.79
C THR D 65 -21.40 12.11 -22.86
N GLU D 66 -21.26 12.89 -23.95
CA GLU D 66 -22.19 12.78 -25.06
C GLU D 66 -22.33 11.36 -25.58
N SER D 67 -21.26 10.57 -25.53
CA SER D 67 -21.27 9.20 -26.03
C SER D 67 -21.79 8.22 -24.99
N GLY D 68 -22.10 8.67 -23.79
CA GLY D 68 -22.45 7.80 -22.70
C GLY D 68 -21.27 7.12 -22.03
N ARG D 69 -20.05 7.53 -22.37
CA ARG D 69 -18.86 7.08 -21.67
C ARG D 69 -18.70 7.84 -20.36
N GLN D 70 -17.89 7.30 -19.45
CA GLN D 70 -17.40 8.07 -18.32
C GLN D 70 -16.15 8.88 -18.61
N GLU D 71 -15.24 8.36 -19.44
CA GLU D 71 -13.99 9.03 -19.76
C GLU D 71 -13.80 9.10 -21.27
N GLU D 72 -13.35 10.26 -21.76
CA GLU D 72 -13.21 10.46 -23.20
C GLU D 72 -12.09 11.46 -23.46
N GLN D 73 -11.57 11.44 -24.67
CA GLN D 73 -10.49 12.33 -25.08
C GLN D 73 -11.03 13.45 -25.96
N THR D 74 -10.58 14.68 -25.68
CA THR D 74 -10.69 15.79 -26.60
C THR D 74 -9.38 16.03 -27.33
N THR D 75 -9.47 16.67 -28.50
CA THR D 75 -8.29 17.02 -29.29
C THR D 75 -8.31 18.52 -29.54
N CYS D 76 -7.14 19.14 -29.46
CA CYS D 76 -7.00 20.56 -29.76
C CYS D 76 -7.01 20.77 -31.28
N THR D 77 -7.77 21.77 -31.72
CA THR D 77 -7.90 22.11 -33.13
C THR D 77 -7.82 23.62 -33.26
N THR D 78 -7.66 24.10 -34.49
CA THR D 78 -7.66 25.54 -34.73
C THR D 78 -8.95 26.20 -34.27
N GLU D 79 -10.03 25.42 -34.10
CA GLU D 79 -11.31 25.93 -33.62
C GLU D 79 -11.47 25.75 -32.12
N GLY D 80 -10.43 25.32 -31.42
CA GLY D 80 -10.52 24.95 -30.02
C GLY D 80 -10.65 23.45 -29.78
N TRP D 81 -11.16 23.13 -28.60
CA TRP D 81 -11.34 21.74 -28.20
C TRP D 81 -12.42 21.08 -29.04
N SER D 82 -12.21 19.82 -29.41
CA SER D 82 -13.23 19.07 -30.14
C SER D 82 -12.99 17.58 -29.96
N PRO D 83 -14.01 16.78 -29.60
CA PRO D 83 -15.39 17.10 -29.23
C PRO D 83 -15.51 17.98 -27.99
N GLU D 84 -16.65 18.63 -27.77
CA GLU D 84 -16.75 19.64 -26.73
C GLU D 84 -16.84 18.98 -25.35
N PRO D 85 -15.98 19.37 -24.40
CA PRO D 85 -16.04 18.79 -23.05
C PRO D 85 -17.28 19.23 -22.27
N ARG D 86 -18.41 18.58 -22.54
CA ARG D 86 -19.61 18.74 -21.74
C ARG D 86 -20.03 17.41 -21.13
N CYS D 87 -20.54 17.47 -19.91
CA CYS D 87 -21.06 16.32 -19.17
C CYS D 87 -22.54 16.54 -18.88
N PHE D 88 -23.37 15.58 -19.31
CA PHE D 88 -24.82 15.70 -19.22
C PHE D 88 -25.32 14.86 -18.05
N LYS D 89 -26.21 15.45 -17.26
CA LYS D 89 -26.75 14.78 -16.08
C LYS D 89 -27.64 13.61 -16.47
N LYS D 90 -27.48 12.51 -15.75
CA LYS D 90 -28.34 11.34 -15.94
C LYS D 90 -29.76 11.65 -15.49
N CYS D 91 -30.74 11.21 -16.29
CA CYS D 91 -32.14 11.39 -15.94
C CYS D 91 -32.56 10.43 -14.83
N THR D 92 -33.28 10.95 -13.85
CA THR D 92 -33.72 10.12 -12.73
C THR D 92 -34.98 9.34 -13.10
N LYS D 93 -35.11 8.15 -12.51
CA LYS D 93 -36.38 7.43 -12.54
C LYS D 93 -37.53 8.32 -12.04
N PRO D 94 -38.65 8.37 -12.77
CA PRO D 94 -39.76 9.24 -12.38
C PRO D 94 -40.50 8.69 -11.16
N ASP D 95 -41.07 9.62 -10.39
CA ASP D 95 -42.07 9.27 -9.37
C ASP D 95 -43.43 9.11 -10.06
N LEU D 96 -43.52 8.07 -10.89
CA LEU D 96 -44.61 7.93 -11.85
C LEU D 96 -45.94 7.76 -11.13
N SER D 97 -46.85 8.69 -11.37
CA SER D 97 -48.22 8.62 -10.87
C SER D 97 -49.05 7.61 -11.64
N ASN D 98 -49.74 6.74 -10.89
CA ASN D 98 -50.70 5.77 -11.43
C ASN D 98 -50.09 4.86 -12.50
N GLY D 99 -48.84 4.47 -12.31
CA GLY D 99 -48.18 3.73 -13.37
C GLY D 99 -47.05 2.87 -12.83
N TYR D 100 -46.36 2.22 -13.77
CA TYR D 100 -45.27 1.32 -13.46
C TYR D 100 -44.13 1.53 -14.45
N ILE D 101 -42.95 1.00 -14.08
CA ILE D 101 -41.77 1.00 -14.93
C ILE D 101 -41.22 -0.41 -14.98
N SER D 102 -40.53 -0.73 -16.08
CA SER D 102 -39.98 -2.07 -16.25
C SER D 102 -38.71 -2.31 -15.41
N ASP D 103 -38.06 -1.24 -14.95
CA ASP D 103 -36.64 -1.30 -14.60
C ASP D 103 -36.42 -1.04 -13.12
N VAL D 104 -35.34 -1.65 -12.59
CA VAL D 104 -34.84 -1.35 -11.25
C VAL D 104 -33.99 -0.08 -11.22
N LYS D 105 -33.74 0.53 -12.37
CA LYS D 105 -32.75 1.59 -12.49
C LYS D 105 -33.26 2.91 -11.94
N LEU D 106 -32.38 3.62 -11.23
CA LEU D 106 -32.61 4.98 -10.76
C LEU D 106 -32.17 6.03 -11.76
N LEU D 107 -31.08 5.79 -12.50
CA LEU D 107 -30.49 6.80 -13.36
C LEU D 107 -30.31 6.20 -14.75
N TYR D 108 -30.51 7.03 -15.77
CA TYR D 108 -30.43 6.61 -17.17
C TYR D 108 -29.44 7.46 -17.93
N LYS D 109 -28.72 6.82 -18.84
CA LYS D 109 -27.79 7.51 -19.72
C LYS D 109 -28.50 8.57 -20.56
N ILE D 110 -27.74 9.61 -20.92
CA ILE D 110 -28.21 10.58 -21.92
C ILE D 110 -28.51 9.87 -23.23
N GLN D 111 -29.67 10.17 -23.81
CA GLN D 111 -30.16 9.54 -25.03
C GLN D 111 -30.32 8.02 -24.89
N GLU D 112 -30.41 7.52 -23.67
CA GLU D 112 -31.06 6.24 -23.44
C GLU D 112 -32.57 6.46 -23.34
N ASN D 113 -33.33 5.36 -23.39
CA ASN D 113 -34.78 5.46 -23.30
C ASN D 113 -35.34 4.45 -22.32
N MET D 114 -36.55 4.75 -21.87
CA MET D 114 -37.20 4.08 -20.76
C MET D 114 -38.66 3.79 -21.09
N ARG D 115 -39.14 2.62 -20.68
CA ARG D 115 -40.50 2.21 -20.98
C ARG D 115 -41.30 2.29 -19.69
N TYR D 116 -42.49 2.89 -19.77
CA TYR D 116 -43.39 2.99 -18.64
C TYR D 116 -44.80 2.64 -19.09
N GLY D 117 -45.67 2.35 -18.13
CA GLY D 117 -47.02 1.95 -18.48
C GLY D 117 -48.04 2.23 -17.39
N CYS D 118 -49.27 1.88 -17.69
CA CYS D 118 -50.45 2.35 -16.97
C CYS D 118 -50.97 1.35 -15.95
N ALA D 119 -51.49 1.88 -14.86
CA ALA D 119 -52.47 1.16 -14.05
C ALA D 119 -53.73 0.90 -14.87
N SER D 120 -54.50 -0.09 -14.44
CA SER D 120 -55.72 -0.48 -15.14
C SER D 120 -56.74 0.65 -15.15
N GLY D 121 -57.19 1.03 -16.34
CA GLY D 121 -58.06 2.19 -16.52
C GLY D 121 -57.37 3.50 -16.78
N TYR D 122 -56.05 3.51 -16.97
CA TYR D 122 -55.29 4.72 -17.19
C TYR D 122 -54.58 4.67 -18.54
N LYS D 123 -54.22 5.85 -19.04
CA LYS D 123 -53.57 6.02 -20.34
C LYS D 123 -52.46 7.03 -20.19
N THR D 124 -51.35 6.80 -20.90
CA THR D 124 -50.15 7.61 -20.71
C THR D 124 -50.36 9.02 -21.23
N THR D 125 -49.34 9.86 -21.04
CA THR D 125 -49.31 11.18 -21.66
C THR D 125 -49.57 11.10 -23.15
N GLY D 126 -49.02 10.08 -23.81
CA GLY D 126 -49.34 9.83 -25.20
C GLY D 126 -50.60 9.06 -25.45
N GLY D 127 -51.37 8.73 -24.42
CA GLY D 127 -52.65 8.09 -24.59
C GLY D 127 -52.62 6.59 -24.79
N LYS D 128 -51.44 5.98 -24.89
CA LYS D 128 -51.37 4.54 -25.02
C LYS D 128 -51.45 3.86 -23.65
N ASP D 129 -51.40 2.53 -23.67
CA ASP D 129 -51.16 1.76 -22.44
C ASP D 129 -49.71 1.80 -21.99
N GLU D 130 -48.78 1.98 -22.93
CA GLU D 130 -47.36 2.06 -22.60
C GLU D 130 -46.70 3.12 -23.48
N GLU D 131 -45.63 3.71 -22.95
CA GLU D 131 -44.94 4.80 -23.63
C GLU D 131 -43.45 4.70 -23.35
N VAL D 132 -42.65 5.09 -24.35
CA VAL D 132 -41.21 5.15 -24.22
C VAL D 132 -40.79 6.61 -24.24
N VAL D 133 -39.88 6.96 -23.32
CA VAL D 133 -39.40 8.34 -23.17
C VAL D 133 -37.88 8.33 -23.24
N GLN D 134 -37.32 9.33 -23.92
CA GLN D 134 -35.88 9.45 -24.07
C GLN D 134 -35.32 10.46 -23.07
N CYS D 135 -34.19 10.10 -22.47
CA CYS D 135 -33.44 11.03 -21.63
C CYS D 135 -32.73 12.05 -22.52
N LEU D 136 -33.06 13.32 -22.36
CA LEU D 136 -32.47 14.41 -23.13
C LEU D 136 -31.78 15.40 -22.20
N SER D 137 -31.11 16.38 -22.82
CA SER D 137 -30.27 17.33 -22.12
C SER D 137 -31.02 18.03 -20.99
N ASP D 138 -32.33 18.22 -21.14
CA ASP D 138 -33.13 18.99 -20.20
C ASP D 138 -34.05 18.10 -19.36
N GLY D 139 -33.97 16.78 -19.53
CA GLY D 139 -34.81 15.83 -18.86
C GLY D 139 -35.39 14.84 -19.85
N TRP D 140 -36.47 14.17 -19.43
CA TRP D 140 -37.13 13.20 -20.27
C TRP D 140 -37.80 13.87 -21.47
N SER D 141 -37.74 13.20 -22.62
CA SER D 141 -38.30 13.75 -23.85
C SER D 141 -39.79 14.06 -23.69
N SER D 142 -40.48 13.29 -22.87
CA SER D 142 -41.81 13.64 -22.39
C SER D 142 -41.92 13.24 -20.92
N GLN D 143 -42.68 14.02 -20.17
CA GLN D 143 -42.86 13.75 -18.74
C GLN D 143 -43.63 12.46 -18.55
N PRO D 144 -43.10 11.48 -17.82
CA PRO D 144 -43.87 10.28 -17.49
C PRO D 144 -45.07 10.61 -16.62
N THR D 145 -46.25 10.18 -17.09
CA THR D 145 -47.54 10.44 -16.46
C THR D 145 -48.56 9.55 -17.17
N CYS D 146 -49.49 8.99 -16.40
CA CYS D 146 -50.66 8.33 -16.96
C CYS D 146 -51.93 9.08 -16.60
N ARG D 147 -52.66 9.52 -17.62
CA ARG D 147 -53.98 10.12 -17.43
C ARG D 147 -55.01 9.03 -17.16
N LYS D 148 -56.00 9.37 -16.35
CA LYS D 148 -57.12 8.46 -16.09
C LYS D 148 -57.93 8.22 -17.37
#